data_1RYE
#
_entry.id   1RYE
#
_cell.length_a   49.868
_cell.length_b   152.980
_cell.length_c   101.992
_cell.angle_alpha   90.00
_cell.angle_beta   103.66
_cell.angle_gamma   90.00
#
_symmetry.space_group_name_H-M   'P 1 21 1'
#
loop_
_entity.id
_entity.type
_entity.pdbx_description
1 polymer 'glucose-fructose oxidoreductase'
2 non-polymer 'NADPH DIHYDRO-NICOTINAMIDE-ADENINE-DINUCLEOTIDE PHOSPHATE'
3 non-polymer BETA-MERCAPTOETHANOL
4 non-polymer GLYCEROL
5 water water
#
_entity_poly.entity_id   1
_entity_poly.type   'polypeptide(L)'
_entity_poly.pdbx_seq_one_letter_code
;HHHHHHATLPAGASQVPTTPAGRPMPYAIRPMPEDRRFGYAIVGLGKYALNQILPGFAGCQHSRIEALVSGNAEKAKIVA
AEYGVDPRKIYDYSNFDKIAKDPKIDAVYIILPNSLHAEFAIRAFKAGKHVMCEKPMATSVADCQRMIDAAKAANKKLMI
GYRCHYDPMNRAAVKLIRENQLGKLGMVTTDNSDVMDQNDPAQQWRLRRELAGGGSLMDIGIYGLNGTRYLLGEEPIEVR
AYTYSDPNDERFVEVEDRIIWQMRFRSGALSHGASSYSTTTTSRFSVQGDKAVLLMDPATGYYQNLISVQTPGHANQSMM
PQFIMPANNQFSAQLDHLAEAVINNKPVRSPGEEGMQDVRLIQAIYEAARTGRPVNTDWGYVRQGGY
;
_entity_poly.pdbx_strand_id   A,B,C,D
#
loop_
_chem_comp.id
_chem_comp.type
_chem_comp.name
_chem_comp.formula
BME non-polymer BETA-MERCAPTOETHANOL 'C2 H6 O S'
GOL non-polymer GLYCEROL 'C3 H8 O3'
NDP non-polymer 'NADPH DIHYDRO-NICOTINAMIDE-ADENINE-DINUCLEOTIDE PHOSPHATE' 'C21 H30 N7 O17 P3'
#
# COMPACT_ATOMS: atom_id res chain seq x y z
N MET A 32 18.57 -10.90 -30.35
CA MET A 32 19.89 -11.54 -30.14
C MET A 32 20.99 -10.70 -30.81
N PRO A 33 22.12 -10.47 -30.10
CA PRO A 33 23.31 -9.72 -30.49
C PRO A 33 23.82 -9.74 -31.93
N GLU A 34 24.60 -10.76 -32.30
CA GLU A 34 25.17 -10.86 -33.65
C GLU A 34 24.17 -10.63 -34.80
N ASP A 35 24.37 -9.51 -35.51
CA ASP A 35 23.52 -9.13 -36.64
C ASP A 35 24.12 -9.50 -38.00
N ARG A 36 23.39 -9.25 -39.09
CA ARG A 36 23.91 -9.59 -40.42
C ARG A 36 23.18 -9.02 -41.66
N ARG A 37 22.28 -9.82 -42.22
CA ARG A 37 21.54 -9.49 -43.45
C ARG A 37 21.08 -8.07 -43.78
N PHE A 38 19.84 -7.72 -43.41
CA PHE A 38 19.26 -6.40 -43.68
C PHE A 38 20.24 -5.22 -43.52
N GLY A 39 20.39 -4.42 -44.57
CA GLY A 39 21.29 -3.28 -44.52
C GLY A 39 20.58 -1.93 -44.42
N TYR A 40 20.92 -1.17 -43.37
CA TYR A 40 20.31 0.12 -43.12
C TYR A 40 21.15 1.34 -43.47
N ALA A 41 20.47 2.37 -43.96
CA ALA A 41 21.07 3.66 -44.30
C ALA A 41 20.42 4.64 -43.33
N ILE A 42 21.18 5.11 -42.32
CA ILE A 42 20.66 6.05 -41.34
C ILE A 42 20.68 7.48 -41.90
N VAL A 43 19.57 8.18 -41.82
CA VAL A 43 19.51 9.53 -42.37
C VAL A 43 19.30 10.62 -41.32
N GLY A 44 20.35 11.40 -41.08
CA GLY A 44 20.27 12.45 -40.07
C GLY A 44 20.91 11.97 -38.79
N LEU A 45 22.12 12.41 -38.52
CA LEU A 45 22.83 12.00 -37.31
C LEU A 45 22.52 12.95 -36.17
N GLY A 46 21.31 12.82 -35.62
CA GLY A 46 20.86 13.66 -34.54
C GLY A 46 20.72 12.96 -33.20
N LYS A 47 20.01 13.62 -32.29
CA LYS A 47 19.82 13.12 -30.94
C LYS A 47 19.23 11.72 -30.86
N TYR A 48 18.14 11.46 -31.57
CA TYR A 48 17.53 10.14 -31.52
C TYR A 48 18.40 9.12 -32.26
N ALA A 49 18.88 9.48 -33.45
CA ALA A 49 19.71 8.56 -34.22
C ALA A 49 20.91 8.07 -33.40
N LEU A 50 21.67 9.02 -32.86
CA LEU A 50 22.86 8.72 -32.08
C LEU A 50 22.69 8.24 -30.64
N ASN A 51 21.64 8.68 -29.94
CA ASN A 51 21.46 8.23 -28.56
C ASN A 51 20.66 6.95 -28.42
N GLN A 52 19.69 6.74 -29.32
CA GLN A 52 18.87 5.54 -29.21
C GLN A 52 18.95 4.56 -30.36
N ILE A 53 19.00 5.05 -31.60
CA ILE A 53 18.99 4.15 -32.74
C ILE A 53 20.28 3.40 -33.06
N LEU A 54 21.37 4.13 -33.35
CA LEU A 54 22.64 3.48 -33.66
C LEU A 54 23.00 2.47 -32.58
N PRO A 55 22.91 2.86 -31.30
CA PRO A 55 23.23 1.92 -30.21
C PRO A 55 22.25 0.74 -30.24
N GLY A 56 21.08 0.97 -30.83
CA GLY A 56 20.08 -0.07 -30.92
C GLY A 56 20.42 -1.28 -31.77
N PHE A 57 21.31 -1.12 -32.74
CA PHE A 57 21.68 -2.23 -33.58
C PHE A 57 22.31 -3.36 -32.78
N ALA A 58 23.17 -2.99 -31.83
CA ALA A 58 23.86 -3.95 -30.98
C ALA A 58 23.02 -5.16 -30.61
N GLY A 59 21.76 -4.94 -30.27
CA GLY A 59 20.90 -6.06 -29.90
C GLY A 59 20.08 -6.63 -31.05
N CYS A 60 20.45 -6.28 -32.28
CA CYS A 60 19.75 -6.76 -33.47
C CYS A 60 20.27 -8.09 -33.98
N GLN A 61 19.40 -8.85 -34.64
CA GLN A 61 19.77 -10.15 -35.16
C GLN A 61 19.89 -10.16 -36.69
N HIS A 62 19.33 -9.16 -37.35
CA HIS A 62 19.38 -9.10 -38.80
C HIS A 62 19.78 -7.75 -39.38
N SER A 63 19.51 -6.69 -38.62
CA SER A 63 19.80 -5.32 -39.06
C SER A 63 21.24 -4.86 -38.82
N ARG A 64 21.75 -4.03 -39.74
CA ARG A 64 23.10 -3.50 -39.62
C ARG A 64 23.24 -2.07 -40.17
N ILE A 65 24.19 -1.32 -39.62
CA ILE A 65 24.41 0.05 -40.08
C ILE A 65 25.35 -0.07 -41.29
N GLU A 66 24.76 0.07 -42.47
CA GLU A 66 25.48 -0.05 -43.72
C GLU A 66 25.96 1.30 -44.21
N ALA A 67 25.11 2.32 -44.10
CA ALA A 67 25.46 3.66 -44.55
C ALA A 67 24.85 4.77 -43.69
N LEU A 68 25.34 5.99 -43.91
CA LEU A 68 24.88 7.17 -43.19
C LEU A 68 24.68 8.32 -44.17
N VAL A 69 23.66 9.14 -43.91
CA VAL A 69 23.40 10.28 -44.77
C VAL A 69 23.46 11.48 -43.85
N SER A 70 24.28 12.47 -44.17
CA SER A 70 24.38 13.63 -43.30
C SER A 70 24.90 14.89 -43.97
N GLY A 71 24.43 16.05 -43.51
CA GLY A 71 24.88 17.32 -44.08
C GLY A 71 26.13 17.80 -43.35
N ASN A 72 26.70 16.92 -42.55
CA ASN A 72 27.89 17.22 -41.77
C ASN A 72 28.93 16.14 -42.03
N ALA A 73 29.94 16.46 -42.84
CA ALA A 73 30.98 15.47 -43.15
C ALA A 73 31.74 15.06 -41.90
N GLU A 74 32.23 16.06 -41.16
CA GLU A 74 32.99 15.81 -39.94
C GLU A 74 32.22 14.92 -38.95
N LYS A 75 30.96 15.24 -38.70
CA LYS A 75 30.19 14.46 -37.74
C LYS A 75 30.03 13.01 -38.19
N ALA A 76 29.60 12.84 -39.43
CA ALA A 76 29.40 11.51 -40.02
C ALA A 76 30.69 10.68 -40.05
N LYS A 77 31.81 11.37 -40.25
CA LYS A 77 33.11 10.73 -40.30
C LYS A 77 33.42 10.15 -38.92
N ILE A 78 32.98 10.85 -37.88
CA ILE A 78 33.22 10.40 -36.52
C ILE A 78 32.28 9.24 -36.21
N VAL A 79 31.04 9.37 -36.63
CA VAL A 79 30.07 8.30 -36.39
C VAL A 79 30.46 7.03 -37.16
N ALA A 80 30.95 7.21 -38.38
CA ALA A 80 31.35 6.09 -39.22
C ALA A 80 32.48 5.31 -38.57
N ALA A 81 33.48 6.03 -38.05
CA ALA A 81 34.59 5.39 -37.40
C ALA A 81 34.10 4.61 -36.20
N GLU A 82 33.23 5.23 -35.39
CA GLU A 82 32.72 4.57 -34.20
C GLU A 82 31.97 3.28 -34.48
N TYR A 83 30.98 3.30 -35.38
CA TYR A 83 30.21 2.10 -35.66
C TYR A 83 30.80 1.18 -36.74
N GLY A 84 32.00 1.52 -37.21
CA GLY A 84 32.63 0.71 -38.22
C GLY A 84 31.89 0.68 -39.55
N VAL A 85 31.51 1.85 -40.03
CA VAL A 85 30.80 1.97 -41.29
C VAL A 85 31.81 2.37 -42.35
N ASP A 86 31.72 1.75 -43.52
CA ASP A 86 32.65 2.06 -44.59
C ASP A 86 32.51 3.52 -44.99
N PRO A 87 33.51 4.35 -44.69
CA PRO A 87 33.55 5.79 -45.01
C PRO A 87 33.16 6.16 -46.44
N ARG A 88 33.11 5.17 -47.32
CA ARG A 88 32.74 5.43 -48.70
C ARG A 88 31.22 5.46 -48.76
N LYS A 89 30.59 5.00 -47.68
CA LYS A 89 29.13 4.93 -47.59
C LYS A 89 28.51 6.11 -46.83
N ILE A 90 29.13 7.27 -46.91
CA ILE A 90 28.61 8.46 -46.26
C ILE A 90 28.10 9.44 -47.32
N TYR A 91 26.78 9.51 -47.49
CA TYR A 91 26.21 10.41 -48.48
C TYR A 91 25.71 11.65 -47.79
N ASP A 92 25.63 12.75 -48.52
CA ASP A 92 25.07 13.97 -47.97
C ASP A 92 23.66 14.03 -48.54
N TYR A 93 22.97 15.13 -48.29
CA TYR A 93 21.59 15.28 -48.75
C TYR A 93 21.44 15.56 -50.24
N SER A 94 22.54 15.90 -50.89
CA SER A 94 22.49 16.20 -52.32
C SER A 94 22.63 14.96 -53.20
N ASN A 95 23.56 14.08 -52.81
CA ASN A 95 23.80 12.86 -53.57
C ASN A 95 23.07 11.67 -52.92
N PHE A 96 22.19 11.96 -51.97
CA PHE A 96 21.44 10.90 -51.28
C PHE A 96 20.98 9.78 -52.21
N ASP A 97 20.38 10.19 -53.33
CA ASP A 97 19.82 9.26 -54.33
C ASP A 97 20.75 8.16 -54.85
N LYS A 98 22.05 8.42 -54.84
CA LYS A 98 23.03 7.47 -55.35
C LYS A 98 22.99 6.14 -54.61
N ILE A 99 22.24 6.08 -53.52
CA ILE A 99 22.16 4.85 -52.73
C ILE A 99 21.45 3.74 -53.48
N ALA A 100 20.73 4.10 -54.53
CA ALA A 100 20.05 3.10 -55.33
C ALA A 100 21.09 2.20 -56.01
N LYS A 101 22.30 2.73 -56.19
CA LYS A 101 23.40 1.97 -56.81
C LYS A 101 24.07 1.00 -55.86
N ASP A 102 23.62 0.96 -54.61
CA ASP A 102 24.22 0.05 -53.65
C ASP A 102 23.24 -0.99 -53.15
N PRO A 103 23.33 -2.22 -53.67
CA PRO A 103 22.42 -3.28 -53.24
C PRO A 103 22.56 -3.59 -51.76
N LYS A 104 23.72 -3.26 -51.19
CA LYS A 104 23.99 -3.52 -49.77
C LYS A 104 22.98 -2.78 -48.90
N ILE A 105 22.49 -1.64 -49.41
CA ILE A 105 21.51 -0.85 -48.70
C ILE A 105 20.10 -1.36 -49.03
N ASP A 106 19.47 -2.01 -48.06
CA ASP A 106 18.14 -2.56 -48.22
C ASP A 106 17.08 -1.55 -47.83
N ALA A 107 17.34 -0.80 -46.77
CA ALA A 107 16.39 0.18 -46.28
C ALA A 107 17.06 1.46 -45.80
N VAL A 108 16.23 2.45 -45.55
CA VAL A 108 16.69 3.73 -45.07
C VAL A 108 15.91 4.00 -43.79
N TYR A 109 16.56 4.65 -42.83
CA TYR A 109 15.86 5.00 -41.62
C TYR A 109 15.91 6.52 -41.57
N ILE A 110 14.78 7.17 -41.81
CA ILE A 110 14.76 8.63 -41.80
C ILE A 110 14.52 9.15 -40.37
N ILE A 111 15.49 9.92 -39.88
CA ILE A 111 15.42 10.49 -38.55
C ILE A 111 15.69 11.98 -38.68
N LEU A 112 14.98 12.61 -39.61
CA LEU A 112 15.09 14.04 -39.86
C LEU A 112 13.89 14.75 -39.24
N PRO A 113 13.87 16.09 -39.28
CA PRO A 113 12.72 16.78 -38.69
C PRO A 113 11.46 16.31 -39.41
N ASN A 114 10.32 16.53 -38.79
CA ASN A 114 9.06 16.11 -39.36
C ASN A 114 8.84 16.56 -40.79
N SER A 115 8.89 17.87 -41.04
CA SER A 115 8.65 18.41 -42.37
C SER A 115 9.45 17.75 -43.49
N LEU A 116 10.55 17.09 -43.15
CA LEU A 116 11.39 16.47 -44.17
C LEU A 116 11.20 14.98 -44.39
N HIS A 117 10.32 14.36 -43.62
CA HIS A 117 10.09 12.93 -43.72
C HIS A 117 9.63 12.47 -45.09
N ALA A 118 8.61 13.14 -45.62
CA ALA A 118 8.01 12.81 -46.89
C ALA A 118 8.97 12.85 -48.07
N GLU A 119 9.67 13.97 -48.23
CA GLU A 119 10.62 14.13 -49.32
C GLU A 119 11.63 13.00 -49.43
N PHE A 120 12.27 12.67 -48.31
CA PHE A 120 13.28 11.61 -48.32
C PHE A 120 12.71 10.20 -48.37
N ALA A 121 11.55 9.98 -47.78
CA ALA A 121 10.96 8.64 -47.86
C ALA A 121 10.68 8.40 -49.35
N ILE A 122 10.15 9.44 -49.99
CA ILE A 122 9.82 9.37 -51.40
C ILE A 122 11.05 9.18 -52.26
N ARG A 123 12.09 9.96 -51.98
CA ARG A 123 13.31 9.84 -52.75
C ARG A 123 13.93 8.47 -52.52
N ALA A 124 13.71 7.92 -51.32
CA ALA A 124 14.26 6.61 -50.99
C ALA A 124 13.59 5.52 -51.81
N PHE A 125 12.26 5.60 -51.92
CA PHE A 125 11.50 4.62 -52.67
C PHE A 125 11.91 4.66 -54.14
N LYS A 126 12.00 5.85 -54.72
CA LYS A 126 12.40 6.00 -56.12
C LYS A 126 13.81 5.46 -56.31
N ALA A 127 14.51 5.20 -55.21
CA ALA A 127 15.87 4.67 -55.28
C ALA A 127 15.83 3.16 -55.08
N GLY A 128 14.62 2.64 -54.89
CA GLY A 128 14.42 1.22 -54.69
C GLY A 128 14.74 0.68 -53.31
N LYS A 129 14.46 1.46 -52.28
CA LYS A 129 14.74 1.05 -50.90
C LYS A 129 13.48 1.03 -50.04
N HIS A 130 13.51 0.25 -48.97
CA HIS A 130 12.38 0.23 -48.05
C HIS A 130 12.60 1.37 -47.08
N VAL A 131 11.53 1.89 -46.52
CA VAL A 131 11.66 3.00 -45.59
C VAL A 131 11.11 2.81 -44.19
N MET A 132 11.94 3.21 -43.23
CA MET A 132 11.64 3.22 -41.82
C MET A 132 11.57 4.73 -41.63
N CYS A 133 10.43 5.24 -41.21
CA CYS A 133 10.33 6.67 -41.00
C CYS A 133 9.90 6.95 -39.57
N GLU A 134 10.53 7.92 -38.93
CA GLU A 134 10.16 8.27 -37.56
C GLU A 134 8.82 8.99 -37.54
N LYS A 135 8.25 9.06 -36.34
CA LYS A 135 6.98 9.73 -36.12
C LYS A 135 7.23 11.17 -35.66
N PRO A 136 6.31 12.10 -35.97
CA PRO A 136 5.09 11.86 -36.73
C PRO A 136 5.43 11.55 -38.19
N MET A 137 4.59 10.77 -38.86
CA MET A 137 4.82 10.39 -40.26
C MET A 137 5.17 11.57 -41.15
N ALA A 138 4.33 12.59 -41.15
CA ALA A 138 4.57 13.80 -41.96
C ALA A 138 3.89 14.98 -41.29
N THR A 139 4.09 16.19 -41.83
CA THR A 139 3.48 17.38 -41.26
C THR A 139 2.14 17.74 -41.88
N SER A 140 1.57 16.82 -42.66
CA SER A 140 0.27 17.02 -43.28
C SER A 140 -0.23 15.67 -43.72
N VAL A 141 -1.54 15.52 -43.86
CA VAL A 141 -2.13 14.25 -44.27
C VAL A 141 -1.86 13.94 -45.72
N ALA A 142 -1.77 14.99 -46.54
CA ALA A 142 -1.52 14.81 -47.96
C ALA A 142 -0.16 14.16 -48.15
N ASP A 143 0.83 14.61 -47.39
CA ASP A 143 2.16 14.06 -47.50
C ASP A 143 2.19 12.62 -47.07
N CYS A 144 1.45 12.29 -46.01
CA CYS A 144 1.43 10.91 -45.56
C CYS A 144 1.01 10.05 -46.75
N GLN A 145 -0.08 10.46 -47.40
CA GLN A 145 -0.61 9.75 -48.57
C GLN A 145 0.42 9.67 -49.69
N ARG A 146 1.08 10.78 -50.01
CA ARG A 146 2.06 10.73 -51.07
C ARG A 146 3.09 9.67 -50.74
N MET A 147 3.51 9.62 -49.48
CA MET A 147 4.50 8.63 -49.05
C MET A 147 3.99 7.22 -49.32
N ILE A 148 2.74 6.94 -48.95
CA ILE A 148 2.16 5.62 -49.16
C ILE A 148 2.09 5.28 -50.66
N ASP A 149 1.71 6.27 -51.46
CA ASP A 149 1.62 6.09 -52.89
C ASP A 149 3.00 5.79 -53.45
N ALA A 150 4.01 6.54 -53.03
CA ALA A 150 5.37 6.31 -53.52
C ALA A 150 5.86 4.91 -53.14
N ALA A 151 5.47 4.44 -51.96
CA ALA A 151 5.89 3.11 -51.53
C ALA A 151 5.30 2.03 -52.44
N LYS A 152 4.00 2.13 -52.70
CA LYS A 152 3.30 1.15 -53.53
C LYS A 152 3.89 1.14 -54.92
N ALA A 153 4.06 2.33 -55.46
CA ALA A 153 4.62 2.53 -56.79
C ALA A 153 5.92 1.76 -56.94
N ALA A 154 6.71 1.71 -55.87
CA ALA A 154 7.99 1.03 -55.90
C ALA A 154 7.94 -0.39 -55.35
N ASN A 155 6.78 -0.79 -54.85
CA ASN A 155 6.61 -2.13 -54.28
C ASN A 155 7.67 -2.31 -53.19
N LYS A 156 7.68 -1.37 -52.25
CA LYS A 156 8.60 -1.39 -51.11
C LYS A 156 7.79 -1.09 -49.85
N LYS A 157 8.21 -1.66 -48.74
CA LYS A 157 7.51 -1.45 -47.48
C LYS A 157 7.78 -0.08 -46.86
N LEU A 158 6.77 0.43 -46.15
CA LEU A 158 6.86 1.70 -45.45
C LEU A 158 6.54 1.44 -43.98
N MET A 159 7.49 1.67 -43.09
CA MET A 159 7.25 1.46 -41.67
C MET A 159 7.49 2.74 -40.87
N ILE A 160 6.55 3.07 -40.01
CA ILE A 160 6.67 4.27 -39.20
C ILE A 160 7.27 3.87 -37.84
N GLY A 161 8.29 4.59 -37.42
CA GLY A 161 8.99 4.28 -36.19
C GLY A 161 8.26 4.38 -34.86
N TYR A 162 7.24 3.55 -34.64
CA TYR A 162 6.50 3.55 -33.38
C TYR A 162 7.13 2.46 -32.47
N ARG A 163 8.18 2.83 -31.75
CA ARG A 163 8.87 1.87 -30.88
C ARG A 163 7.99 1.19 -29.85
N CYS A 164 6.96 1.88 -29.39
CA CYS A 164 6.06 1.33 -28.39
C CYS A 164 5.28 0.13 -28.88
N HIS A 165 5.30 -0.10 -30.17
CA HIS A 165 4.60 -1.23 -30.74
C HIS A 165 5.43 -2.53 -30.61
N TYR A 166 6.69 -2.37 -30.22
CA TYR A 166 7.63 -3.48 -30.05
C TYR A 166 8.21 -3.49 -28.62
N ASP A 167 7.61 -2.70 -27.73
CA ASP A 167 8.06 -2.64 -26.35
C ASP A 167 7.33 -3.70 -25.54
N PRO A 168 8.09 -4.63 -24.92
CA PRO A 168 7.55 -5.71 -24.10
C PRO A 168 6.47 -5.26 -23.14
N MET A 169 6.82 -4.28 -22.32
CA MET A 169 5.86 -3.74 -21.36
C MET A 169 4.56 -3.31 -22.03
N ASN A 170 4.66 -2.50 -23.07
CA ASN A 170 3.47 -2.04 -23.77
C ASN A 170 2.67 -3.19 -24.38
N ARG A 171 3.36 -4.21 -24.87
CA ARG A 171 2.65 -5.36 -25.46
C ARG A 171 1.95 -6.13 -24.34
N ALA A 172 2.65 -6.32 -23.23
CA ALA A 172 2.07 -7.02 -22.07
C ALA A 172 0.77 -6.33 -21.63
N ALA A 173 0.80 -5.01 -21.59
CA ALA A 173 -0.37 -4.24 -21.20
C ALA A 173 -1.52 -4.54 -22.17
N VAL A 174 -1.23 -4.52 -23.46
CA VAL A 174 -2.22 -4.80 -24.49
C VAL A 174 -2.76 -6.22 -24.33
N LYS A 175 -1.89 -7.14 -23.89
CA LYS A 175 -2.29 -8.52 -23.71
C LYS A 175 -3.36 -8.68 -22.64
N LEU A 176 -3.02 -8.30 -21.41
CA LEU A 176 -3.96 -8.43 -20.31
C LEU A 176 -5.30 -7.72 -20.53
N ILE A 177 -5.33 -6.73 -21.41
CA ILE A 177 -6.56 -6.02 -21.68
C ILE A 177 -7.38 -6.85 -22.66
N ARG A 178 -6.68 -7.58 -23.53
CA ARG A 178 -7.36 -8.45 -24.49
C ARG A 178 -7.85 -9.70 -23.76
N GLU A 179 -7.10 -10.10 -22.73
CA GLU A 179 -7.45 -11.25 -21.91
C GLU A 179 -8.47 -10.81 -20.86
N ASN A 180 -9.18 -9.73 -21.19
CA ASN A 180 -10.21 -9.14 -20.34
C ASN A 180 -9.84 -8.99 -18.87
N GLN A 181 -8.58 -8.70 -18.57
CA GLN A 181 -8.20 -8.56 -17.17
C GLN A 181 -8.69 -7.28 -16.49
N LEU A 182 -9.12 -6.29 -17.27
CA LEU A 182 -9.62 -5.04 -16.67
C LEU A 182 -11.14 -4.93 -16.74
N GLY A 183 -11.77 -5.82 -17.51
CA GLY A 183 -13.21 -5.78 -17.66
C GLY A 183 -13.54 -4.90 -18.85
N LYS A 184 -14.77 -4.41 -18.92
CA LYS A 184 -15.14 -3.53 -20.03
C LYS A 184 -14.39 -2.22 -19.80
N LEU A 185 -13.76 -1.71 -20.85
CA LEU A 185 -12.98 -0.48 -20.74
C LEU A 185 -13.87 0.77 -20.76
N GLY A 186 -13.67 1.67 -19.80
CA GLY A 186 -14.49 2.88 -19.73
C GLY A 186 -13.78 4.23 -19.66
N MET A 187 -12.55 4.28 -19.18
CA MET A 187 -11.85 5.56 -19.08
C MET A 187 -10.33 5.45 -19.19
N VAL A 188 -9.79 6.12 -20.20
CA VAL A 188 -8.35 6.14 -20.43
C VAL A 188 -7.81 7.53 -20.16
N THR A 189 -6.70 7.61 -19.44
CA THR A 189 -6.08 8.89 -19.15
C THR A 189 -4.61 8.82 -19.59
N THR A 190 -4.16 9.84 -20.32
CA THR A 190 -2.77 9.88 -20.75
C THR A 190 -2.18 11.27 -20.54
N ASP A 191 -0.86 11.32 -20.40
CA ASP A 191 -0.11 12.56 -20.24
C ASP A 191 1.30 12.30 -20.72
N ASN A 192 1.80 13.18 -21.58
CA ASN A 192 3.16 13.04 -22.08
C ASN A 192 3.72 14.45 -22.13
N SER A 193 4.81 14.66 -21.38
CA SER A 193 5.42 15.97 -21.30
C SER A 193 6.93 15.96 -21.23
N ASP A 194 7.50 17.11 -21.54
CA ASP A 194 8.96 17.35 -21.49
C ASP A 194 9.28 18.82 -21.72
N VAL A 195 10.19 19.35 -20.91
CA VAL A 195 10.58 20.75 -21.05
C VAL A 195 11.45 20.97 -22.28
N MET A 196 11.06 21.92 -23.12
CA MET A 196 11.82 22.22 -24.31
C MET A 196 12.91 23.24 -24.01
N ASP A 197 14.13 22.90 -24.43
CA ASP A 197 15.29 23.75 -24.22
C ASP A 197 15.74 24.32 -25.57
N GLN A 198 15.54 25.61 -25.79
CA GLN A 198 15.93 26.24 -27.05
C GLN A 198 17.40 26.09 -27.45
N ASN A 199 18.27 25.82 -26.48
CA ASN A 199 19.68 25.64 -26.79
C ASN A 199 19.97 24.29 -27.41
N ASP A 200 19.14 23.31 -27.11
CA ASP A 200 19.31 21.97 -27.67
C ASP A 200 18.97 22.01 -29.16
N PRO A 201 19.96 21.75 -30.02
CA PRO A 201 19.73 21.77 -31.47
C PRO A 201 18.47 20.99 -31.84
N ALA A 202 18.35 19.78 -31.30
CA ALA A 202 17.19 18.94 -31.58
C ALA A 202 15.86 19.63 -31.31
N GLN A 203 15.81 20.41 -30.22
CA GLN A 203 14.57 21.08 -29.85
C GLN A 203 14.35 22.44 -30.54
N GLN A 204 15.31 22.89 -31.31
CA GLN A 204 15.17 24.16 -32.00
C GLN A 204 14.16 24.09 -33.14
N TRP A 205 14.23 23.04 -33.96
CA TRP A 205 13.31 22.90 -35.08
C TRP A 205 11.91 22.52 -34.60
N ARG A 206 11.83 21.95 -33.39
CA ARG A 206 10.54 21.56 -32.85
C ARG A 206 9.73 22.80 -32.49
N LEU A 207 10.42 23.94 -32.41
CA LEU A 207 9.76 25.20 -32.08
C LEU A 207 9.41 26.00 -33.32
N ARG A 208 9.81 25.50 -34.48
CA ARG A 208 9.52 26.14 -35.77
C ARG A 208 8.37 25.37 -36.39
N ARG A 209 7.27 26.06 -36.64
CA ARG A 209 6.09 25.41 -37.21
C ARG A 209 6.32 24.62 -38.49
N GLU A 210 6.97 25.23 -39.48
CA GLU A 210 7.18 24.53 -40.74
C GLU A 210 7.99 23.25 -40.62
N LEU A 211 8.95 23.22 -39.71
CA LEU A 211 9.78 22.04 -39.53
C LEU A 211 9.10 20.95 -38.72
N ALA A 212 8.32 21.34 -37.73
CA ALA A 212 7.66 20.39 -36.86
C ALA A 212 6.21 20.14 -37.20
N GLY A 213 5.58 21.10 -37.88
CA GLY A 213 4.18 20.95 -38.26
C GLY A 213 3.20 21.02 -37.09
N GLY A 214 3.70 21.38 -35.92
CA GLY A 214 2.85 21.47 -34.75
C GLY A 214 3.65 21.57 -33.46
N GLY A 215 2.97 21.45 -32.32
CA GLY A 215 3.63 21.53 -31.03
C GLY A 215 3.82 20.21 -30.31
N SER A 216 3.58 20.22 -29.01
CA SER A 216 3.74 19.04 -28.20
C SER A 216 2.84 17.87 -28.62
N LEU A 217 1.74 18.17 -29.32
CA LEU A 217 0.87 17.08 -29.75
C LEU A 217 1.57 16.28 -30.84
N MET A 218 2.12 16.99 -31.82
CA MET A 218 2.84 16.36 -32.92
C MET A 218 4.04 15.57 -32.42
N ASP A 219 4.77 16.18 -31.50
CA ASP A 219 5.98 15.57 -30.94
C ASP A 219 5.79 14.41 -29.96
N ILE A 220 5.11 14.66 -28.85
CA ILE A 220 4.93 13.63 -27.84
C ILE A 220 3.50 13.29 -27.45
N GLY A 221 2.57 14.23 -27.61
CA GLY A 221 1.20 13.92 -27.27
C GLY A 221 0.74 12.75 -28.12
N ILE A 222 1.43 12.56 -29.23
CA ILE A 222 1.12 11.51 -30.16
C ILE A 222 1.23 10.13 -29.52
N TYR A 223 2.13 10.00 -28.55
CA TYR A 223 2.29 8.73 -27.84
C TYR A 223 1.01 8.43 -27.05
N GLY A 224 0.43 9.47 -26.47
CA GLY A 224 -0.78 9.28 -25.70
C GLY A 224 -1.92 8.98 -26.64
N LEU A 225 -1.97 9.70 -27.74
CA LEU A 225 -3.01 9.47 -28.72
C LEU A 225 -2.92 8.05 -29.28
N ASN A 226 -1.72 7.68 -29.72
CA ASN A 226 -1.49 6.35 -30.29
C ASN A 226 -1.66 5.22 -29.28
N GLY A 227 -1.31 5.47 -28.04
CA GLY A 227 -1.45 4.45 -27.02
C GLY A 227 -2.89 4.21 -26.65
N THR A 228 -3.64 5.30 -26.54
CA THR A 228 -5.05 5.21 -26.20
C THR A 228 -5.67 4.29 -27.22
N ARG A 229 -5.29 4.49 -28.48
CA ARG A 229 -5.81 3.71 -29.60
C ARG A 229 -5.45 2.21 -29.56
N TYR A 230 -4.20 1.88 -29.25
CA TYR A 230 -3.87 0.46 -29.20
C TYR A 230 -4.24 -0.15 -27.87
N LEU A 231 -4.23 0.65 -26.81
CA LEU A 231 -4.60 0.13 -25.50
C LEU A 231 -6.07 -0.26 -25.51
N LEU A 232 -6.90 0.51 -26.25
CA LEU A 232 -8.33 0.23 -26.35
C LEU A 232 -8.64 -0.72 -27.49
N GLY A 233 -7.91 -0.59 -28.58
CA GLY A 233 -8.16 -1.44 -29.73
C GLY A 233 -9.31 -0.89 -30.56
N GLU A 234 -9.48 0.42 -30.52
CA GLU A 234 -10.54 1.06 -31.28
C GLU A 234 -10.06 2.38 -31.77
N GLU A 235 -10.91 3.02 -32.55
CA GLU A 235 -10.60 4.32 -33.10
C GLU A 235 -11.56 5.31 -32.51
N PRO A 236 -11.10 6.54 -32.28
CA PRO A 236 -12.00 7.55 -31.72
C PRO A 236 -13.02 7.89 -32.80
N ILE A 237 -14.26 8.13 -32.41
CA ILE A 237 -15.28 8.50 -33.39
C ILE A 237 -15.61 9.97 -33.23
N GLU A 238 -15.13 10.56 -32.13
CA GLU A 238 -15.39 11.96 -31.83
C GLU A 238 -14.25 12.55 -30.99
N VAL A 239 -13.94 13.82 -31.22
CA VAL A 239 -12.86 14.46 -30.49
C VAL A 239 -13.11 15.92 -30.10
N ARG A 240 -12.64 16.28 -28.90
CA ARG A 240 -12.74 17.65 -28.41
C ARG A 240 -11.38 18.05 -27.86
N ALA A 241 -11.02 19.33 -28.00
CA ALA A 241 -9.74 19.78 -27.48
C ALA A 241 -9.68 21.27 -27.16
N TYR A 242 -8.61 21.64 -26.47
CA TYR A 242 -8.37 23.01 -26.06
C TYR A 242 -6.86 23.15 -25.95
N THR A 243 -6.35 24.32 -26.29
CA THR A 243 -4.92 24.53 -26.20
C THR A 243 -4.58 25.91 -25.67
N TYR A 244 -3.54 25.98 -24.85
CA TYR A 244 -3.10 27.25 -24.29
C TYR A 244 -1.60 27.31 -24.16
N SER A 245 -1.06 28.49 -24.40
CA SER A 245 0.37 28.72 -24.30
C SER A 245 0.55 30.14 -23.79
N ASP A 246 1.51 30.31 -22.89
CA ASP A 246 1.82 31.60 -22.32
C ASP A 246 2.30 32.51 -23.46
N PRO A 247 1.55 33.59 -23.76
CA PRO A 247 1.95 34.49 -24.83
C PRO A 247 3.28 35.20 -24.60
N ASN A 248 3.82 35.10 -23.39
CA ASN A 248 5.08 35.76 -23.12
C ASN A 248 6.28 34.82 -23.25
N ASP A 249 6.01 33.54 -23.52
CA ASP A 249 7.10 32.57 -23.65
C ASP A 249 7.62 32.49 -25.10
N GLU A 250 8.88 32.82 -25.29
CA GLU A 250 9.48 32.81 -26.61
C GLU A 250 9.45 31.47 -27.34
N ARG A 251 9.32 30.38 -26.59
CA ARG A 251 9.32 29.06 -27.20
C ARG A 251 8.05 28.76 -27.96
N PHE A 252 6.93 29.32 -27.51
CA PHE A 252 5.68 29.00 -28.17
C PHE A 252 5.05 30.05 -29.07
N VAL A 253 5.88 30.91 -29.66
CA VAL A 253 5.34 31.93 -30.55
C VAL A 253 4.70 31.32 -31.80
N GLU A 254 5.15 30.13 -32.20
CA GLU A 254 4.59 29.45 -33.38
C GLU A 254 3.84 28.17 -33.07
N VAL A 255 4.41 27.29 -32.25
CA VAL A 255 3.78 26.03 -31.91
C VAL A 255 3.18 26.01 -30.52
N GLU A 256 2.22 25.12 -30.31
CA GLU A 256 1.55 24.99 -29.01
C GLU A 256 2.40 24.31 -27.96
N ASP A 257 2.27 24.79 -26.72
CA ASP A 257 2.94 24.24 -25.56
C ASP A 257 2.04 23.15 -25.00
N ARG A 258 0.98 23.54 -24.30
CA ARG A 258 0.05 22.58 -23.72
C ARG A 258 -1.25 22.51 -24.49
N ILE A 259 -1.72 21.28 -24.69
CA ILE A 259 -2.96 21.02 -25.40
C ILE A 259 -3.63 19.83 -24.73
N ILE A 260 -4.96 19.91 -24.60
CA ILE A 260 -5.74 18.85 -23.95
C ILE A 260 -6.83 18.37 -24.88
N TRP A 261 -6.87 17.06 -25.13
CA TRP A 261 -7.91 16.53 -26.01
C TRP A 261 -8.69 15.44 -25.31
N GLN A 262 -9.99 15.39 -25.58
N GLN A 262 -9.99 15.39 -25.60
CA GLN A 262 -10.89 14.40 -24.99
CA GLN A 262 -10.89 14.41 -25.02
C GLN A 262 -11.56 13.64 -26.12
C GLN A 262 -11.53 13.63 -26.16
N MET A 263 -11.55 12.30 -26.03
CA MET A 263 -12.14 11.47 -27.08
C MET A 263 -13.23 10.50 -26.64
N ARG A 264 -14.05 10.09 -27.61
CA ARG A 264 -15.12 9.15 -27.35
C ARG A 264 -15.05 8.02 -28.37
N PHE A 265 -15.24 6.79 -27.92
CA PHE A 265 -15.18 5.66 -28.83
C PHE A 265 -16.52 4.96 -29.01
N ARG A 266 -16.60 4.19 -30.09
CA ARG A 266 -17.81 3.44 -30.41
C ARG A 266 -18.23 2.56 -29.24
N SER A 267 -17.24 1.94 -28.61
CA SER A 267 -17.51 1.07 -27.47
C SER A 267 -18.13 1.82 -26.32
N GLY A 268 -18.00 3.13 -26.32
CA GLY A 268 -18.56 3.90 -25.22
C GLY A 268 -17.42 4.32 -24.30
N ALA A 269 -16.24 3.78 -24.56
CA ALA A 269 -15.07 4.14 -23.77
C ALA A 269 -14.80 5.62 -24.05
N LEU A 270 -14.21 6.31 -23.08
CA LEU A 270 -13.88 7.73 -23.22
C LEU A 270 -12.44 7.90 -22.80
N SER A 271 -11.86 9.04 -23.12
CA SER A 271 -10.49 9.30 -22.70
C SER A 271 -10.22 10.78 -22.62
N HIS A 272 -9.16 11.12 -21.89
CA HIS A 272 -8.73 12.50 -21.78
C HIS A 272 -7.24 12.48 -21.53
N GLY A 273 -6.50 13.23 -22.35
CA GLY A 273 -5.07 13.30 -22.21
C GLY A 273 -4.54 14.66 -22.61
N ALA A 274 -3.26 14.90 -22.34
CA ALA A 274 -2.66 16.17 -22.67
C ALA A 274 -1.19 15.99 -22.96
N SER A 275 -0.60 16.98 -23.62
CA SER A 275 0.81 16.97 -23.90
C SER A 275 1.34 18.31 -23.37
N SER A 276 2.62 18.35 -23.05
CA SER A 276 3.19 19.59 -22.52
C SER A 276 4.65 19.75 -22.92
N TYR A 277 4.99 20.98 -23.29
CA TYR A 277 6.35 21.29 -23.71
C TYR A 277 7.03 22.12 -22.63
N SER A 278 6.33 22.42 -21.54
CA SER A 278 6.91 23.24 -20.48
C SER A 278 6.91 22.62 -19.07
N THR A 279 6.58 21.35 -18.97
CA THR A 279 6.59 20.68 -17.68
C THR A 279 7.54 19.49 -17.85
N THR A 280 8.12 18.98 -16.78
CA THR A 280 9.07 17.89 -16.96
C THR A 280 8.50 16.51 -17.24
N THR A 281 9.41 15.65 -17.68
CA THR A 281 9.14 14.29 -18.07
C THR A 281 7.98 13.61 -17.42
N THR A 282 7.03 13.23 -18.27
CA THR A 282 5.84 12.56 -17.84
C THR A 282 5.43 11.64 -18.99
N SER A 283 5.16 10.39 -18.64
CA SER A 283 4.75 9.38 -19.62
C SER A 283 3.90 8.45 -18.77
N ARG A 284 2.67 8.84 -18.53
CA ARG A 284 1.77 8.09 -17.68
C ARG A 284 0.43 7.82 -18.31
N PHE A 285 0.09 6.54 -18.48
CA PHE A 285 -1.20 6.18 -19.06
C PHE A 285 -1.99 5.47 -18.00
N SER A 286 -3.29 5.44 -18.17
CA SER A 286 -4.18 4.80 -17.23
C SER A 286 -5.40 4.26 -17.98
N VAL A 287 -5.73 2.99 -17.80
CA VAL A 287 -6.93 2.48 -18.46
C VAL A 287 -7.87 1.96 -17.39
N GLN A 288 -9.09 2.49 -17.37
CA GLN A 288 -10.06 2.08 -16.36
C GLN A 288 -11.15 1.19 -16.90
N GLY A 289 -11.28 0.02 -16.28
CA GLY A 289 -12.30 -0.93 -16.66
C GLY A 289 -13.17 -1.15 -15.43
N ASP A 290 -14.34 -1.78 -15.58
CA ASP A 290 -15.19 -2.01 -14.42
C ASP A 290 -14.72 -3.20 -13.58
N LYS A 291 -13.60 -3.80 -14.00
CA LYS A 291 -13.04 -4.94 -13.29
C LYS A 291 -11.74 -4.53 -12.61
N ALA A 292 -10.91 -3.78 -13.32
CA ALA A 292 -9.63 -3.32 -12.76
C ALA A 292 -9.05 -2.14 -13.52
N VAL A 293 -8.06 -1.48 -12.94
CA VAL A 293 -7.44 -0.32 -13.58
C VAL A 293 -5.98 -0.58 -13.90
N LEU A 294 -5.58 -0.34 -15.14
CA LEU A 294 -4.19 -0.52 -15.54
C LEU A 294 -3.42 0.79 -15.39
N LEU A 295 -2.17 0.69 -14.94
CA LEU A 295 -1.34 1.87 -14.80
C LEU A 295 0.02 1.65 -15.41
N MET A 296 0.34 2.45 -16.42
CA MET A 296 1.62 2.37 -17.11
C MET A 296 2.36 3.67 -16.82
N ASP A 297 3.55 3.55 -16.23
CA ASP A 297 4.32 4.72 -15.86
C ASP A 297 5.70 4.41 -15.25
N PRO A 298 6.78 4.71 -15.98
CA PRO A 298 6.73 5.31 -17.31
C PRO A 298 6.00 4.37 -18.26
N ALA A 299 5.29 4.94 -19.23
CA ALA A 299 4.56 4.14 -20.17
C ALA A 299 5.29 4.01 -21.49
N THR A 300 5.90 5.11 -21.93
CA THR A 300 6.60 5.17 -23.22
C THR A 300 8.01 5.73 -23.14
N GLY A 301 8.72 5.50 -22.04
CA GLY A 301 10.08 6.00 -21.92
C GLY A 301 11.04 5.14 -22.72
N TYR A 302 12.31 5.57 -22.81
CA TYR A 302 13.31 4.84 -23.58
C TYR A 302 13.89 3.60 -22.92
N TYR A 303 13.85 3.53 -21.58
CA TYR A 303 14.48 2.40 -20.92
C TYR A 303 13.66 1.54 -20.00
N GLN A 304 13.20 2.11 -18.89
CA GLN A 304 12.45 1.35 -17.91
C GLN A 304 10.98 1.74 -17.80
N ASN A 305 10.11 0.95 -18.40
CA ASN A 305 8.67 1.21 -18.34
C ASN A 305 8.07 0.26 -17.29
N LEU A 306 7.13 0.75 -16.51
CA LEU A 306 6.53 -0.07 -15.45
C LEU A 306 5.02 -0.04 -15.48
N ILE A 307 4.39 -1.20 -15.42
CA ILE A 307 2.94 -1.25 -15.46
C ILE A 307 2.40 -2.21 -14.41
N SER A 308 1.36 -1.76 -13.71
CA SER A 308 0.72 -2.56 -12.68
C SER A 308 -0.79 -2.54 -12.89
N VAL A 309 -1.49 -3.39 -12.15
CA VAL A 309 -2.94 -3.47 -12.21
C VAL A 309 -3.49 -3.44 -10.80
N GLN A 310 -4.47 -2.58 -10.57
CA GLN A 310 -5.08 -2.43 -9.26
C GLN A 310 -6.54 -2.88 -9.32
N THR A 311 -6.89 -3.76 -8.40
CA THR A 311 -8.25 -4.27 -8.34
C THR A 311 -8.91 -3.77 -7.06
N PRO A 312 -10.24 -3.64 -7.08
CA PRO A 312 -11.02 -3.16 -5.93
C PRO A 312 -10.62 -3.86 -4.63
N PRO A 326 14.40 -12.13 -21.53
CA PRO A 326 13.00 -12.50 -21.80
C PRO A 326 12.33 -11.65 -22.87
N ALA A 327 13.01 -10.58 -23.30
CA ALA A 327 12.46 -9.70 -24.33
C ALA A 327 13.51 -8.68 -24.81
N ASN A 328 13.59 -8.48 -26.12
CA ASN A 328 14.57 -7.54 -26.67
C ASN A 328 14.08 -6.10 -26.47
N ASN A 329 15.02 -5.15 -26.43
CA ASN A 329 14.68 -3.74 -26.23
C ASN A 329 13.96 -3.15 -27.43
N GLN A 330 12.89 -2.41 -27.15
CA GLN A 330 12.06 -1.80 -28.19
C GLN A 330 12.84 -1.25 -29.37
N PHE A 331 14.01 -0.66 -29.13
CA PHE A 331 14.79 -0.11 -30.23
C PHE A 331 15.27 -1.21 -31.17
N SER A 332 15.83 -2.28 -30.61
CA SER A 332 16.31 -3.40 -31.41
C SER A 332 15.17 -4.16 -32.07
N ALA A 333 14.10 -4.39 -31.32
CA ALA A 333 12.96 -5.15 -31.82
C ALA A 333 12.29 -4.47 -32.99
N GLN A 334 12.40 -3.15 -33.04
CA GLN A 334 11.81 -2.40 -34.12
C GLN A 334 12.65 -2.55 -35.39
N LEU A 335 13.94 -2.25 -35.29
CA LEU A 335 14.86 -2.36 -36.43
C LEU A 335 14.72 -3.71 -37.12
N ASP A 336 14.77 -4.78 -36.34
CA ASP A 336 14.67 -6.11 -36.92
C ASP A 336 13.28 -6.48 -37.39
N HIS A 337 12.27 -5.72 -36.98
CA HIS A 337 10.93 -6.03 -37.43
C HIS A 337 10.84 -5.75 -38.93
N LEU A 338 11.36 -4.61 -39.36
CA LEU A 338 11.33 -4.28 -40.78
C LEU A 338 12.18 -5.30 -41.52
N ALA A 339 13.28 -5.72 -40.90
CA ALA A 339 14.14 -6.70 -41.51
C ALA A 339 13.34 -7.98 -41.73
N GLU A 340 12.71 -8.47 -40.66
CA GLU A 340 11.90 -9.67 -40.73
C GLU A 340 10.87 -9.52 -41.85
N ALA A 341 10.06 -8.47 -41.76
CA ALA A 341 9.01 -8.20 -42.73
C ALA A 341 9.49 -8.26 -44.17
N VAL A 342 10.66 -7.70 -44.43
CA VAL A 342 11.22 -7.68 -45.77
C VAL A 342 11.81 -9.02 -46.14
N ILE A 343 12.68 -9.53 -45.27
CA ILE A 343 13.32 -10.82 -45.50
C ILE A 343 12.27 -11.90 -45.68
N ASN A 344 11.31 -11.98 -44.76
CA ASN A 344 10.28 -12.99 -44.86
C ASN A 344 9.02 -12.52 -45.58
N ASN A 345 9.10 -11.35 -46.22
CA ASN A 345 7.99 -10.77 -46.97
C ASN A 345 6.62 -10.90 -46.28
N LYS A 346 6.51 -10.33 -45.09
CA LYS A 346 5.28 -10.35 -44.31
C LYS A 346 4.99 -8.94 -43.81
N PRO A 347 3.72 -8.62 -43.58
CA PRO A 347 3.29 -7.29 -43.10
C PRO A 347 3.98 -6.75 -41.83
N VAL A 348 4.09 -5.43 -41.80
CA VAL A 348 4.70 -4.70 -40.70
C VAL A 348 3.57 -4.24 -39.77
N ARG A 349 3.80 -4.24 -38.46
CA ARG A 349 2.78 -3.83 -37.51
C ARG A 349 2.51 -2.33 -37.49
N SER A 350 3.50 -1.54 -37.92
CA SER A 350 3.39 -0.09 -37.95
C SER A 350 3.50 0.43 -39.38
N PRO A 351 2.49 0.15 -40.23
CA PRO A 351 2.45 0.57 -41.63
C PRO A 351 2.21 2.04 -41.81
N GLY A 352 2.52 2.53 -43.01
CA GLY A 352 2.32 3.94 -43.32
C GLY A 352 0.90 4.39 -43.04
N GLU A 353 -0.06 3.50 -43.25
CA GLU A 353 -1.47 3.81 -43.01
C GLU A 353 -1.66 4.20 -41.55
N GLU A 354 -1.01 3.46 -40.67
CA GLU A 354 -1.09 3.73 -39.24
C GLU A 354 -0.56 5.14 -38.95
N GLY A 355 0.57 5.47 -39.57
CA GLY A 355 1.15 6.78 -39.40
C GLY A 355 0.17 7.84 -39.87
N MET A 356 -0.48 7.56 -41.00
CA MET A 356 -1.45 8.48 -41.56
C MET A 356 -2.63 8.70 -40.60
N GLN A 357 -3.15 7.61 -40.05
CA GLN A 357 -4.28 7.73 -39.15
C GLN A 357 -3.97 8.69 -38.00
N ASP A 358 -2.79 8.60 -37.39
CA ASP A 358 -2.46 9.51 -36.29
C ASP A 358 -2.39 10.98 -36.71
N VAL A 359 -1.79 11.25 -37.86
CA VAL A 359 -1.68 12.62 -38.32
C VAL A 359 -3.07 13.17 -38.57
N ARG A 360 -3.92 12.37 -39.20
CA ARG A 360 -5.27 12.79 -39.50
C ARG A 360 -6.05 13.05 -38.19
N LEU A 361 -5.79 12.25 -37.17
CA LEU A 361 -6.47 12.44 -35.90
C LEU A 361 -5.94 13.69 -35.22
N ILE A 362 -4.66 13.98 -35.44
CA ILE A 362 -4.06 15.16 -34.84
C ILE A 362 -4.60 16.42 -35.52
N GLN A 363 -4.88 16.34 -36.82
CA GLN A 363 -5.42 17.52 -37.51
C GLN A 363 -6.85 17.75 -37.05
N ALA A 364 -7.53 16.68 -36.65
CA ALA A 364 -8.90 16.77 -36.15
C ALA A 364 -8.88 17.39 -34.76
N ILE A 365 -7.90 17.00 -33.96
CA ILE A 365 -7.78 17.57 -32.61
C ILE A 365 -7.41 19.06 -32.70
N TYR A 366 -6.48 19.41 -33.59
CA TYR A 366 -6.08 20.79 -33.77
C TYR A 366 -7.27 21.64 -34.18
N GLU A 367 -8.12 21.05 -35.02
CA GLU A 367 -9.32 21.71 -35.50
C GLU A 367 -10.31 21.89 -34.35
N ALA A 368 -10.49 20.87 -33.54
CA ALA A 368 -11.40 20.96 -32.40
C ALA A 368 -10.91 22.07 -31.48
N ALA A 369 -9.62 22.03 -31.16
CA ALA A 369 -9.02 23.04 -30.31
C ALA A 369 -9.24 24.44 -30.89
N ARG A 370 -9.23 24.53 -32.22
CA ARG A 370 -9.40 25.81 -32.90
C ARG A 370 -10.83 26.34 -32.90
N THR A 371 -11.81 25.45 -33.07
CA THR A 371 -13.21 25.89 -33.10
C THR A 371 -13.91 25.73 -31.77
N GLY A 372 -13.34 24.92 -30.88
CA GLY A 372 -13.96 24.71 -29.58
C GLY A 372 -15.22 23.88 -29.69
N ARG A 373 -15.33 23.17 -30.80
CA ARG A 373 -16.46 22.30 -31.10
C ARG A 373 -15.98 20.84 -31.26
N PRO A 374 -16.88 19.88 -31.05
CA PRO A 374 -16.44 18.49 -31.21
C PRO A 374 -16.25 18.22 -32.71
N VAL A 375 -15.25 17.40 -33.05
CA VAL A 375 -14.95 17.09 -34.45
C VAL A 375 -15.20 15.60 -34.73
N ASN A 376 -16.01 15.32 -35.74
CA ASN A 376 -16.33 13.95 -36.10
C ASN A 376 -15.13 13.28 -36.73
N THR A 377 -14.72 12.13 -36.20
CA THR A 377 -13.58 11.40 -36.74
C THR A 377 -13.95 9.98 -37.19
N ASP A 378 -15.24 9.75 -37.37
CA ASP A 378 -15.73 8.45 -37.80
C ASP A 378 -15.59 8.30 -39.31
N TRP A 379 -14.37 8.09 -39.79
CA TRP A 379 -14.12 7.96 -41.22
C TRP A 379 -13.74 6.57 -41.69
N GLY A 380 -13.90 5.59 -40.79
CA GLY A 380 -13.64 4.20 -41.12
C GLY A 380 -12.23 3.67 -41.22
N TYR A 381 -11.32 4.12 -40.38
CA TYR A 381 -9.96 3.59 -40.41
C TYR A 381 -10.03 2.16 -39.89
N VAL A 382 -9.17 1.29 -40.41
CA VAL A 382 -9.15 -0.09 -39.94
C VAL A 382 -7.70 -0.51 -39.72
N ARG A 383 -7.42 -1.08 -38.56
CA ARG A 383 -6.06 -1.49 -38.25
C ARG A 383 -5.73 -2.82 -38.91
N GLN A 384 -4.55 -2.87 -39.51
CA GLN A 384 -4.03 -4.04 -40.21
C GLN A 384 -4.24 -5.38 -39.52
N GLY A 385 -3.23 -5.83 -38.79
CA GLY A 385 -3.35 -7.11 -38.10
C GLY A 385 -3.59 -6.93 -36.62
N GLY A 386 -4.29 -5.86 -36.26
CA GLY A 386 -4.54 -5.60 -34.85
C GLY A 386 -3.64 -4.49 -34.34
N TYR A 387 -4.03 -3.91 -33.21
CA TYR A 387 -3.28 -2.81 -32.61
C TYR A 387 -2.00 -3.22 -31.90
N ALA B 7 15.14 -7.21 46.90
CA ALA B 7 14.14 -7.24 45.80
C ALA B 7 13.09 -8.33 46.05
N THR B 8 11.87 -7.91 46.34
CA THR B 8 10.75 -8.82 46.59
C THR B 8 9.44 -8.07 46.32
N LEU B 9 8.33 -8.79 46.33
CA LEU B 9 7.02 -8.19 46.08
C LEU B 9 6.94 -6.77 46.64
N PRO B 10 6.37 -5.84 45.85
CA PRO B 10 6.24 -4.43 46.26
C PRO B 10 5.59 -4.27 47.63
N ALA B 11 5.46 -3.02 48.06
CA ALA B 11 4.83 -2.72 49.33
C ALA B 11 3.39 -3.23 49.35
N GLY B 12 2.52 -2.53 48.61
CA GLY B 12 1.12 -2.91 48.56
C GLY B 12 0.82 -4.23 47.90
N ALA B 13 1.73 -4.68 47.05
CA ALA B 13 1.54 -5.95 46.35
C ALA B 13 1.58 -7.09 47.35
N SER B 14 2.65 -7.15 48.13
CA SER B 14 2.83 -8.19 49.12
C SER B 14 1.70 -8.21 50.15
N GLN B 15 0.96 -7.11 50.25
CA GLN B 15 -0.14 -7.03 51.21
C GLN B 15 -1.51 -7.07 50.55
N VAL B 16 -2.11 -8.26 50.53
CA VAL B 16 -3.43 -8.47 49.95
C VAL B 16 -4.04 -9.69 50.60
N PRO B 17 -5.23 -9.53 51.17
CA PRO B 17 -5.87 -10.69 51.81
C PRO B 17 -6.09 -11.84 50.83
N THR B 18 -5.46 -12.97 51.07
CA THR B 18 -5.63 -14.14 50.19
C THR B 18 -7.04 -14.67 50.45
N THR B 19 -7.84 -13.83 51.09
CA THR B 19 -9.22 -14.13 51.44
C THR B 19 -10.07 -12.94 51.00
N PRO B 20 -11.31 -13.19 50.57
CA PRO B 20 -12.17 -12.08 50.14
C PRO B 20 -12.08 -10.89 51.10
N ALA B 21 -12.17 -9.68 50.55
CA ALA B 21 -12.08 -8.47 51.36
C ALA B 21 -12.53 -7.21 50.61
N GLY B 22 -12.24 -6.06 51.20
CA GLY B 22 -12.61 -4.79 50.60
C GLY B 22 -11.49 -4.17 49.78
N ARG B 23 -11.86 -3.64 48.63
CA ARG B 23 -10.92 -3.02 47.71
C ARG B 23 -11.38 -1.63 47.30
N PRO B 24 -10.45 -0.67 47.24
CA PRO B 24 -10.76 0.71 46.84
C PRO B 24 -11.26 0.86 45.41
N MET B 25 -11.88 2.00 45.11
CA MET B 25 -12.39 2.27 43.76
C MET B 25 -11.28 2.03 42.74
N PRO B 26 -11.62 1.45 41.58
CA PRO B 26 -10.62 1.19 40.54
C PRO B 26 -10.11 2.49 39.90
N TYR B 27 -9.20 2.33 38.93
CA TYR B 27 -8.64 3.48 38.22
C TYR B 27 -9.63 4.02 37.19
N ALA B 28 -9.30 5.16 36.61
CA ALA B 28 -10.18 5.80 35.63
C ALA B 28 -9.85 5.40 34.19
N ILE B 29 -10.66 5.91 33.26
CA ILE B 29 -10.52 5.66 31.82
C ILE B 29 -9.74 4.39 31.52
N ARG B 36 -12.04 15.43 26.43
CA ARG B 36 -13.08 15.29 25.41
C ARG B 36 -14.16 16.33 25.69
N ARG B 37 -13.80 17.60 25.58
CA ARG B 37 -14.74 18.67 25.86
C ARG B 37 -15.49 19.26 24.65
N PHE B 38 -16.06 18.39 23.82
CA PHE B 38 -16.80 18.85 22.65
C PHE B 38 -17.75 17.74 22.17
N GLY B 39 -19.03 17.87 22.50
CA GLY B 39 -20.01 16.87 22.12
C GLY B 39 -20.37 16.92 20.66
N TYR B 40 -20.66 15.76 20.08
CA TYR B 40 -21.02 15.69 18.67
C TYR B 40 -22.36 14.98 18.48
N ALA B 41 -23.14 15.46 17.53
CA ALA B 41 -24.43 14.86 17.22
C ALA B 41 -24.40 14.34 15.79
N ILE B 42 -24.06 13.06 15.64
CA ILE B 42 -23.97 12.43 14.31
C ILE B 42 -25.37 12.17 13.77
N VAL B 43 -25.67 12.82 12.65
CA VAL B 43 -26.96 12.70 12.00
C VAL B 43 -26.88 11.80 10.78
N GLY B 44 -27.48 10.63 10.87
CA GLY B 44 -27.45 9.70 9.75
C GLY B 44 -26.50 8.57 10.05
N LEU B 45 -27.04 7.38 10.30
CA LEU B 45 -26.19 6.25 10.61
C LEU B 45 -26.03 5.37 9.37
N GLY B 46 -25.38 5.94 8.38
CA GLY B 46 -25.12 5.25 7.13
C GLY B 46 -23.72 4.67 7.04
N LYS B 47 -23.41 4.18 5.86
CA LYS B 47 -22.13 3.55 5.56
C LYS B 47 -20.91 4.36 5.99
N TYR B 48 -20.84 5.62 5.58
CA TYR B 48 -19.69 6.44 5.94
C TYR B 48 -19.62 6.68 7.45
N ALA B 49 -20.71 7.19 8.02
CA ALA B 49 -20.80 7.47 9.45
C ALA B 49 -20.43 6.25 10.29
N LEU B 50 -20.92 5.09 9.85
CA LEU B 50 -20.69 3.83 10.54
C LEU B 50 -19.31 3.18 10.34
N ASN B 51 -18.74 3.30 9.15
CA ASN B 51 -17.44 2.69 8.90
C ASN B 51 -16.24 3.62 9.00
N GLN B 52 -16.48 4.93 8.99
CA GLN B 52 -15.36 5.86 9.06
C GLN B 52 -15.40 6.88 10.19
N ILE B 53 -16.52 7.60 10.29
CA ILE B 53 -16.67 8.63 11.31
C ILE B 53 -16.71 8.13 12.75
N LEU B 54 -17.74 7.38 13.11
CA LEU B 54 -17.86 6.87 14.47
C LEU B 54 -16.56 6.17 14.93
N PRO B 55 -16.05 5.22 14.14
CA PRO B 55 -14.82 4.55 14.56
C PRO B 55 -13.70 5.55 14.66
N GLY B 56 -13.78 6.62 13.84
CA GLY B 56 -12.76 7.64 13.85
C GLY B 56 -12.63 8.50 15.09
N PHE B 57 -13.67 8.54 15.92
CA PHE B 57 -13.64 9.33 17.16
C PHE B 57 -12.60 8.78 18.13
N ALA B 58 -12.26 7.50 17.97
CA ALA B 58 -11.28 6.86 18.84
C ALA B 58 -9.99 7.67 19.02
N GLY B 59 -9.45 8.20 17.93
CA GLY B 59 -8.21 8.96 18.00
C GLY B 59 -8.31 10.45 18.32
N CYS B 60 -9.52 10.94 18.57
CA CYS B 60 -9.71 12.35 18.88
C CYS B 60 -9.23 12.69 20.29
N GLN B 61 -8.94 13.96 20.52
CA GLN B 61 -8.49 14.40 21.83
C GLN B 61 -9.60 15.21 22.50
N HIS B 62 -10.23 16.06 21.71
CA HIS B 62 -11.27 16.93 22.21
C HIS B 62 -12.69 16.54 21.85
N SER B 63 -12.87 16.00 20.66
CA SER B 63 -14.20 15.60 20.19
C SER B 63 -14.71 14.32 20.84
N ARG B 64 -16.03 14.19 20.93
CA ARG B 64 -16.66 13.00 21.50
C ARG B 64 -18.02 12.71 20.87
N ILE B 65 -18.45 11.46 20.93
CA ILE B 65 -19.75 11.08 20.38
C ILE B 65 -20.79 11.31 21.49
N GLU B 66 -21.44 12.47 21.47
CA GLU B 66 -22.44 12.81 22.49
C GLU B 66 -23.85 12.31 22.22
N ALA B 67 -24.34 12.49 21.00
CA ALA B 67 -25.69 12.07 20.65
C ALA B 67 -25.76 11.46 19.27
N LEU B 68 -26.87 10.80 18.98
CA LEU B 68 -27.08 10.18 17.68
C LEU B 68 -28.44 10.60 17.17
N VAL B 69 -28.55 10.78 15.87
CA VAL B 69 -29.80 11.19 15.27
C VAL B 69 -30.06 10.27 14.10
N SER B 70 -30.92 9.28 14.30
CA SER B 70 -31.22 8.33 13.23
C SER B 70 -32.70 8.10 13.01
N GLY B 71 -33.07 7.82 11.77
CA GLY B 71 -34.45 7.55 11.48
C GLY B 71 -34.67 6.05 11.61
N ASN B 72 -33.98 5.46 12.58
CA ASN B 72 -34.08 4.02 12.82
C ASN B 72 -33.66 3.64 14.24
N ALA B 73 -34.64 3.58 15.13
CA ALA B 73 -34.43 3.25 16.53
C ALA B 73 -33.58 2.00 16.72
N GLU B 74 -33.88 0.95 15.98
CA GLU B 74 -33.12 -0.30 16.07
C GLU B 74 -31.63 -0.02 15.85
N LYS B 75 -31.31 0.34 14.62
CA LYS B 75 -29.95 0.65 14.23
C LYS B 75 -29.26 1.51 15.29
N ALA B 76 -29.93 2.57 15.72
CA ALA B 76 -29.38 3.50 16.70
C ALA B 76 -29.10 2.88 18.06
N LYS B 77 -30.07 2.14 18.57
CA LYS B 77 -29.96 1.48 19.86
C LYS B 77 -28.61 0.79 19.96
N ILE B 78 -28.42 -0.20 19.09
CA ILE B 78 -27.19 -0.96 19.04
C ILE B 78 -25.98 -0.04 18.92
N VAL B 79 -26.00 0.81 17.89
CA VAL B 79 -24.91 1.73 17.66
C VAL B 79 -24.61 2.47 18.95
N ALA B 80 -25.67 3.00 19.57
CA ALA B 80 -25.54 3.74 20.84
C ALA B 80 -24.77 2.92 21.87
N ALA B 81 -25.20 1.68 22.06
CA ALA B 81 -24.55 0.80 23.01
C ALA B 81 -23.07 0.65 22.63
N GLU B 82 -22.83 0.25 21.39
CA GLU B 82 -21.47 0.04 20.90
C GLU B 82 -20.45 1.09 21.31
N TYR B 83 -20.79 2.36 21.09
CA TYR B 83 -19.89 3.44 21.41
C TYR B 83 -20.06 4.02 22.80
N GLY B 84 -20.94 3.42 23.59
CA GLY B 84 -21.16 3.93 24.93
C GLY B 84 -21.86 5.28 24.87
N VAL B 85 -22.94 5.33 24.09
CA VAL B 85 -23.71 6.56 23.95
C VAL B 85 -24.97 6.48 24.81
N ASP B 86 -25.31 7.58 25.48
CA ASP B 86 -26.48 7.61 26.33
C ASP B 86 -27.70 7.19 25.51
N PRO B 87 -28.30 6.03 25.86
CA PRO B 87 -29.47 5.53 25.14
C PRO B 87 -30.64 6.51 25.16
N ARG B 88 -30.50 7.56 25.97
CA ARG B 88 -31.53 8.58 26.10
C ARG B 88 -31.21 9.78 25.21
N LYS B 89 -30.15 9.66 24.41
CA LYS B 89 -29.77 10.74 23.51
C LYS B 89 -29.79 10.27 22.05
N ILE B 90 -30.81 9.48 21.75
CA ILE B 90 -31.02 8.95 20.41
C ILE B 90 -32.26 9.66 19.85
N TYR B 91 -32.03 10.78 19.17
CA TYR B 91 -33.13 11.53 18.56
C TYR B 91 -33.51 10.96 17.20
N ASP B 92 -34.44 11.63 16.52
CA ASP B 92 -34.86 11.24 15.18
C ASP B 92 -35.08 12.52 14.39
N TYR B 93 -35.55 12.42 13.16
CA TYR B 93 -35.72 13.61 12.35
C TYR B 93 -36.84 14.56 12.78
N SER B 94 -37.86 14.02 13.44
CA SER B 94 -38.98 14.84 13.91
C SER B 94 -38.54 15.73 15.06
N ASN B 95 -38.12 15.08 16.13
CA ASN B 95 -37.67 15.77 17.34
C ASN B 95 -36.21 16.22 17.29
N PHE B 96 -35.59 16.10 16.11
CA PHE B 96 -34.20 16.50 15.95
C PHE B 96 -33.92 17.83 16.62
N ASP B 97 -34.77 18.81 16.38
CA ASP B 97 -34.56 20.14 16.95
C ASP B 97 -34.49 20.15 18.46
N LYS B 98 -35.12 19.16 19.08
CA LYS B 98 -35.11 19.08 20.54
C LYS B 98 -33.70 19.08 21.12
N ILE B 99 -32.71 18.71 20.32
CA ILE B 99 -31.32 18.69 20.76
C ILE B 99 -30.93 20.05 21.28
N ALA B 100 -31.75 21.04 20.93
CA ALA B 100 -31.50 22.40 21.36
C ALA B 100 -31.32 22.46 22.87
N LYS B 101 -32.11 21.65 23.58
CA LYS B 101 -32.05 21.60 25.03
C LYS B 101 -30.65 21.23 25.54
N ASP B 102 -30.32 19.96 25.38
CA ASP B 102 -29.04 19.39 25.79
C ASP B 102 -27.80 20.20 25.39
N PRO B 103 -27.07 20.75 26.36
CA PRO B 103 -25.87 21.54 26.07
C PRO B 103 -24.61 20.69 25.82
N LYS B 104 -24.61 19.46 26.33
CA LYS B 104 -23.46 18.57 26.14
C LYS B 104 -23.20 18.39 24.63
N ILE B 105 -24.21 18.74 23.83
CA ILE B 105 -24.12 18.65 22.39
C ILE B 105 -23.58 19.96 21.86
N ASP B 106 -22.28 19.99 21.59
CA ASP B 106 -21.64 21.20 21.09
C ASP B 106 -21.89 21.47 19.61
N ALA B 107 -21.89 20.41 18.80
CA ALA B 107 -22.10 20.58 17.37
C ALA B 107 -22.76 19.37 16.75
N VAL B 108 -23.12 19.50 15.49
CA VAL B 108 -23.77 18.42 14.75
C VAL B 108 -22.92 18.06 13.54
N TYR B 109 -23.02 16.81 13.12
CA TYR B 109 -22.29 16.34 11.96
C TYR B 109 -23.32 15.65 11.09
N ILE B 110 -23.71 16.34 10.02
CA ILE B 110 -24.69 15.82 9.09
C ILE B 110 -24.08 14.91 8.05
N ILE B 111 -24.55 13.66 8.04
CA ILE B 111 -24.09 12.63 7.12
C ILE B 111 -25.30 12.02 6.42
N LEU B 112 -26.04 12.86 5.69
CA LEU B 112 -27.23 12.41 4.99
C LEU B 112 -27.11 12.66 3.50
N PRO B 113 -28.06 12.13 2.71
CA PRO B 113 -27.94 12.38 1.27
C PRO B 113 -27.84 13.89 1.04
N ASN B 114 -27.23 14.26 -0.08
CA ASN B 114 -27.00 15.65 -0.44
C ASN B 114 -28.22 16.57 -0.30
N SER B 115 -29.33 16.17 -0.89
CA SER B 115 -30.56 16.98 -0.86
C SER B 115 -31.00 17.40 0.54
N LEU B 116 -30.66 16.60 1.56
CA LEU B 116 -31.08 16.90 2.92
C LEU B 116 -30.07 17.70 3.76
N HIS B 117 -28.95 18.08 3.19
CA HIS B 117 -27.96 18.81 3.96
C HIS B 117 -28.44 20.16 4.45
N ALA B 118 -28.66 21.08 3.53
CA ALA B 118 -29.10 22.41 3.88
C ALA B 118 -30.17 22.40 4.97
N GLU B 119 -31.24 21.63 4.77
CA GLU B 119 -32.33 21.57 5.75
C GLU B 119 -31.89 21.35 7.20
N PHE B 120 -31.03 20.37 7.43
CA PHE B 120 -30.59 20.04 8.79
C PHE B 120 -29.46 20.92 9.33
N ALA B 121 -28.71 21.53 8.43
CA ALA B 121 -27.63 22.40 8.87
C ALA B 121 -28.35 23.59 9.49
N ILE B 122 -29.39 24.04 8.80
CA ILE B 122 -30.21 25.19 9.23
C ILE B 122 -30.92 24.93 10.55
N ARG B 123 -31.67 23.83 10.61
CA ARG B 123 -32.39 23.50 11.84
C ARG B 123 -31.42 23.40 13.02
N ALA B 124 -30.27 22.77 12.79
CA ALA B 124 -29.28 22.61 13.85
C ALA B 124 -28.76 23.97 14.32
N PHE B 125 -28.59 24.90 13.39
CA PHE B 125 -28.12 26.22 13.75
C PHE B 125 -29.19 26.93 14.59
N LYS B 126 -30.45 26.64 14.27
CA LYS B 126 -31.55 27.25 15.00
C LYS B 126 -31.65 26.62 16.39
N ALA B 127 -30.70 25.73 16.69
CA ALA B 127 -30.65 25.07 17.99
C ALA B 127 -29.37 25.52 18.68
N GLY B 128 -28.78 26.59 18.16
CA GLY B 128 -27.55 27.11 18.73
C GLY B 128 -26.37 26.16 18.70
N LYS B 129 -26.28 25.35 17.66
CA LYS B 129 -25.21 24.37 17.54
C LYS B 129 -24.27 24.64 16.36
N HIS B 130 -23.05 24.12 16.45
CA HIS B 130 -22.09 24.27 15.36
C HIS B 130 -22.38 23.14 14.39
N VAL B 131 -22.05 23.34 13.11
CA VAL B 131 -22.34 22.31 12.12
C VAL B 131 -21.17 21.82 11.29
N MET B 132 -21.10 20.50 11.16
CA MET B 132 -20.10 19.80 10.39
C MET B 132 -20.96 19.11 9.34
N CYS B 133 -20.81 19.50 8.08
CA CYS B 133 -21.62 18.93 7.02
C CYS B 133 -20.81 18.30 5.89
N GLU B 134 -21.11 17.04 5.58
CA GLU B 134 -20.41 16.32 4.53
C GLU B 134 -20.57 16.95 3.15
N LYS B 135 -19.59 16.67 2.29
CA LYS B 135 -19.57 17.16 0.92
C LYS B 135 -20.43 16.23 0.09
N PRO B 136 -21.07 16.74 -0.97
CA PRO B 136 -21.01 18.15 -1.39
C PRO B 136 -21.94 18.97 -0.49
N MET B 137 -21.51 20.18 -0.16
CA MET B 137 -22.28 21.05 0.73
C MET B 137 -23.79 21.00 0.57
N ALA B 138 -24.28 21.30 -0.62
CA ALA B 138 -25.72 21.28 -0.88
C ALA B 138 -25.98 20.96 -2.35
N THR B 139 -27.25 20.74 -2.71
CA THR B 139 -27.61 20.42 -4.09
C THR B 139 -27.80 21.64 -4.99
N SER B 140 -27.67 22.82 -4.41
CA SER B 140 -27.80 24.05 -5.20
C SER B 140 -26.92 25.13 -4.61
N VAL B 141 -26.41 26.00 -5.47
CA VAL B 141 -25.57 27.10 -5.00
C VAL B 141 -26.39 27.95 -4.04
N ALA B 142 -27.70 27.93 -4.23
CA ALA B 142 -28.62 28.71 -3.41
C ALA B 142 -28.62 28.27 -1.96
N ASP B 143 -28.83 26.99 -1.74
CA ASP B 143 -28.87 26.43 -0.40
C ASP B 143 -27.56 26.62 0.36
N CYS B 144 -26.44 26.71 -0.33
CA CYS B 144 -25.17 26.91 0.35
C CYS B 144 -25.21 28.27 1.04
N GLN B 145 -25.75 29.26 0.33
CA GLN B 145 -25.85 30.60 0.89
C GLN B 145 -26.80 30.58 2.09
N ARG B 146 -27.95 29.90 1.96
CA ARG B 146 -28.91 29.82 3.05
C ARG B 146 -28.24 29.23 4.30
N MET B 147 -27.34 28.28 4.07
CA MET B 147 -26.61 27.62 5.15
C MET B 147 -25.62 28.60 5.77
N ILE B 148 -24.87 29.29 4.94
CA ILE B 148 -23.90 30.26 5.44
C ILE B 148 -24.62 31.35 6.21
N ASP B 149 -25.71 31.87 5.64
CA ASP B 149 -26.46 32.93 6.31
C ASP B 149 -26.99 32.40 7.63
N ALA B 150 -27.63 31.24 7.58
CA ALA B 150 -28.20 30.61 8.76
C ALA B 150 -27.16 30.53 9.88
N ALA B 151 -25.93 30.21 9.52
CA ALA B 151 -24.86 30.09 10.50
C ALA B 151 -24.39 31.43 11.05
N LYS B 152 -24.34 32.44 10.18
CA LYS B 152 -23.92 33.78 10.58
C LYS B 152 -24.91 34.31 11.61
N ALA B 153 -26.17 33.91 11.45
CA ALA B 153 -27.24 34.32 12.35
C ALA B 153 -27.00 33.82 13.77
N ALA B 154 -27.05 32.50 13.95
CA ALA B 154 -26.88 31.88 15.27
C ALA B 154 -25.47 32.02 15.86
N ASN B 155 -24.62 32.79 15.19
CA ASN B 155 -23.25 33.00 15.63
C ASN B 155 -22.53 31.68 15.90
N LYS B 156 -22.64 30.75 14.97
CA LYS B 156 -22.01 29.44 15.09
C LYS B 156 -21.14 29.12 13.88
N LYS B 157 -20.15 28.26 14.06
CA LYS B 157 -19.24 27.86 12.97
C LYS B 157 -19.91 26.82 12.05
N LEU B 158 -19.56 26.87 10.77
CA LEU B 158 -20.08 25.96 9.77
C LEU B 158 -18.85 25.29 9.12
N MET B 159 -18.80 23.98 9.08
CA MET B 159 -17.66 23.31 8.48
C MET B 159 -18.07 22.20 7.54
N ILE B 160 -17.42 22.17 6.38
CA ILE B 160 -17.72 21.14 5.38
C ILE B 160 -16.69 20.02 5.49
N GLY B 161 -17.17 18.78 5.43
CA GLY B 161 -16.31 17.63 5.57
C GLY B 161 -15.34 17.29 4.45
N TYR B 162 -14.27 18.08 4.32
CA TYR B 162 -13.24 17.79 3.32
C TYR B 162 -12.09 17.19 4.14
N ARG B 163 -12.13 15.89 4.35
CA ARG B 163 -11.09 15.22 5.12
C ARG B 163 -9.70 15.36 4.50
N CYS B 164 -9.61 15.34 3.18
CA CYS B 164 -8.32 15.46 2.53
C CYS B 164 -7.65 16.74 3.00
N HIS B 165 -8.45 17.67 3.52
CA HIS B 165 -7.92 18.93 4.00
C HIS B 165 -7.22 18.72 5.32
N TYR B 166 -7.35 17.50 5.85
CA TYR B 166 -6.76 17.14 7.12
C TYR B 166 -5.92 15.88 7.05
N ASP B 167 -5.75 15.35 5.84
CA ASP B 167 -4.94 14.15 5.62
C ASP B 167 -3.45 14.52 5.52
N PRO B 168 -2.64 14.03 6.46
CA PRO B 168 -1.19 14.28 6.52
C PRO B 168 -0.50 14.19 5.18
N MET B 169 -0.87 13.20 4.38
CA MET B 169 -0.25 13.03 3.07
C MET B 169 -0.60 14.17 2.12
N ASN B 170 -1.87 14.53 2.05
CA ASN B 170 -2.32 15.62 1.20
C ASN B 170 -1.68 16.93 1.62
N ARG B 171 -1.53 17.11 2.92
CA ARG B 171 -0.93 18.33 3.40
C ARG B 171 0.53 18.40 3.01
N ALA B 172 1.20 17.25 3.01
CA ALA B 172 2.61 17.19 2.62
C ALA B 172 2.77 17.53 1.13
N ALA B 173 1.85 17.04 0.30
CA ALA B 173 1.91 17.34 -1.13
C ALA B 173 1.80 18.84 -1.28
N VAL B 174 0.81 19.40 -0.61
CA VAL B 174 0.59 20.85 -0.65
C VAL B 174 1.84 21.60 -0.18
N LYS B 175 2.47 21.12 0.87
CA LYS B 175 3.65 21.77 1.42
C LYS B 175 4.85 21.73 0.48
N LEU B 176 5.14 20.57 -0.09
CA LEU B 176 6.28 20.45 -0.99
C LEU B 176 6.08 21.32 -2.22
N ILE B 177 4.83 21.50 -2.65
CA ILE B 177 4.55 22.34 -3.79
C ILE B 177 4.81 23.79 -3.40
N ARG B 178 4.33 24.19 -2.24
CA ARG B 178 4.54 25.57 -1.79
C ARG B 178 6.02 25.88 -1.59
N GLU B 179 6.83 24.84 -1.49
CA GLU B 179 8.25 25.04 -1.29
C GLU B 179 8.97 24.98 -2.64
N ASN B 180 8.17 25.12 -3.69
CA ASN B 180 8.65 25.14 -5.06
C ASN B 180 9.45 23.92 -5.50
N GLN B 181 9.16 22.76 -4.92
CA GLN B 181 9.86 21.53 -5.30
C GLN B 181 9.49 21.03 -6.69
N LEU B 182 8.28 21.34 -7.14
CA LEU B 182 7.83 20.95 -8.46
C LEU B 182 8.11 22.09 -9.44
N GLY B 183 8.39 23.27 -8.88
CA GLY B 183 8.65 24.45 -9.68
C GLY B 183 7.35 25.11 -10.09
N LYS B 184 7.35 25.85 -11.21
CA LYS B 184 6.14 26.50 -11.65
C LYS B 184 5.16 25.48 -12.20
N LEU B 185 3.93 25.50 -11.68
CA LEU B 185 2.90 24.55 -12.09
C LEU B 185 2.30 24.83 -13.47
N GLY B 186 2.11 23.77 -14.25
CA GLY B 186 1.57 23.93 -15.59
C GLY B 186 0.47 22.95 -16.01
N MET B 187 0.44 21.76 -15.43
CA MET B 187 -0.56 20.76 -15.81
C MET B 187 -0.94 19.85 -14.66
N VAL B 188 -2.23 19.86 -14.31
CA VAL B 188 -2.75 19.02 -13.25
C VAL B 188 -3.76 18.01 -13.80
N THR B 189 -3.62 16.76 -13.39
CA THR B 189 -4.50 15.69 -13.84
C THR B 189 -5.11 14.97 -12.65
N THR B 190 -6.43 14.72 -12.72
CA THR B 190 -7.13 13.99 -11.67
C THR B 190 -8.15 12.97 -12.24
N ASP B 191 -8.36 11.90 -11.48
CA ASP B 191 -9.31 10.85 -11.84
C ASP B 191 -9.85 10.25 -10.55
N ASN B 192 -11.16 10.21 -10.43
CA ASN B 192 -11.81 9.63 -9.26
C ASN B 192 -12.93 8.76 -9.79
N SER B 193 -12.92 7.48 -9.45
CA SER B 193 -13.95 6.59 -9.96
C SER B 193 -14.27 5.43 -9.06
N ASP B 194 -15.49 4.95 -9.17
CA ASP B 194 -15.94 3.79 -8.43
C ASP B 194 -17.16 3.20 -9.13
N VAL B 195 -17.30 1.88 -9.05
CA VAL B 195 -18.43 1.23 -9.70
C VAL B 195 -19.65 1.29 -8.80
N MET B 196 -20.67 2.02 -9.25
CA MET B 196 -21.89 2.15 -8.48
C MET B 196 -22.69 0.88 -8.64
N ASP B 197 -23.05 0.26 -7.51
CA ASP B 197 -23.84 -0.96 -7.50
C ASP B 197 -24.91 -0.88 -8.60
N GLN B 198 -25.01 -1.93 -9.41
CA GLN B 198 -25.99 -1.96 -10.49
C GLN B 198 -27.18 -2.87 -10.21
N ASN B 199 -27.67 -2.84 -8.97
CA ASN B 199 -28.83 -3.65 -8.58
C ASN B 199 -29.94 -2.74 -8.08
N ASP B 200 -30.97 -2.60 -8.91
CA ASP B 200 -32.11 -1.76 -8.58
C ASP B 200 -31.65 -0.38 -8.09
N PRO B 201 -30.98 0.36 -8.98
CA PRO B 201 -30.41 1.70 -8.78
C PRO B 201 -31.46 2.71 -8.34
N ALA B 202 -32.71 2.46 -8.73
CA ALA B 202 -33.81 3.35 -8.39
C ALA B 202 -33.94 3.48 -6.89
N GLN B 203 -33.26 2.59 -6.18
CA GLN B 203 -33.30 2.57 -4.73
C GLN B 203 -32.07 3.23 -4.09
N GLN B 204 -31.20 3.82 -4.91
CA GLN B 204 -30.01 4.48 -4.39
C GLN B 204 -30.12 6.00 -4.51
N TRP B 205 -29.88 6.72 -3.43
CA TRP B 205 -29.99 8.17 -3.47
C TRP B 205 -28.95 8.85 -4.34
N ARG B 206 -27.90 8.14 -4.73
CA ARG B 206 -26.89 8.78 -5.56
C ARG B 206 -27.32 8.73 -7.02
N LEU B 207 -28.30 7.88 -7.31
CA LEU B 207 -28.81 7.73 -8.67
C LEU B 207 -30.10 8.50 -8.90
N ARG B 208 -30.51 9.26 -7.89
CA ARG B 208 -31.73 10.05 -7.99
C ARG B 208 -31.38 11.54 -7.97
N ARG B 209 -31.58 12.19 -9.12
CA ARG B 209 -31.25 13.60 -9.28
C ARG B 209 -31.71 14.57 -8.19
N GLU B 210 -32.89 14.35 -7.63
CA GLU B 210 -33.41 15.25 -6.60
C GLU B 210 -32.74 15.06 -5.25
N LEU B 211 -32.17 13.88 -5.03
CA LEU B 211 -31.50 13.57 -3.78
C LEU B 211 -29.99 13.84 -3.86
N ALA B 212 -29.38 13.53 -5.01
CA ALA B 212 -27.93 13.74 -5.17
C ALA B 212 -27.53 15.08 -5.79
N GLY B 213 -28.37 15.62 -6.67
CA GLY B 213 -28.05 16.89 -7.31
C GLY B 213 -27.04 16.75 -8.44
N GLY B 214 -26.75 15.51 -8.81
CA GLY B 214 -25.79 15.23 -9.86
C GLY B 214 -25.21 13.85 -9.70
N GLY B 215 -24.52 13.39 -10.74
CA GLY B 215 -23.93 12.06 -10.74
C GLY B 215 -22.57 11.94 -10.09
N SER B 216 -21.64 11.30 -10.79
CA SER B 216 -20.30 11.07 -10.27
C SER B 216 -19.55 12.33 -9.88
N LEU B 217 -19.76 13.42 -10.61
CA LEU B 217 -19.09 14.68 -10.29
C LEU B 217 -19.44 15.20 -8.90
N MET B 218 -20.73 15.16 -8.54
CA MET B 218 -21.16 15.61 -7.22
C MET B 218 -20.66 14.70 -6.10
N ASP B 219 -20.69 13.39 -6.34
CA ASP B 219 -20.26 12.41 -5.33
C ASP B 219 -18.75 12.17 -5.16
N ILE B 220 -18.00 12.00 -6.24
CA ILE B 220 -16.56 11.76 -6.10
C ILE B 220 -15.62 12.58 -6.98
N GLY B 221 -16.10 13.09 -8.11
CA GLY B 221 -15.25 13.88 -8.96
C GLY B 221 -14.86 15.16 -8.24
N ILE B 222 -15.72 15.58 -7.33
CA ILE B 222 -15.51 16.78 -6.54
C ILE B 222 -14.17 16.72 -5.82
N TYR B 223 -13.67 15.51 -5.58
CA TYR B 223 -12.38 15.33 -4.93
C TYR B 223 -11.32 15.85 -5.89
N GLY B 224 -11.53 15.60 -7.18
CA GLY B 224 -10.59 16.04 -8.18
C GLY B 224 -10.63 17.55 -8.29
N LEU B 225 -11.84 18.08 -8.37
CA LEU B 225 -12.03 19.52 -8.46
C LEU B 225 -11.38 20.21 -7.26
N ASN B 226 -11.76 19.78 -6.07
CA ASN B 226 -11.23 20.38 -4.86
C ASN B 226 -9.71 20.26 -4.74
N GLY B 227 -9.18 19.09 -5.06
CA GLY B 227 -7.75 18.87 -4.96
C GLY B 227 -6.94 19.71 -5.93
N THR B 228 -7.43 19.79 -7.15
CA THR B 228 -6.75 20.58 -8.17
C THR B 228 -6.56 21.97 -7.62
N ARG B 229 -7.60 22.43 -6.93
CA ARG B 229 -7.60 23.77 -6.36
C ARG B 229 -6.58 23.98 -5.24
N TYR B 230 -6.46 23.07 -4.28
CA TYR B 230 -5.49 23.30 -3.20
C TYR B 230 -4.08 22.88 -3.55
N LEU B 231 -3.91 22.09 -4.60
CA LEU B 231 -2.56 21.71 -5.01
C LEU B 231 -1.97 22.92 -5.74
N LEU B 232 -2.79 23.58 -6.57
CA LEU B 232 -2.30 24.75 -7.28
C LEU B 232 -2.37 25.96 -6.34
N GLY B 233 -3.38 25.98 -5.49
CA GLY B 233 -3.53 27.07 -4.55
C GLY B 233 -4.08 28.30 -5.23
N GLU B 234 -4.95 28.08 -6.23
CA GLU B 234 -5.58 29.16 -6.97
C GLU B 234 -6.92 28.68 -7.53
N GLU B 235 -7.71 29.58 -8.08
CA GLU B 235 -9.03 29.17 -8.58
C GLU B 235 -9.13 29.16 -10.10
N PRO B 236 -9.96 28.27 -10.65
CA PRO B 236 -10.06 28.26 -12.10
C PRO B 236 -10.86 29.49 -12.52
N ILE B 237 -10.49 30.07 -13.65
CA ILE B 237 -11.18 31.25 -14.13
C ILE B 237 -12.02 30.90 -15.36
N GLU B 238 -11.73 29.75 -15.92
CA GLU B 238 -12.46 29.28 -17.10
C GLU B 238 -12.59 27.76 -17.02
N VAL B 239 -13.78 27.25 -17.35
CA VAL B 239 -14.00 25.81 -17.27
C VAL B 239 -14.66 25.22 -18.54
N ARG B 240 -14.30 23.99 -18.87
CA ARG B 240 -14.86 23.28 -20.02
C ARG B 240 -15.18 21.87 -19.59
N ALA B 241 -16.13 21.23 -20.25
CA ALA B 241 -16.49 19.87 -19.87
C ALA B 241 -17.36 19.12 -20.87
N TYR B 242 -17.37 17.81 -20.74
CA TYR B 242 -18.14 16.92 -21.59
C TYR B 242 -18.61 15.74 -20.73
N THR B 243 -19.76 15.18 -21.05
CA THR B 243 -20.25 14.03 -20.30
C THR B 243 -20.93 13.02 -21.20
N TYR B 244 -21.10 11.80 -20.68
CA TYR B 244 -21.73 10.75 -21.47
C TYR B 244 -22.09 9.54 -20.63
N SER B 245 -23.26 9.01 -20.87
CA SER B 245 -23.70 7.83 -20.14
C SER B 245 -24.30 6.82 -21.11
N ASP B 246 -24.11 5.54 -20.79
CA ASP B 246 -24.65 4.45 -21.60
C ASP B 246 -26.16 4.58 -21.50
N PRO B 247 -26.81 5.11 -22.53
CA PRO B 247 -28.26 5.29 -22.53
C PRO B 247 -29.10 4.09 -22.12
N ASN B 248 -28.50 2.90 -22.09
CA ASN B 248 -29.23 1.69 -21.71
C ASN B 248 -28.87 1.19 -20.32
N ASP B 249 -28.05 1.96 -19.61
CA ASP B 249 -27.66 1.59 -18.27
C ASP B 249 -28.65 2.30 -17.35
N GLU B 250 -29.61 1.54 -16.81
CA GLU B 250 -30.62 2.11 -15.93
C GLU B 250 -30.03 2.93 -14.77
N ARG B 251 -28.77 2.67 -14.43
CA ARG B 251 -28.11 3.38 -13.34
C ARG B 251 -28.07 4.88 -13.60
N PHE B 252 -27.93 5.27 -14.85
CA PHE B 252 -27.82 6.68 -15.18
C PHE B 252 -28.98 7.23 -15.97
N VAL B 253 -30.13 7.31 -15.33
CA VAL B 253 -31.32 7.83 -15.97
C VAL B 253 -31.52 9.28 -15.53
N GLU B 254 -30.96 9.64 -14.38
CA GLU B 254 -31.10 10.97 -13.83
C GLU B 254 -29.78 11.67 -13.56
N VAL B 255 -28.72 10.90 -13.38
CA VAL B 255 -27.42 11.49 -13.11
C VAL B 255 -26.36 10.90 -14.04
N GLU B 256 -25.33 11.70 -14.31
CA GLU B 256 -24.25 11.29 -15.20
C GLU B 256 -23.34 10.23 -14.61
N ASP B 257 -22.85 9.38 -15.50
CA ASP B 257 -21.93 8.31 -15.15
C ASP B 257 -20.51 8.91 -15.17
N ARG B 258 -20.06 9.27 -16.36
CA ARG B 258 -18.73 9.86 -16.52
C ARG B 258 -18.80 11.28 -17.07
N ILE B 259 -17.89 12.11 -16.60
CA ILE B 259 -17.82 13.49 -17.03
C ILE B 259 -16.36 13.94 -16.96
N ILE B 260 -15.93 14.65 -17.99
CA ILE B 260 -14.56 15.13 -18.08
C ILE B 260 -14.52 16.65 -18.06
N TRP B 261 -13.64 17.23 -17.25
CA TRP B 261 -13.55 18.69 -17.20
C TRP B 261 -12.14 19.28 -17.33
N GLN B 262 -12.02 20.34 -18.11
N GLN B 262 -12.01 20.34 -18.12
CA GLN B 262 -10.74 21.01 -18.31
CA GLN B 262 -10.75 21.02 -18.37
C GLN B 262 -10.86 22.39 -17.68
C GLN B 262 -10.84 22.43 -17.76
N MET B 263 -9.76 22.93 -17.18
CA MET B 263 -9.80 24.23 -16.57
C MET B 263 -8.53 25.03 -16.79
N ARG B 264 -8.64 26.34 -16.58
N ARG B 264 -8.63 26.35 -16.60
CA ARG B 264 -7.52 27.25 -16.77
CA ARG B 264 -7.47 27.22 -16.74
C ARG B 264 -7.45 28.22 -15.58
C ARG B 264 -7.44 28.17 -15.57
N PHE B 265 -6.24 28.44 -15.06
CA PHE B 265 -6.08 29.33 -13.93
C PHE B 265 -5.34 30.60 -14.31
N ARG B 266 -5.43 31.60 -13.45
N ARG B 266 -5.44 31.62 -13.47
CA ARG B 266 -4.80 32.91 -13.67
CA ARG B 266 -4.80 32.90 -13.75
C ARG B 266 -3.30 32.76 -13.91
C ARG B 266 -3.29 32.76 -13.94
N SER B 267 -2.68 31.84 -13.20
CA SER B 267 -1.26 31.63 -13.33
C SER B 267 -1.00 31.00 -14.69
N GLY B 268 -2.07 30.50 -15.32
CA GLY B 268 -1.89 29.87 -16.61
C GLY B 268 -1.80 28.36 -16.51
N ALA B 269 -1.93 27.83 -15.30
CA ALA B 269 -1.86 26.39 -15.11
C ALA B 269 -3.12 25.81 -15.76
N LEU B 270 -3.02 24.58 -16.26
CA LEU B 270 -4.16 23.89 -16.87
C LEU B 270 -4.41 22.58 -16.11
N SER B 271 -5.59 22.00 -16.32
CA SER B 271 -5.91 20.73 -15.68
C SER B 271 -7.00 20.00 -16.43
N HIS B 272 -6.94 18.68 -16.37
CA HIS B 272 -7.94 17.84 -16.99
C HIS B 272 -8.22 16.69 -16.04
N GLY B 273 -9.50 16.47 -15.77
CA GLY B 273 -9.88 15.40 -14.87
C GLY B 273 -11.23 14.80 -15.22
N ALA B 274 -11.57 13.72 -14.55
CA ALA B 274 -12.81 13.03 -14.78
C ALA B 274 -13.24 12.24 -13.55
N SER B 275 -14.51 11.84 -13.54
CA SER B 275 -15.02 11.03 -12.45
C SER B 275 -15.87 9.97 -13.13
N SER B 276 -15.90 8.80 -12.52
CA SER B 276 -16.66 7.72 -13.11
C SER B 276 -17.42 6.87 -12.11
N TYR B 277 -18.61 6.45 -12.51
CA TYR B 277 -19.50 5.63 -11.70
C TYR B 277 -19.54 4.21 -12.26
N SER B 278 -18.81 3.95 -13.34
CA SER B 278 -18.81 2.64 -13.96
C SER B 278 -17.45 1.98 -14.13
N THR B 279 -16.44 2.51 -13.45
CA THR B 279 -15.12 1.92 -13.54
C THR B 279 -14.49 1.78 -12.17
N THR B 280 -13.76 0.68 -12.00
CA THR B 280 -13.07 0.33 -10.76
C THR B 280 -12.39 1.51 -10.05
N THR B 281 -12.49 1.50 -8.73
CA THR B 281 -11.92 2.54 -7.89
C THR B 281 -10.63 3.17 -8.37
N THR B 282 -10.61 4.49 -8.35
CA THR B 282 -9.45 5.25 -8.76
C THR B 282 -9.46 6.58 -8.02
N SER B 283 -8.27 6.99 -7.59
CA SER B 283 -8.08 8.24 -6.87
C SER B 283 -6.60 8.59 -7.11
N ARG B 284 -6.36 9.24 -8.23
CA ARG B 284 -5.01 9.61 -8.65
C ARG B 284 -4.93 11.07 -9.08
N PHE B 285 -4.04 11.81 -8.44
CA PHE B 285 -3.82 13.21 -8.77
C PHE B 285 -2.37 13.27 -9.24
N SER B 286 -2.08 14.19 -10.16
CA SER B 286 -0.74 14.37 -10.68
C SER B 286 -0.51 15.86 -10.88
N VAL B 287 0.60 16.38 -10.39
CA VAL B 287 0.88 17.78 -10.57
C VAL B 287 2.23 17.92 -11.23
N GLN B 288 2.21 18.43 -12.47
CA GLN B 288 3.41 18.64 -13.28
C GLN B 288 3.95 20.05 -13.24
N GLY B 289 5.20 20.18 -12.81
CA GLY B 289 5.83 21.48 -12.76
C GLY B 289 6.92 21.53 -13.80
N ASP B 290 7.63 22.65 -13.87
CA ASP B 290 8.69 22.76 -14.84
C ASP B 290 9.95 22.17 -14.22
N LYS B 291 9.92 21.93 -12.91
CA LYS B 291 11.07 21.36 -12.21
C LYS B 291 10.89 19.87 -11.89
N ALA B 292 9.67 19.46 -11.56
CA ALA B 292 9.39 18.07 -11.24
C ALA B 292 7.91 17.74 -11.32
N VAL B 293 7.60 16.46 -11.15
CA VAL B 293 6.22 16.00 -11.21
C VAL B 293 5.85 15.26 -9.94
N LEU B 294 4.63 15.55 -9.45
CA LEU B 294 4.12 14.94 -8.25
C LEU B 294 2.92 14.02 -8.54
N LEU B 295 3.00 12.79 -8.07
CA LEU B 295 1.92 11.83 -8.25
C LEU B 295 1.43 11.40 -6.89
N MET B 296 0.10 11.39 -6.75
CA MET B 296 -0.57 10.99 -5.52
C MET B 296 -1.42 9.80 -5.94
N ASP B 297 -1.16 8.64 -5.37
CA ASP B 297 -1.92 7.46 -5.73
C ASP B 297 -1.73 6.34 -4.70
N PRO B 298 -2.74 6.11 -3.85
CA PRO B 298 -4.04 6.79 -3.76
C PRO B 298 -3.86 8.24 -3.30
N ALA B 299 -4.74 9.12 -3.76
CA ALA B 299 -4.69 10.54 -3.40
C ALA B 299 -5.72 10.87 -2.31
N THR B 300 -6.87 10.20 -2.37
CA THR B 300 -7.91 10.47 -1.40
C THR B 300 -8.56 9.19 -0.89
N GLY B 301 -7.74 8.23 -0.48
CA GLY B 301 -8.27 6.98 0.03
C GLY B 301 -8.70 7.16 1.47
N TYR B 302 -9.22 6.10 2.08
CA TYR B 302 -9.65 6.17 3.47
C TYR B 302 -8.54 5.86 4.45
N TYR B 303 -7.48 5.20 3.99
CA TYR B 303 -6.42 4.82 4.90
C TYR B 303 -5.04 5.41 4.67
N GLN B 304 -4.28 4.86 3.72
CA GLN B 304 -2.95 5.39 3.48
C GLN B 304 -2.78 5.94 2.07
N ASN B 305 -2.67 7.26 1.95
CA ASN B 305 -2.46 7.89 0.66
C ASN B 305 -0.96 7.88 0.42
N LEU B 306 -0.55 7.66 -0.84
CA LEU B 306 0.86 7.59 -1.19
C LEU B 306 1.22 8.69 -2.17
N ILE B 307 2.36 9.33 -1.95
CA ILE B 307 2.79 10.37 -2.85
C ILE B 307 4.23 10.17 -3.32
N SER B 308 4.42 10.36 -4.61
CA SER B 308 5.73 10.19 -5.20
C SER B 308 6.10 11.44 -5.99
N VAL B 309 7.40 11.72 -6.08
CA VAL B 309 7.88 12.88 -6.83
C VAL B 309 8.90 12.47 -7.86
N GLN B 310 8.48 12.47 -9.12
CA GLN B 310 9.34 12.11 -10.24
C GLN B 310 10.08 13.36 -10.71
N THR B 311 11.41 13.39 -10.55
CA THR B 311 12.17 14.54 -11.00
C THR B 311 13.13 14.16 -12.14
N PRO B 312 13.19 14.96 -13.21
CA PRO B 312 14.05 14.73 -14.37
C PRO B 312 15.43 14.14 -14.08
N GLY B 313 15.83 13.18 -14.91
CA GLY B 313 17.13 12.55 -14.74
C GLY B 313 17.19 11.60 -13.57
N HIS B 314 16.74 12.07 -12.41
CA HIS B 314 16.74 11.27 -11.19
C HIS B 314 15.56 10.30 -11.21
N ALA B 315 15.66 9.23 -10.44
CA ALA B 315 14.61 8.21 -10.38
C ALA B 315 13.36 8.61 -9.59
N ASN B 316 12.45 7.64 -9.44
CA ASN B 316 11.19 7.80 -8.73
C ASN B 316 11.41 7.81 -7.21
N GLN B 317 11.27 8.99 -6.61
CA GLN B 317 11.50 9.16 -5.19
C GLN B 317 10.21 9.26 -4.39
N SER B 318 9.78 8.14 -3.82
CA SER B 318 8.57 8.13 -3.02
C SER B 318 8.78 9.07 -1.84
N MET B 319 7.70 9.63 -1.33
CA MET B 319 7.81 10.53 -0.19
C MET B 319 6.99 9.99 0.98
N MET B 320 7.70 9.56 2.02
CA MET B 320 7.07 8.99 3.20
C MET B 320 7.56 9.80 4.38
N MET B 325 5.11 11.54 10.62
CA MET B 325 4.32 10.80 11.60
C MET B 325 3.56 11.74 12.55
N PRO B 326 2.24 11.51 12.72
CA PRO B 326 1.43 10.46 12.10
C PRO B 326 1.09 10.79 10.64
N ALA B 327 0.41 9.87 9.96
CA ALA B 327 0.03 10.07 8.57
C ALA B 327 -1.27 9.37 8.26
N ASN B 328 -1.86 8.77 9.29
CA ASN B 328 -3.11 8.04 9.15
C ASN B 328 -4.05 8.47 10.27
N ASN B 329 -4.67 9.64 10.11
CA ASN B 329 -5.60 10.16 11.11
C ASN B 329 -6.45 11.32 10.62
N GLN B 330 -6.79 11.31 9.33
CA GLN B 330 -7.59 12.41 8.77
C GLN B 330 -8.93 12.60 9.47
N PHE B 331 -9.66 11.52 9.75
CA PHE B 331 -10.95 11.64 10.41
C PHE B 331 -10.82 12.31 11.77
N SER B 332 -9.95 11.77 12.61
CA SER B 332 -9.76 12.35 13.93
C SER B 332 -9.46 13.83 13.77
N ALA B 333 -8.37 14.13 13.08
CA ALA B 333 -7.93 15.50 12.86
C ALA B 333 -9.08 16.38 12.37
N GLN B 334 -9.95 15.83 11.54
CA GLN B 334 -11.07 16.60 11.03
C GLN B 334 -12.06 16.88 12.16
N LEU B 335 -12.35 15.86 12.96
CA LEU B 335 -13.29 16.00 14.07
C LEU B 335 -12.79 16.98 15.12
N ASP B 336 -11.51 16.86 15.47
CA ASP B 336 -10.91 17.75 16.45
C ASP B 336 -10.72 19.15 15.89
N HIS B 337 -10.53 19.25 14.59
CA HIS B 337 -10.34 20.58 14.02
C HIS B 337 -11.58 21.43 14.32
N LEU B 338 -12.76 20.81 14.26
CA LEU B 338 -13.97 21.58 14.54
C LEU B 338 -14.04 21.90 16.03
N ALA B 339 -13.48 21.00 16.84
CA ALA B 339 -13.47 21.19 18.28
C ALA B 339 -12.56 22.37 18.61
N GLU B 340 -11.32 22.28 18.18
CA GLU B 340 -10.36 23.33 18.44
C GLU B 340 -10.84 24.69 17.99
N ALA B 341 -11.34 24.79 16.75
CA ALA B 341 -11.81 26.07 16.23
C ALA B 341 -12.74 26.75 17.23
N VAL B 342 -13.73 26.01 17.70
CA VAL B 342 -14.67 26.57 18.66
C VAL B 342 -13.91 26.86 19.93
N ILE B 343 -13.44 25.80 20.58
CA ILE B 343 -12.68 25.89 21.82
C ILE B 343 -11.65 27.00 21.82
N ASN B 344 -11.11 27.33 20.65
CA ASN B 344 -10.10 28.38 20.55
C ASN B 344 -10.49 29.39 19.48
N ASN B 345 -11.36 30.32 19.83
CA ASN B 345 -11.83 31.33 18.88
C ASN B 345 -10.92 31.50 17.67
N LYS B 346 -11.15 30.62 16.69
CA LYS B 346 -10.42 30.60 15.44
C LYS B 346 -11.38 30.04 14.39
N PRO B 347 -11.15 30.36 13.12
CA PRO B 347 -12.02 29.87 12.06
C PRO B 347 -11.61 28.48 11.56
N VAL B 348 -12.56 27.78 10.94
CA VAL B 348 -12.28 26.46 10.40
C VAL B 348 -11.64 26.57 9.01
N ARG B 349 -10.77 25.61 8.69
CA ARG B 349 -10.06 25.59 7.40
C ARG B 349 -10.94 25.18 6.23
N SER B 350 -12.13 24.65 6.53
CA SER B 350 -13.06 24.23 5.49
C SER B 350 -14.44 24.83 5.75
N PRO B 351 -14.53 26.18 5.73
CA PRO B 351 -15.78 26.90 5.97
C PRO B 351 -16.87 26.61 4.95
N GLY B 352 -18.07 27.09 5.23
CA GLY B 352 -19.19 26.89 4.31
C GLY B 352 -18.87 27.57 2.99
N GLU B 353 -18.08 28.65 3.04
CA GLU B 353 -17.69 29.37 1.84
C GLU B 353 -16.98 28.47 0.84
N GLU B 354 -15.97 27.75 1.32
CA GLU B 354 -15.17 26.83 0.51
C GLU B 354 -16.02 25.73 -0.12
N GLY B 355 -17.08 25.33 0.55
CA GLY B 355 -17.96 24.29 0.02
C GLY B 355 -18.84 24.86 -1.07
N MET B 356 -19.27 26.10 -0.89
CA MET B 356 -20.12 26.78 -1.87
C MET B 356 -19.37 26.89 -3.19
N GLN B 357 -18.10 27.30 -3.12
CA GLN B 357 -17.24 27.44 -4.29
C GLN B 357 -17.21 26.17 -5.14
N ASP B 358 -17.17 25.01 -4.51
CA ASP B 358 -17.15 23.78 -5.29
C ASP B 358 -18.51 23.53 -5.97
N VAL B 359 -19.60 23.76 -5.25
CA VAL B 359 -20.93 23.55 -5.83
C VAL B 359 -21.19 24.55 -6.95
N ARG B 360 -20.62 25.74 -6.82
CA ARG B 360 -20.79 26.76 -7.84
C ARG B 360 -20.03 26.33 -9.09
N LEU B 361 -18.78 25.90 -8.88
CA LEU B 361 -17.93 25.43 -9.97
C LEU B 361 -18.56 24.22 -10.64
N ILE B 362 -19.11 23.31 -9.84
CA ILE B 362 -19.72 22.09 -10.35
C ILE B 362 -20.91 22.44 -11.25
N GLN B 363 -21.62 23.49 -10.86
CA GLN B 363 -22.76 23.97 -11.63
C GLN B 363 -22.18 24.49 -12.94
N ALA B 364 -21.12 25.29 -12.81
CA ALA B 364 -20.44 25.83 -13.98
C ALA B 364 -20.04 24.68 -14.89
N ILE B 365 -19.42 23.66 -14.31
CA ILE B 365 -18.99 22.50 -15.07
C ILE B 365 -20.15 21.77 -15.76
N TYR B 366 -21.26 21.60 -15.06
CA TYR B 366 -22.42 20.93 -15.65
C TYR B 366 -22.98 21.74 -16.82
N GLU B 367 -22.94 23.07 -16.70
CA GLU B 367 -23.43 23.92 -17.78
C GLU B 367 -22.46 23.89 -18.94
N ALA B 368 -21.18 23.77 -18.64
CA ALA B 368 -20.17 23.71 -19.67
C ALA B 368 -20.48 22.48 -20.50
N ALA B 369 -20.68 21.35 -19.81
CA ALA B 369 -20.97 20.08 -20.47
C ALA B 369 -22.26 20.13 -21.29
N ARG B 370 -23.23 20.92 -20.81
CA ARG B 370 -24.51 21.06 -21.50
C ARG B 370 -24.41 21.95 -22.74
N THR B 371 -24.03 23.20 -22.53
CA THR B 371 -23.90 24.13 -23.63
C THR B 371 -22.82 23.63 -24.58
N GLY B 372 -21.72 23.17 -24.01
CA GLY B 372 -20.62 22.71 -24.84
C GLY B 372 -19.67 23.88 -25.02
N ARG B 373 -19.91 24.94 -24.27
CA ARG B 373 -19.07 26.13 -24.37
C ARG B 373 -18.25 26.34 -23.09
N PRO B 374 -17.17 27.13 -23.18
CA PRO B 374 -16.36 27.37 -21.98
C PRO B 374 -17.24 28.24 -21.06
N VAL B 375 -16.99 28.16 -19.76
CA VAL B 375 -17.76 28.94 -18.82
C VAL B 375 -16.82 29.71 -17.92
N ASN B 376 -16.91 31.04 -17.98
CA ASN B 376 -16.08 31.92 -17.17
C ASN B 376 -16.49 31.73 -15.71
N THR B 377 -15.49 31.52 -14.85
CA THR B 377 -15.74 31.33 -13.42
C THR B 377 -14.94 32.36 -12.63
N ASP B 378 -14.35 33.30 -13.35
CA ASP B 378 -13.55 34.36 -12.75
C ASP B 378 -14.49 35.27 -12.00
N TRP B 379 -15.03 34.78 -10.88
CA TRP B 379 -15.97 35.56 -10.11
C TRP B 379 -15.43 36.12 -8.80
N GLY B 380 -14.12 36.04 -8.59
CA GLY B 380 -13.53 36.61 -7.41
C GLY B 380 -13.60 35.91 -6.06
N TYR B 381 -13.73 34.60 -6.07
CA TYR B 381 -13.77 33.87 -4.80
C TYR B 381 -12.35 33.81 -4.25
N VAL B 382 -12.11 34.45 -3.12
CA VAL B 382 -10.79 34.40 -2.51
C VAL B 382 -10.81 33.26 -1.49
N ARG B 383 -9.66 32.61 -1.28
CA ARG B 383 -9.59 31.51 -0.33
C ARG B 383 -9.33 32.03 1.08
N GLN B 384 -10.40 32.36 1.78
CA GLN B 384 -10.30 32.88 3.13
C GLN B 384 -9.47 31.99 4.04
N GLY B 385 -8.19 32.31 4.18
CA GLY B 385 -7.32 31.54 5.05
C GLY B 385 -6.20 30.70 4.48
N GLY B 386 -6.28 30.38 3.19
CA GLY B 386 -5.26 29.55 2.57
C GLY B 386 -5.78 28.17 2.25
N TYR B 387 -5.18 27.53 1.25
CA TYR B 387 -5.61 26.19 0.83
C TYR B 387 -4.97 25.09 1.67
N ARG C 36 -35.98 -8.21 30.14
CA ARG C 36 -35.44 -7.82 31.48
C ARG C 36 -35.85 -8.84 32.53
N ARG C 37 -36.01 -10.08 32.11
CA ARG C 37 -36.42 -11.18 32.99
C ARG C 37 -35.25 -11.83 33.72
N PHE C 38 -34.02 -11.44 33.38
CA PHE C 38 -32.79 -12.00 33.97
C PHE C 38 -32.05 -11.00 34.86
N GLY C 39 -31.96 -11.32 36.15
CA GLY C 39 -31.26 -10.43 37.07
C GLY C 39 -29.83 -10.88 37.30
N TYR C 40 -28.95 -9.95 37.61
CA TYR C 40 -27.55 -10.28 37.84
C TYR C 40 -27.04 -9.79 39.19
N ALA C 41 -26.16 -10.58 39.80
CA ALA C 41 -25.55 -10.24 41.07
C ALA C 41 -24.06 -10.10 40.80
N ILE C 42 -23.56 -8.87 40.84
CA ILE C 42 -22.14 -8.64 40.58
C ILE C 42 -21.28 -8.67 41.83
N VAL C 43 -20.30 -9.57 41.81
CA VAL C 43 -19.39 -9.75 42.93
C VAL C 43 -18.06 -9.09 42.62
N GLY C 44 -17.54 -8.34 43.58
CA GLY C 44 -16.27 -7.67 43.38
C GLY C 44 -16.43 -6.43 42.54
N LEU C 45 -16.22 -5.27 43.15
CA LEU C 45 -16.35 -4.02 42.42
C LEU C 45 -14.96 -3.52 42.02
N GLY C 46 -14.45 -4.09 40.91
CA GLY C 46 -13.15 -3.71 40.41
C GLY C 46 -13.21 -3.08 39.02
N LYS C 47 -12.05 -2.98 38.38
CA LYS C 47 -11.96 -2.39 37.05
C LYS C 47 -12.92 -3.00 36.04
N TYR C 48 -12.72 -4.27 35.69
CA TYR C 48 -13.59 -4.92 34.71
C TYR C 48 -15.04 -4.73 35.16
N ALA C 49 -15.27 -4.92 36.45
CA ALA C 49 -16.61 -4.78 37.04
C ALA C 49 -17.23 -3.42 36.69
N LEU C 50 -16.61 -2.35 37.19
CA LEU C 50 -17.11 -0.99 36.97
C LEU C 50 -16.79 -0.42 35.58
N ASN C 51 -15.51 -0.40 35.22
CA ASN C 51 -15.08 0.15 33.94
C ASN C 51 -15.75 -0.46 32.70
N GLN C 52 -15.99 -1.77 32.68
CA GLN C 52 -16.60 -2.37 31.49
C GLN C 52 -17.88 -3.19 31.68
N ILE C 53 -18.02 -3.90 32.79
CA ILE C 53 -19.23 -4.73 32.97
C ILE C 53 -20.53 -3.99 33.31
N LEU C 54 -20.53 -3.20 34.38
CA LEU C 54 -21.74 -2.46 34.75
C LEU C 54 -22.21 -1.53 33.63
N PRO C 55 -21.29 -0.73 33.06
CA PRO C 55 -21.64 0.18 31.96
C PRO C 55 -22.11 -0.64 30.78
N GLY C 56 -21.65 -1.89 30.74
CA GLY C 56 -22.00 -2.81 29.68
C GLY C 56 -23.45 -3.22 29.73
N PHE C 57 -24.05 -3.13 30.91
CA PHE C 57 -25.45 -3.48 31.07
C PHE C 57 -26.32 -2.49 30.32
N ALA C 58 -25.82 -1.26 30.20
CA ALA C 58 -26.53 -0.19 29.53
C ALA C 58 -26.91 -0.54 28.10
N GLY C 59 -26.47 -1.70 27.62
CA GLY C 59 -26.79 -2.12 26.27
C GLY C 59 -27.52 -3.46 26.21
N CYS C 60 -27.76 -4.02 27.39
CA CYS C 60 -28.43 -5.32 27.51
C CYS C 60 -29.92 -5.25 27.21
N GLN C 61 -30.42 -6.29 26.56
CA GLN C 61 -31.83 -6.39 26.18
C GLN C 61 -32.58 -7.37 27.07
N HIS C 62 -31.84 -8.21 27.79
CA HIS C 62 -32.46 -9.21 28.66
C HIS C 62 -31.83 -9.28 30.05
N SER C 63 -30.92 -8.36 30.37
CA SER C 63 -30.27 -8.40 31.69
C SER C 63 -30.29 -7.09 32.47
N ARG C 64 -30.04 -7.18 33.78
CA ARG C 64 -30.03 -6.02 34.65
C ARG C 64 -29.18 -6.26 35.89
N ILE C 65 -28.56 -5.19 36.39
CA ILE C 65 -27.71 -5.27 37.58
C ILE C 65 -28.60 -5.46 38.81
N GLU C 66 -29.21 -6.64 38.93
CA GLU C 66 -30.10 -6.93 40.05
C GLU C 66 -29.57 -6.48 41.41
N ALA C 67 -28.39 -6.97 41.79
CA ALA C 67 -27.81 -6.60 43.08
C ALA C 67 -26.29 -6.60 43.05
N LEU C 68 -25.70 -6.06 44.12
CA LEU C 68 -24.24 -5.99 44.23
C LEU C 68 -23.71 -6.87 45.36
N VAL C 69 -22.40 -7.10 45.34
CA VAL C 69 -21.69 -7.89 46.35
C VAL C 69 -20.32 -7.22 46.48
N SER C 70 -20.00 -6.75 47.68
CA SER C 70 -18.72 -6.08 47.88
C SER C 70 -18.19 -6.16 49.31
N GLY C 71 -16.92 -5.81 49.47
CA GLY C 71 -16.30 -5.82 50.78
C GLY C 71 -16.01 -4.38 51.17
N ASN C 72 -16.73 -3.47 50.52
CA ASN C 72 -16.60 -2.04 50.75
C ASN C 72 -17.97 -1.41 50.53
N ALA C 73 -18.85 -1.56 51.50
CA ALA C 73 -20.21 -1.03 51.43
C ALA C 73 -20.23 0.41 50.92
N GLU C 74 -19.28 1.21 51.40
CA GLU C 74 -19.17 2.60 50.99
C GLU C 74 -19.24 2.64 49.47
N LYS C 75 -18.15 2.19 48.84
CA LYS C 75 -18.06 2.13 47.39
C LYS C 75 -19.33 1.49 46.83
N ALA C 76 -19.70 0.35 47.40
CA ALA C 76 -20.91 -0.37 46.97
C ALA C 76 -22.07 0.60 46.83
N LYS C 77 -22.26 1.42 47.86
CA LYS C 77 -23.32 2.41 47.87
C LYS C 77 -23.17 3.30 46.63
N ILE C 78 -22.07 4.03 46.61
CA ILE C 78 -21.77 4.93 45.51
C ILE C 78 -22.15 4.28 44.19
N VAL C 79 -21.77 3.02 44.02
CA VAL C 79 -22.07 2.29 42.80
C VAL C 79 -23.54 1.93 42.73
N ALA C 80 -24.00 1.14 43.69
CA ALA C 80 -25.40 0.72 43.75
C ALA C 80 -26.29 1.92 43.51
N ALA C 81 -25.86 3.07 44.00
CA ALA C 81 -26.60 4.31 43.83
C ALA C 81 -26.76 4.62 42.35
N GLU C 82 -25.66 4.96 41.72
CA GLU C 82 -25.62 5.32 40.30
C GLU C 82 -26.44 4.45 39.36
N TYR C 83 -26.13 3.16 39.32
CA TYR C 83 -26.84 2.22 38.44
C TYR C 83 -28.27 1.95 38.90
N GLY C 84 -28.68 2.56 40.01
CA GLY C 84 -30.02 2.37 40.52
C GLY C 84 -30.27 0.99 41.08
N VAL C 85 -29.59 0.67 42.17
CA VAL C 85 -29.74 -0.63 42.81
C VAL C 85 -30.27 -0.47 44.24
N ASP C 86 -31.29 -1.25 44.57
CA ASP C 86 -31.89 -1.19 45.89
C ASP C 86 -30.79 -1.50 46.91
N PRO C 87 -30.35 -0.50 47.69
CA PRO C 87 -29.31 -0.70 48.70
C PRO C 87 -29.66 -1.79 49.70
N ARG C 88 -30.87 -2.33 49.55
CA ARG C 88 -31.40 -3.39 50.39
C ARG C 88 -30.86 -4.73 49.88
N LYS C 89 -30.02 -4.66 48.85
CA LYS C 89 -29.43 -5.85 48.25
C LYS C 89 -27.91 -5.69 48.07
N ILE C 90 -27.28 -4.87 48.90
CA ILE C 90 -25.84 -4.66 48.85
C ILE C 90 -25.16 -5.63 49.81
N TYR C 91 -25.18 -6.92 49.47
CA TYR C 91 -24.58 -7.96 50.30
C TYR C 91 -23.08 -7.75 50.39
N ASP C 92 -22.40 -8.71 51.02
CA ASP C 92 -20.95 -8.68 51.15
C ASP C 92 -20.45 -10.12 51.04
N TYR C 93 -19.19 -10.36 51.39
CA TYR C 93 -18.64 -11.70 51.25
C TYR C 93 -18.89 -12.66 52.40
N SER C 94 -20.16 -12.78 52.80
CA SER C 94 -20.56 -13.67 53.89
C SER C 94 -22.06 -13.88 53.84
N ASN C 95 -22.82 -12.78 53.86
CA ASN C 95 -24.27 -12.88 53.78
C ASN C 95 -24.58 -13.24 52.34
N PHE C 96 -23.53 -13.26 51.53
CA PHE C 96 -23.63 -13.58 50.12
C PHE C 96 -24.65 -14.69 49.86
N ASP C 97 -24.73 -15.66 50.77
CA ASP C 97 -25.67 -16.77 50.61
C ASP C 97 -27.13 -16.38 50.53
N LYS C 98 -27.53 -15.35 51.29
CA LYS C 98 -28.92 -14.90 51.30
C LYS C 98 -29.52 -14.86 49.90
N ILE C 99 -28.69 -14.60 48.90
CA ILE C 99 -29.13 -14.52 47.50
C ILE C 99 -30.15 -15.59 47.11
N ALA C 100 -30.19 -16.70 47.86
CA ALA C 100 -31.14 -17.75 47.56
C ALA C 100 -32.55 -17.22 47.84
N LYS C 101 -32.64 -16.28 48.77
CA LYS C 101 -33.89 -15.66 49.18
C LYS C 101 -34.58 -14.91 48.03
N ASP C 102 -33.84 -14.02 47.38
CA ASP C 102 -34.35 -13.20 46.28
C ASP C 102 -34.58 -14.00 45.00
N PRO C 103 -35.84 -14.13 44.55
CA PRO C 103 -36.18 -14.87 43.33
C PRO C 103 -36.04 -14.01 42.08
N LYS C 104 -35.54 -12.78 42.27
CA LYS C 104 -35.33 -11.85 41.17
C LYS C 104 -33.92 -12.05 40.64
N ILE C 105 -33.04 -12.48 41.54
CA ILE C 105 -31.63 -12.73 41.21
C ILE C 105 -31.43 -14.09 40.56
N ASP C 106 -31.59 -14.14 39.23
CA ASP C 106 -31.43 -15.39 38.49
C ASP C 106 -30.02 -15.96 38.54
N ALA C 107 -29.01 -15.15 38.20
CA ALA C 107 -27.64 -15.64 38.21
C ALA C 107 -26.65 -14.68 38.87
N VAL C 108 -25.46 -15.19 39.12
CA VAL C 108 -24.40 -14.40 39.73
C VAL C 108 -23.23 -14.29 38.74
N TYR C 109 -22.52 -13.18 38.80
CA TYR C 109 -21.39 -12.91 37.92
C TYR C 109 -20.19 -12.58 38.81
N ILE C 110 -19.23 -13.48 38.88
CA ILE C 110 -18.05 -13.28 39.71
C ILE C 110 -16.98 -12.47 38.96
N ILE C 111 -16.41 -11.50 39.64
CA ILE C 111 -15.39 -10.62 39.07
C ILE C 111 -14.31 -10.42 40.11
N LEU C 112 -14.01 -11.48 40.85
CA LEU C 112 -12.98 -11.42 41.89
C LEU C 112 -11.66 -12.00 41.36
N PRO C 113 -10.59 -11.91 42.16
CA PRO C 113 -9.30 -12.46 41.72
C PRO C 113 -9.50 -13.93 41.35
N ASN C 114 -8.54 -14.48 40.61
CA ASN C 114 -8.63 -15.86 40.18
C ASN C 114 -8.72 -16.86 41.32
N SER C 115 -7.92 -16.64 42.37
CA SER C 115 -7.89 -17.55 43.51
C SER C 115 -9.23 -17.71 44.25
N LEU C 116 -10.16 -16.79 44.03
CA LEU C 116 -11.45 -16.87 44.71
C LEU C 116 -12.61 -17.24 43.79
N HIS C 117 -12.31 -17.56 42.54
CA HIS C 117 -13.34 -17.92 41.58
C HIS C 117 -14.16 -19.15 41.96
N ALA C 118 -13.46 -20.23 42.29
CA ALA C 118 -14.14 -21.48 42.65
C ALA C 118 -15.02 -21.35 43.89
N GLU C 119 -14.44 -20.82 44.96
CA GLU C 119 -15.14 -20.65 46.21
C GLU C 119 -16.57 -20.18 46.00
N PHE C 120 -16.72 -18.94 45.54
CA PHE C 120 -18.03 -18.35 45.32
C PHE C 120 -18.87 -18.95 44.21
N ALA C 121 -18.24 -19.56 43.22
CA ALA C 121 -18.99 -20.16 42.13
C ALA C 121 -19.90 -21.22 42.74
N ILE C 122 -19.34 -21.97 43.69
CA ILE C 122 -20.07 -23.03 44.37
C ILE C 122 -21.00 -22.41 45.43
N ARG C 123 -20.46 -21.51 46.25
CA ARG C 123 -21.26 -20.84 47.26
C ARG C 123 -22.49 -20.29 46.58
N ALA C 124 -22.33 -19.88 45.33
CA ALA C 124 -23.43 -19.32 44.55
C ALA C 124 -24.30 -20.41 43.90
N PHE C 125 -23.72 -21.58 43.65
CA PHE C 125 -24.50 -22.65 43.05
C PHE C 125 -25.43 -23.30 44.06
N LYS C 126 -24.94 -23.41 45.29
CA LYS C 126 -25.74 -23.98 46.36
C LYS C 126 -26.73 -22.92 46.82
N ALA C 127 -27.27 -22.20 45.83
CA ALA C 127 -28.24 -21.14 46.09
C ALA C 127 -29.25 -21.04 44.95
N GLY C 128 -29.10 -21.91 43.95
CA GLY C 128 -30.01 -21.90 42.83
C GLY C 128 -29.77 -20.83 41.78
N LYS C 129 -28.62 -20.17 41.84
CA LYS C 129 -28.31 -19.12 40.89
C LYS C 129 -27.28 -19.57 39.87
N HIS C 130 -27.52 -19.28 38.60
CA HIS C 130 -26.59 -19.66 37.55
C HIS C 130 -25.31 -18.86 37.78
N VAL C 131 -24.21 -19.30 37.17
CA VAL C 131 -22.95 -18.61 37.34
C VAL C 131 -22.27 -18.16 36.05
N MET C 132 -21.59 -17.02 36.16
CA MET C 132 -20.84 -16.41 35.07
C MET C 132 -19.53 -15.98 35.74
N CYS C 133 -18.48 -16.77 35.55
CA CYS C 133 -17.20 -16.44 36.16
C CYS C 133 -16.27 -15.80 35.13
N GLU C 134 -15.39 -14.93 35.63
CA GLU C 134 -14.44 -14.25 34.78
C GLU C 134 -13.29 -15.20 34.50
N LYS C 135 -12.47 -14.86 33.51
CA LYS C 135 -11.32 -15.67 33.14
C LYS C 135 -10.10 -15.14 33.90
N PRO C 136 -9.14 -16.03 34.22
CA PRO C 136 -9.12 -17.47 33.96
C PRO C 136 -10.07 -18.19 34.92
N MET C 137 -10.75 -19.22 34.44
CA MET C 137 -11.71 -19.97 35.26
C MET C 137 -11.31 -20.19 36.72
N ALA C 138 -10.11 -20.68 36.95
CA ALA C 138 -9.62 -20.93 38.30
C ALA C 138 -8.09 -20.95 38.33
N THR C 139 -7.52 -21.26 39.49
CA THR C 139 -6.07 -21.32 39.62
C THR C 139 -5.54 -22.77 39.67
N SER C 140 -6.37 -23.73 39.25
CA SER C 140 -5.99 -25.14 39.21
C SER C 140 -7.02 -25.92 38.39
N VAL C 141 -6.61 -27.02 37.77
CA VAL C 141 -7.55 -27.80 36.97
C VAL C 141 -8.56 -28.48 37.88
N ALA C 142 -8.13 -28.78 39.09
CA ALA C 142 -8.99 -29.43 40.07
C ALA C 142 -10.20 -28.56 40.40
N ASP C 143 -9.94 -27.38 40.96
CA ASP C 143 -11.01 -26.47 41.32
C ASP C 143 -11.96 -26.22 40.17
N CYS C 144 -11.44 -26.16 38.95
CA CYS C 144 -12.31 -25.92 37.80
C CYS C 144 -13.34 -27.03 37.74
N GLN C 145 -12.89 -28.25 38.04
CA GLN C 145 -13.77 -29.42 38.00
C GLN C 145 -14.81 -29.33 39.11
N ARG C 146 -14.37 -28.98 40.33
CA ARG C 146 -15.29 -28.83 41.45
C ARG C 146 -16.40 -27.89 41.00
N MET C 147 -16.01 -26.83 40.30
CA MET C 147 -16.93 -25.81 39.81
C MET C 147 -17.91 -26.37 38.78
N ILE C 148 -17.46 -27.31 37.97
CA ILE C 148 -18.34 -27.90 36.97
C ILE C 148 -19.32 -28.83 37.70
N ASP C 149 -18.86 -29.45 38.78
CA ASP C 149 -19.72 -30.35 39.53
C ASP C 149 -20.86 -29.62 40.21
N ALA C 150 -20.52 -28.69 41.10
CA ALA C 150 -21.52 -27.90 41.83
C ALA C 150 -22.58 -27.37 40.87
N ALA C 151 -22.15 -26.97 39.68
CA ALA C 151 -23.05 -26.46 38.66
C ALA C 151 -24.07 -27.51 38.25
N LYS C 152 -23.61 -28.74 38.05
CA LYS C 152 -24.48 -29.85 37.66
C LYS C 152 -25.37 -30.30 38.81
N ALA C 153 -24.92 -30.06 40.03
CA ALA C 153 -25.68 -30.44 41.22
C ALA C 153 -26.85 -29.47 41.44
N ALA C 154 -26.64 -28.19 41.16
CA ALA C 154 -27.68 -27.18 41.34
C ALA C 154 -28.50 -27.02 40.07
N ASN C 155 -28.35 -27.97 39.16
CA ASN C 155 -29.06 -27.93 37.88
C ASN C 155 -29.07 -26.50 37.33
N LYS C 156 -27.91 -25.85 37.37
CA LYS C 156 -27.76 -24.49 36.87
C LYS C 156 -26.69 -24.45 35.77
N LYS C 157 -26.59 -23.33 35.08
CA LYS C 157 -25.62 -23.19 34.00
C LYS C 157 -24.35 -22.48 34.42
N LEU C 158 -23.22 -22.90 33.84
CA LEU C 158 -21.93 -22.31 34.14
C LEU C 158 -21.31 -21.77 32.86
N MET C 159 -21.07 -20.48 32.83
CA MET C 159 -20.48 -19.80 31.68
C MET C 159 -19.28 -18.96 32.10
N ILE C 160 -18.17 -19.14 31.40
CA ILE C 160 -16.94 -18.41 31.70
C ILE C 160 -16.92 -17.12 30.87
N GLY C 161 -16.40 -16.05 31.47
CA GLY C 161 -16.36 -14.74 30.81
C GLY C 161 -15.40 -14.50 29.64
N TYR C 162 -15.68 -15.11 28.49
CA TYR C 162 -14.86 -14.93 27.30
C TYR C 162 -15.57 -13.95 26.36
N ARG C 163 -15.37 -12.67 26.58
CA ARG C 163 -16.00 -11.65 25.74
C ARG C 163 -15.74 -11.84 24.25
N CYS C 164 -14.52 -12.26 23.94
CA CYS C 164 -14.13 -12.46 22.56
C CYS C 164 -14.96 -13.54 21.88
N HIS C 165 -15.72 -14.28 22.68
CA HIS C 165 -16.58 -15.33 22.14
C HIS C 165 -17.87 -14.68 21.63
N TYR C 166 -18.06 -13.42 21.98
CA TYR C 166 -19.24 -12.67 21.59
C TYR C 166 -18.90 -11.31 20.99
N ASP C 167 -17.66 -11.15 20.54
CA ASP C 167 -17.18 -9.91 19.94
C ASP C 167 -17.42 -10.00 18.44
N PRO C 168 -18.24 -9.09 17.90
CA PRO C 168 -18.56 -9.08 16.47
C PRO C 168 -17.36 -9.32 15.56
N MET C 169 -16.30 -8.55 15.77
CA MET C 169 -15.09 -8.68 14.95
C MET C 169 -14.48 -10.07 15.04
N ASN C 170 -14.41 -10.62 16.26
CA ASN C 170 -13.83 -11.95 16.44
C ASN C 170 -14.60 -13.03 15.70
N ARG C 171 -15.92 -12.98 15.81
CA ARG C 171 -16.77 -13.96 15.14
C ARG C 171 -16.65 -13.88 13.63
N ALA C 172 -16.47 -12.67 13.11
CA ALA C 172 -16.32 -12.46 11.68
C ALA C 172 -15.05 -13.17 11.20
N ALA C 173 -13.97 -13.04 11.98
CA ALA C 173 -12.70 -13.66 11.64
C ALA C 173 -12.91 -15.16 11.48
N VAL C 174 -13.59 -15.74 12.48
CA VAL C 174 -13.88 -17.17 12.52
C VAL C 174 -14.71 -17.57 11.30
N LYS C 175 -15.71 -16.75 11.00
CA LYS C 175 -16.60 -17.01 9.88
C LYS C 175 -15.81 -17.12 8.58
N LEU C 176 -15.04 -16.09 8.26
CA LEU C 176 -14.26 -16.09 7.03
C LEU C 176 -13.28 -17.26 6.94
N ILE C 177 -12.78 -17.73 8.08
CA ILE C 177 -11.85 -18.86 8.06
C ILE C 177 -12.64 -20.12 7.69
N ARG C 178 -13.80 -20.27 8.32
CA ARG C 178 -14.67 -21.40 8.05
C ARG C 178 -15.09 -21.40 6.58
N GLU C 179 -15.24 -20.21 6.02
CA GLU C 179 -15.62 -20.08 4.61
C GLU C 179 -14.39 -20.24 3.76
N ASN C 180 -13.33 -20.74 4.38
CA ASN C 180 -12.06 -21.01 3.72
C ASN C 180 -11.50 -19.85 2.89
N GLN C 181 -11.52 -18.64 3.43
CA GLN C 181 -10.97 -17.51 2.67
C GLN C 181 -9.45 -17.46 2.79
N LEU C 182 -8.92 -18.07 3.84
CA LEU C 182 -7.48 -18.09 4.07
C LEU C 182 -6.82 -19.36 3.53
N GLY C 183 -7.64 -20.33 3.11
CA GLY C 183 -7.09 -21.57 2.58
C GLY C 183 -6.68 -22.46 3.73
N LYS C 184 -5.73 -23.37 3.52
CA LYS C 184 -5.33 -24.22 4.62
C LYS C 184 -4.49 -23.41 5.62
N LEU C 185 -4.81 -23.58 6.89
CA LEU C 185 -4.12 -22.86 7.97
C LEU C 185 -2.80 -23.53 8.36
N GLY C 186 -1.74 -22.73 8.44
CA GLY C 186 -0.44 -23.29 8.78
C GLY C 186 0.36 -22.58 9.86
N MET C 187 0.13 -21.29 10.05
CA MET C 187 0.87 -20.53 11.06
C MET C 187 0.04 -19.43 11.73
N VAL C 188 0.01 -19.47 13.05
CA VAL C 188 -0.72 -18.48 13.83
C VAL C 188 0.23 -17.79 14.79
N THR C 189 0.13 -16.47 14.87
CA THR C 189 1.00 -15.70 15.75
C THR C 189 0.17 -14.84 16.71
N THR C 190 0.41 -14.98 18.01
CA THR C 190 -0.33 -14.18 18.97
C THR C 190 0.58 -13.42 19.93
N ASP C 191 0.17 -12.22 20.29
CA ASP C 191 0.91 -11.37 21.23
C ASP C 191 -0.05 -10.51 22.02
N ASN C 192 0.00 -10.64 23.34
CA ASN C 192 -0.86 -9.87 24.23
C ASN C 192 -0.03 -9.31 25.38
N SER C 193 0.00 -7.99 25.48
CA SER C 193 0.80 -7.36 26.52
C SER C 193 0.22 -6.11 27.18
N ASP C 194 0.74 -5.80 28.36
CA ASP C 194 0.35 -4.60 29.09
C ASP C 194 1.33 -4.42 30.22
N VAL C 195 1.76 -3.17 30.44
CA VAL C 195 2.71 -2.88 31.50
C VAL C 195 2.07 -3.02 32.87
N MET C 196 2.70 -3.84 33.70
CA MET C 196 2.22 -4.11 35.05
C MET C 196 2.65 -3.05 36.04
N ASP C 197 1.67 -2.35 36.60
CA ASP C 197 1.93 -1.32 37.59
C ASP C 197 1.63 -1.87 38.98
N GLN C 198 2.63 -1.85 39.86
CA GLN C 198 2.44 -2.37 41.21
C GLN C 198 1.77 -1.40 42.19
N ASN C 199 1.22 -0.30 41.66
CA ASN C 199 0.53 0.67 42.52
C ASN C 199 -0.95 0.76 42.15
N ASP C 200 -1.38 -0.11 41.24
CA ASP C 200 -2.76 -0.16 40.80
C ASP C 200 -3.45 -1.29 41.56
N PRO C 201 -4.58 -0.99 42.22
CA PRO C 201 -5.33 -1.99 42.98
C PRO C 201 -5.48 -3.31 42.25
N ALA C 202 -6.37 -3.33 41.25
CA ALA C 202 -6.64 -4.51 40.43
C ALA C 202 -5.38 -5.31 40.10
N GLN C 203 -4.28 -4.61 39.87
CA GLN C 203 -3.02 -5.25 39.51
C GLN C 203 -2.35 -6.02 40.65
N GLN C 204 -2.20 -5.38 41.79
CA GLN C 204 -1.54 -5.97 42.96
C GLN C 204 -1.68 -7.47 43.21
N TRP C 205 -2.89 -8.02 43.15
CA TRP C 205 -3.05 -9.44 43.38
C TRP C 205 -2.52 -10.29 42.22
N ARG C 206 -2.37 -9.66 41.06
CA ARG C 206 -1.88 -10.36 39.88
C ARG C 206 -0.39 -10.61 40.01
N LEU C 207 0.24 -10.00 41.01
CA LEU C 207 1.68 -10.18 41.23
C LEU C 207 1.93 -11.27 42.27
N ARG C 208 0.88 -11.71 42.94
CA ARG C 208 1.01 -12.73 43.96
C ARG C 208 0.63 -14.10 43.41
N ARG C 209 1.54 -15.06 43.54
CA ARG C 209 1.31 -16.41 43.05
C ARG C 209 -0.03 -16.98 43.49
N GLU C 210 -0.21 -17.10 44.81
CA GLU C 210 -1.44 -17.66 45.37
C GLU C 210 -2.75 -17.02 44.88
N LEU C 211 -2.75 -15.70 44.72
CA LEU C 211 -3.95 -14.99 44.27
C LEU C 211 -4.27 -15.12 42.79
N ALA C 212 -3.30 -14.77 41.94
CA ALA C 212 -3.48 -14.82 40.50
C ALA C 212 -3.30 -16.22 39.92
N GLY C 213 -2.43 -16.99 40.55
CA GLY C 213 -2.18 -18.34 40.08
C GLY C 213 -1.38 -18.37 38.80
N GLY C 214 -0.46 -17.41 38.65
CA GLY C 214 0.35 -17.35 37.46
C GLY C 214 0.42 -15.92 36.94
N GLY C 215 1.34 -15.66 36.02
CA GLY C 215 1.50 -14.32 35.48
C GLY C 215 0.78 -14.04 34.18
N SER C 216 1.45 -13.27 33.32
CA SER C 216 0.90 -12.86 32.03
C SER C 216 0.19 -13.94 31.22
N LEU C 217 0.58 -15.19 31.33
CA LEU C 217 -0.10 -16.22 30.55
C LEU C 217 -1.51 -16.44 31.09
N MET C 218 -1.64 -16.45 32.42
CA MET C 218 -2.92 -16.64 33.09
C MET C 218 -3.85 -15.45 32.86
N ASP C 219 -3.34 -14.26 33.12
CA ASP C 219 -4.09 -13.01 33.00
C ASP C 219 -4.46 -12.52 31.60
N ILE C 220 -3.46 -12.35 30.71
CA ILE C 220 -3.77 -11.86 29.36
C ILE C 220 -3.30 -12.75 28.24
N GLY C 221 -2.26 -13.54 28.49
CA GLY C 221 -1.78 -14.42 27.44
C GLY C 221 -2.83 -15.44 27.09
N ILE C 222 -3.78 -15.62 28.00
CA ILE C 222 -4.84 -16.59 27.79
C ILE C 222 -5.69 -16.23 26.57
N TYR C 223 -5.83 -14.94 26.27
CA TYR C 223 -6.62 -14.52 25.11
C TYR C 223 -6.04 -15.06 23.82
N GLY C 224 -4.71 -15.12 23.75
CA GLY C 224 -4.05 -15.61 22.55
C GLY C 224 -4.23 -17.11 22.44
N LEU C 225 -4.05 -17.79 23.57
CA LEU C 225 -4.21 -19.23 23.63
C LEU C 225 -5.62 -19.59 23.18
N ASN C 226 -6.61 -19.06 23.90
CA ASN C 226 -7.99 -19.34 23.57
C ASN C 226 -8.31 -18.89 22.16
N GLY C 227 -7.63 -17.84 21.69
CA GLY C 227 -7.88 -17.36 20.34
C GLY C 227 -7.35 -18.30 19.27
N THR C 228 -6.10 -18.74 19.44
CA THR C 228 -5.51 -19.65 18.47
C THR C 228 -6.43 -20.85 18.30
N ARG C 229 -7.08 -21.24 19.40
CA ARG C 229 -7.98 -22.38 19.38
C ARG C 229 -9.28 -22.16 18.60
N TYR C 230 -10.02 -21.08 18.88
CA TYR C 230 -11.26 -20.89 18.12
C TYR C 230 -11.04 -20.38 16.71
N LEU C 231 -9.83 -19.93 16.41
CA LEU C 231 -9.51 -19.46 15.07
C LEU C 231 -9.11 -20.64 14.21
N LEU C 232 -8.31 -21.54 14.77
CA LEU C 232 -7.86 -22.72 14.04
C LEU C 232 -9.01 -23.69 13.94
N GLY C 233 -9.84 -23.70 14.99
CA GLY C 233 -10.98 -24.60 15.01
C GLY C 233 -10.52 -25.98 15.43
N GLU C 234 -9.53 -26.03 16.33
CA GLU C 234 -9.02 -27.30 16.81
C GLU C 234 -8.19 -27.11 18.07
N GLU C 235 -7.71 -28.22 18.62
CA GLU C 235 -6.92 -28.19 19.85
C GLU C 235 -5.45 -28.50 19.66
N PRO C 236 -4.61 -27.98 20.55
CA PRO C 236 -3.17 -28.23 20.46
C PRO C 236 -2.86 -29.60 21.06
N ILE C 237 -2.19 -30.45 20.29
CA ILE C 237 -1.82 -31.79 20.77
C ILE C 237 -0.48 -31.73 21.49
N GLU C 238 0.39 -30.85 21.03
CA GLU C 238 1.72 -30.72 21.61
C GLU C 238 2.03 -29.26 21.97
N VAL C 239 2.74 -29.08 23.07
CA VAL C 239 3.07 -27.75 23.54
C VAL C 239 4.53 -27.61 23.97
N ARG C 240 5.10 -26.44 23.72
CA ARG C 240 6.47 -26.10 24.10
C ARG C 240 6.47 -24.66 24.59
N ALA C 241 7.35 -24.33 25.52
CA ALA C 241 7.39 -22.97 26.03
C ALA C 241 8.69 -22.61 26.72
N TYR C 242 8.86 -21.32 26.94
CA TYR C 242 10.04 -20.77 27.59
C TYR C 242 9.58 -19.48 28.25
N THR C 243 10.10 -19.18 29.43
CA THR C 243 9.72 -17.95 30.13
C THR C 243 10.91 -17.23 30.74
N TYR C 244 10.90 -15.91 30.65
CA TYR C 244 11.97 -15.14 31.24
C TYR C 244 11.48 -13.88 31.93
N SER C 245 12.05 -13.59 33.09
CA SER C 245 11.70 -12.40 33.84
C SER C 245 12.96 -11.81 34.45
N ASP C 246 13.02 -10.48 34.48
CA ASP C 246 14.17 -9.79 35.04
C ASP C 246 14.31 -10.21 36.51
N PRO C 247 15.43 -10.86 36.87
CA PRO C 247 15.61 -11.28 38.26
C PRO C 247 15.56 -10.15 39.29
N ASN C 248 15.81 -8.93 38.85
CA ASN C 248 15.80 -7.77 39.75
C ASN C 248 14.50 -6.98 39.81
N ASP C 249 13.51 -7.33 39.00
CA ASP C 249 12.24 -6.61 38.99
C ASP C 249 11.27 -7.22 40.01
N GLU C 250 10.99 -6.47 41.06
CA GLU C 250 10.12 -6.93 42.15
C GLU C 250 8.70 -7.34 41.76
N ARG C 251 8.28 -6.97 40.57
CA ARG C 251 6.94 -7.30 40.13
C ARG C 251 6.79 -8.78 39.78
N PHE C 252 7.90 -9.44 39.43
CA PHE C 252 7.86 -10.84 39.03
C PHE C 252 8.60 -11.82 39.94
N VAL C 253 8.48 -11.63 41.25
CA VAL C 253 9.15 -12.51 42.19
C VAL C 253 8.41 -13.83 42.31
N GLU C 254 7.10 -13.80 42.06
CA GLU C 254 6.30 -15.02 42.18
C GLU C 254 5.64 -15.38 40.84
N VAL C 255 5.22 -14.37 40.10
CA VAL C 255 4.59 -14.60 38.81
C VAL C 255 5.62 -14.29 37.72
N GLU C 256 5.28 -14.61 36.47
CA GLU C 256 6.20 -14.39 35.36
C GLU C 256 5.83 -13.20 34.52
N ASP C 257 6.85 -12.52 34.00
CA ASP C 257 6.64 -11.37 33.13
C ASP C 257 6.33 -11.87 31.72
N ARG C 258 7.33 -12.42 31.04
CA ARG C 258 7.13 -12.92 29.69
C ARG C 258 7.27 -14.43 29.52
N ILE C 259 6.39 -14.99 28.69
CA ILE C 259 6.43 -16.41 28.38
C ILE C 259 6.06 -16.59 26.90
N ILE C 260 6.81 -17.46 26.22
CA ILE C 260 6.56 -17.73 24.81
C ILE C 260 6.19 -19.20 24.67
N TRP C 261 5.16 -19.47 23.89
CA TRP C 261 4.74 -20.85 23.73
C TRP C 261 4.46 -21.19 22.28
N GLN C 262 4.85 -22.40 21.89
CA GLN C 262 4.64 -22.88 20.54
C GLN C 262 3.81 -24.16 20.62
N MET C 263 2.89 -24.32 19.68
CA MET C 263 2.02 -25.48 19.69
C MET C 263 1.84 -26.08 18.30
N ARG C 264 1.50 -27.36 18.26
CA ARG C 264 1.24 -28.06 17.00
C ARG C 264 -0.14 -28.67 17.08
N PHE C 265 -0.87 -28.67 15.98
CA PHE C 265 -2.21 -29.21 16.00
C PHE C 265 -2.34 -30.45 15.12
N ARG C 266 -3.44 -31.17 15.29
CA ARG C 266 -3.74 -32.38 14.53
C ARG C 266 -3.60 -32.14 13.03
N SER C 267 -4.24 -31.08 12.56
CA SER C 267 -4.23 -30.71 11.15
C SER C 267 -2.83 -30.44 10.60
N GLY C 268 -1.90 -30.12 11.49
CA GLY C 268 -0.54 -29.84 11.06
C GLY C 268 -0.17 -28.38 11.21
N ALA C 269 -1.14 -27.52 11.53
CA ALA C 269 -0.89 -26.10 11.70
C ALA C 269 -0.05 -25.85 12.95
N LEU C 270 0.74 -24.80 12.92
CA LEU C 270 1.59 -24.47 14.08
C LEU C 270 1.26 -23.06 14.55
N SER C 271 1.74 -22.72 15.75
CA SER C 271 1.49 -21.40 16.29
C SER C 271 2.55 -21.01 17.31
N HIS C 272 2.84 -19.71 17.37
CA HIS C 272 3.78 -19.19 18.36
C HIS C 272 3.19 -17.91 18.90
N GLY C 273 3.14 -17.81 20.22
CA GLY C 273 2.59 -16.63 20.84
C GLY C 273 3.35 -16.30 22.10
N ALA C 274 2.95 -15.20 22.72
CA ALA C 274 3.59 -14.74 23.93
C ALA C 274 2.73 -13.71 24.63
N SER C 275 2.98 -13.55 25.92
CA SER C 275 2.29 -12.56 26.72
C SER C 275 3.41 -11.86 27.49
N SER C 276 3.20 -10.58 27.79
CA SER C 276 4.19 -9.81 28.50
C SER C 276 3.51 -8.90 29.52
N TYR C 277 4.19 -8.70 30.64
CA TYR C 277 3.68 -7.84 31.71
C TYR C 277 4.58 -6.62 31.85
N SER C 278 5.53 -6.44 30.94
CA SER C 278 6.45 -5.31 31.03
C SER C 278 6.58 -4.48 29.74
N THR C 279 5.72 -4.75 28.77
CA THR C 279 5.73 -4.01 27.51
C THR C 279 4.32 -3.45 27.32
N THR C 280 4.20 -2.28 26.70
CA THR C 280 2.87 -1.68 26.55
C THR C 280 1.83 -2.49 25.79
N THR C 281 0.62 -1.99 25.86
CA THR C 281 -0.52 -2.63 25.22
C THR C 281 -0.26 -3.22 23.86
N THR C 282 -0.70 -4.47 23.70
CA THR C 282 -0.55 -5.16 22.44
C THR C 282 -1.60 -6.26 22.40
N SER C 283 -2.29 -6.37 21.28
CA SER C 283 -3.31 -7.38 21.09
C SER C 283 -3.33 -7.65 19.60
N ARG C 284 -2.44 -8.52 19.16
CA ARG C 284 -2.33 -8.84 17.76
C ARG C 284 -2.28 -10.34 17.50
N PHE C 285 -3.20 -10.81 16.67
CA PHE C 285 -3.22 -12.22 16.29
C PHE C 285 -3.01 -12.19 14.79
N SER C 286 -2.52 -13.30 14.26
CA SER C 286 -2.27 -13.44 12.84
C SER C 286 -2.49 -14.90 12.48
N VAL C 287 -3.20 -15.12 11.38
CA VAL C 287 -3.49 -16.46 10.93
C VAL C 287 -3.10 -16.55 9.47
N GLN C 288 -2.10 -17.38 9.20
CA GLN C 288 -1.59 -17.59 7.86
C GLN C 288 -2.09 -18.88 7.21
N GLY C 289 -2.62 -18.73 6.01
CA GLY C 289 -3.09 -19.87 5.24
C GLY C 289 -2.30 -19.89 3.94
N ASP C 290 -2.55 -20.87 3.09
CA ASP C 290 -1.83 -20.94 1.82
C ASP C 290 -2.58 -20.13 0.77
N LYS C 291 -3.74 -19.61 1.14
CA LYS C 291 -4.54 -18.83 0.22
C LYS C 291 -4.48 -17.35 0.58
N ALA C 292 -4.34 -17.07 1.88
CA ALA C 292 -4.27 -15.69 2.35
C ALA C 292 -3.92 -15.61 3.83
N VAL C 293 -3.68 -14.39 4.32
CA VAL C 293 -3.33 -14.17 5.72
C VAL C 293 -4.34 -13.26 6.34
N LEU C 294 -4.73 -13.53 7.59
CA LEU C 294 -5.67 -12.68 8.31
C LEU C 294 -4.89 -11.96 9.40
N LEU C 295 -5.17 -10.66 9.57
CA LEU C 295 -4.52 -9.87 10.60
C LEU C 295 -5.59 -9.26 11.48
N MET C 296 -5.45 -9.47 12.79
CA MET C 296 -6.37 -8.95 13.79
C MET C 296 -5.58 -8.02 14.68
N ASP C 297 -5.89 -6.73 14.62
CA ASP C 297 -5.12 -5.79 15.43
C ASP C 297 -5.78 -4.43 15.54
N PRO C 298 -6.33 -4.09 16.72
CA PRO C 298 -6.38 -4.91 17.94
C PRO C 298 -7.20 -6.20 17.74
N ALA C 299 -6.83 -7.24 18.46
CA ALA C 299 -7.54 -8.50 18.33
C ALA C 299 -8.55 -8.70 19.46
N THR C 300 -8.11 -8.43 20.69
CA THR C 300 -8.96 -8.63 21.84
C THR C 300 -9.05 -7.41 22.77
N GLY C 301 -9.27 -6.24 22.20
CA GLY C 301 -9.40 -5.04 23.02
C GLY C 301 -10.83 -4.87 23.50
N TYR C 302 -11.10 -3.80 24.24
CA TYR C 302 -12.45 -3.57 24.72
C TYR C 302 -13.33 -2.94 23.64
N TYR C 303 -12.70 -2.30 22.67
CA TYR C 303 -13.40 -1.65 21.56
C TYR C 303 -12.42 -1.32 20.43
N GLN C 304 -12.97 -0.91 19.30
CA GLN C 304 -12.17 -0.54 18.14
C GLN C 304 -11.44 -1.72 17.50
N ASN C 305 -11.84 -2.95 17.84
CA ASN C 305 -11.19 -4.12 17.25
C ASN C 305 -11.22 -4.06 15.72
N LEU C 306 -10.08 -4.33 15.10
CA LEU C 306 -9.94 -4.31 13.64
C LEU C 306 -9.35 -5.59 13.05
N ILE C 307 -9.87 -6.03 11.91
CA ILE C 307 -9.35 -7.22 11.25
C ILE C 307 -9.06 -6.89 9.79
N SER C 308 -8.16 -7.66 9.19
CA SER C 308 -7.78 -7.45 7.80
C SER C 308 -7.33 -8.75 7.13
N VAL C 309 -7.77 -8.96 5.90
CA VAL C 309 -7.41 -10.14 5.11
C VAL C 309 -6.61 -9.69 3.90
N GLN C 310 -5.48 -10.33 3.66
CA GLN C 310 -4.64 -9.95 2.54
C GLN C 310 -4.19 -11.18 1.78
N THR C 311 -4.26 -11.12 0.45
CA THR C 311 -3.85 -12.23 -0.39
C THR C 311 -2.56 -11.86 -1.12
N PRO C 312 -1.83 -12.85 -1.65
CA PRO C 312 -0.58 -12.60 -2.37
C PRO C 312 -0.61 -11.34 -3.22
N PRO C 326 -23.62 -4.51 11.96
CA PRO C 326 -23.89 -3.66 13.13
C PRO C 326 -24.57 -4.43 14.25
N ALA C 327 -23.79 -5.12 15.07
CA ALA C 327 -24.33 -5.90 16.18
C ALA C 327 -23.90 -5.26 17.49
N ASN C 328 -24.50 -5.71 18.59
CA ASN C 328 -24.20 -5.16 19.91
C ASN C 328 -22.77 -5.44 20.35
N ASN C 329 -22.24 -4.60 21.24
CA ASN C 329 -20.88 -4.74 21.74
C ASN C 329 -20.69 -6.07 22.48
N GLN C 330 -19.47 -6.59 22.45
CA GLN C 330 -19.15 -7.85 23.10
C GLN C 330 -19.68 -7.88 24.54
N PHE C 331 -19.31 -6.89 25.34
CA PHE C 331 -19.72 -6.80 26.72
C PHE C 331 -21.20 -7.12 26.95
N SER C 332 -22.07 -6.49 26.16
CA SER C 332 -23.49 -6.72 26.28
C SER C 332 -23.89 -8.12 25.79
N ALA C 333 -23.38 -8.52 24.64
CA ALA C 333 -23.72 -9.83 24.09
C ALA C 333 -23.45 -10.92 25.12
N GLN C 334 -22.35 -10.78 25.86
CA GLN C 334 -21.97 -11.77 26.87
C GLN C 334 -23.05 -11.96 27.93
N LEU C 335 -23.26 -10.94 28.75
CA LEU C 335 -24.26 -10.98 29.83
C LEU C 335 -25.61 -11.49 29.34
N ASP C 336 -26.04 -11.01 28.18
CA ASP C 336 -27.31 -11.42 27.60
C ASP C 336 -27.26 -12.75 26.87
N HIS C 337 -26.20 -13.52 27.08
CA HIS C 337 -26.10 -14.81 26.43
C HIS C 337 -26.56 -15.82 27.47
N LEU C 338 -26.06 -15.63 28.69
CA LEU C 338 -26.43 -16.49 29.81
C LEU C 338 -27.95 -16.44 29.95
N ALA C 339 -28.46 -15.21 30.06
CA ALA C 339 -29.89 -14.98 30.20
C ALA C 339 -30.69 -15.70 29.13
N GLU C 340 -30.26 -15.56 27.88
CA GLU C 340 -30.95 -16.20 26.77
C GLU C 340 -30.88 -17.72 26.84
N ALA C 341 -29.68 -18.25 27.09
CA ALA C 341 -29.48 -19.69 27.16
C ALA C 341 -30.45 -20.35 28.13
N VAL C 342 -30.42 -19.89 29.38
CA VAL C 342 -31.28 -20.43 30.43
C VAL C 342 -32.76 -20.35 30.06
N ILE C 343 -33.17 -19.16 29.61
CA ILE C 343 -34.56 -18.91 29.24
C ILE C 343 -35.08 -19.81 28.11
N ASN C 344 -34.29 -19.99 27.06
CA ASN C 344 -34.71 -20.80 25.92
C ASN C 344 -34.25 -22.25 25.97
N ASN C 345 -33.85 -22.73 27.14
CA ASN C 345 -33.38 -24.11 27.29
C ASN C 345 -32.24 -24.43 26.33
N LYS C 346 -31.19 -23.61 26.37
CA LYS C 346 -30.06 -23.84 25.49
C LYS C 346 -28.70 -23.77 26.18
N PRO C 347 -27.70 -24.47 25.63
CA PRO C 347 -26.33 -24.51 26.17
C PRO C 347 -25.61 -23.18 25.97
N VAL C 348 -24.59 -22.94 26.77
CA VAL C 348 -23.84 -21.70 26.67
C VAL C 348 -22.62 -21.87 25.76
N ARG C 349 -22.38 -20.88 24.91
CA ARG C 349 -21.26 -20.91 23.97
C ARG C 349 -19.93 -21.11 24.69
N SER C 350 -19.80 -20.52 25.88
CA SER C 350 -18.58 -20.63 26.66
C SER C 350 -18.78 -21.55 27.87
N PRO C 351 -18.96 -22.86 27.64
CA PRO C 351 -19.18 -23.81 28.72
C PRO C 351 -18.09 -23.80 29.77
N GLY C 352 -18.41 -24.24 30.98
CA GLY C 352 -17.44 -24.27 32.05
C GLY C 352 -16.28 -25.18 31.71
N GLU C 353 -16.54 -26.12 30.79
CA GLU C 353 -15.54 -27.05 30.34
C GLU C 353 -14.52 -26.32 29.48
N GLU C 354 -15.02 -25.59 28.49
CA GLU C 354 -14.18 -24.80 27.60
C GLU C 354 -13.20 -23.97 28.40
N GLY C 355 -13.66 -23.45 29.54
CA GLY C 355 -12.80 -22.64 30.38
C GLY C 355 -11.79 -23.47 31.15
N MET C 356 -12.11 -24.74 31.34
CA MET C 356 -11.24 -25.66 32.07
C MET C 356 -10.13 -26.12 31.14
N GLN C 357 -10.43 -26.18 29.84
CA GLN C 357 -9.44 -26.60 28.84
C GLN C 357 -8.23 -25.66 28.86
N ASP C 358 -8.49 -24.35 28.96
CA ASP C 358 -7.40 -23.38 28.99
C ASP C 358 -6.55 -23.51 30.26
N VAL C 359 -7.20 -23.71 31.40
CA VAL C 359 -6.44 -23.85 32.64
C VAL C 359 -5.54 -25.07 32.54
N ARG C 360 -6.03 -26.11 31.87
CA ARG C 360 -5.24 -27.32 31.73
C ARG C 360 -4.12 -27.13 30.73
N LEU C 361 -4.42 -26.45 29.61
CA LEU C 361 -3.43 -26.19 28.58
C LEU C 361 -2.34 -25.28 29.11
N ILE C 362 -2.72 -24.38 30.01
CA ILE C 362 -1.78 -23.44 30.59
C ILE C 362 -0.85 -24.18 31.54
N GLN C 363 -1.41 -25.01 32.41
CA GLN C 363 -0.57 -25.78 33.33
C GLN C 363 0.46 -26.54 32.51
N ALA C 364 0.03 -27.02 31.35
CA ALA C 364 0.89 -27.77 30.45
C ALA C 364 1.99 -26.88 29.90
N ILE C 365 1.63 -25.65 29.58
CA ILE C 365 2.59 -24.68 29.04
C ILE C 365 3.58 -24.29 30.14
N TYR C 366 3.09 -24.19 31.37
CA TYR C 366 3.95 -23.84 32.50
C TYR C 366 4.88 -25.01 32.79
N GLU C 367 4.39 -26.23 32.54
CA GLU C 367 5.18 -27.43 32.77
C GLU C 367 6.28 -27.45 31.71
N ALA C 368 5.88 -27.20 30.47
CA ALA C 368 6.80 -27.18 29.35
C ALA C 368 7.92 -26.16 29.57
N ALA C 369 7.56 -24.95 29.98
CA ALA C 369 8.59 -23.93 30.21
C ALA C 369 9.41 -24.26 31.45
N ARG C 370 8.87 -25.13 32.31
CA ARG C 370 9.57 -25.52 33.52
C ARG C 370 10.66 -26.56 33.24
N THR C 371 10.35 -27.52 32.36
CA THR C 371 11.29 -28.58 32.04
C THR C 371 12.01 -28.39 30.72
N GLY C 372 11.63 -27.37 29.96
CA GLY C 372 12.27 -27.10 28.69
C GLY C 372 12.06 -28.24 27.71
N ARG C 373 11.14 -29.11 28.06
CA ARG C 373 10.82 -30.26 27.24
C ARG C 373 9.41 -30.08 26.72
N PRO C 374 9.12 -30.64 25.53
CA PRO C 374 7.76 -30.50 24.99
C PRO C 374 6.79 -31.31 25.83
N VAL C 375 5.56 -30.82 25.95
CA VAL C 375 4.55 -31.52 26.73
C VAL C 375 3.41 -31.95 25.84
N ASN C 376 2.91 -33.15 26.08
CA ASN C 376 1.79 -33.69 25.31
C ASN C 376 0.51 -33.12 25.89
N THR C 377 -0.44 -32.80 25.02
CA THR C 377 -1.72 -32.26 25.46
C THR C 377 -2.88 -32.92 24.76
N ASP C 378 -2.58 -33.91 23.91
CA ASP C 378 -3.62 -34.63 23.19
C ASP C 378 -4.42 -35.45 24.22
N TRP C 379 -5.37 -34.80 24.89
CA TRP C 379 -6.18 -35.49 25.90
C TRP C 379 -7.64 -35.65 25.48
N GLY C 380 -7.89 -35.55 24.19
CA GLY C 380 -9.24 -35.72 23.68
C GLY C 380 -10.24 -34.59 23.82
N TYR C 381 -9.96 -33.59 24.65
CA TYR C 381 -10.90 -32.48 24.83
C TYR C 381 -11.71 -32.19 23.57
N VAL C 382 -13.01 -31.97 23.73
CA VAL C 382 -13.88 -31.71 22.59
C VAL C 382 -14.78 -30.49 22.83
N ARG C 383 -14.42 -29.37 22.21
CA ARG C 383 -15.18 -28.12 22.33
C ARG C 383 -16.59 -28.35 21.79
N GLN C 384 -17.51 -28.70 22.68
CA GLN C 384 -18.89 -28.95 22.29
C GLN C 384 -19.60 -27.73 21.72
N GLY C 385 -20.27 -27.94 20.59
CA GLY C 385 -21.02 -26.86 19.95
C GLY C 385 -20.23 -26.06 18.94
N GLY C 386 -18.92 -26.05 19.05
CA GLY C 386 -18.10 -25.30 18.12
C GLY C 386 -17.31 -24.20 18.82
N TYR C 387 -16.26 -23.72 18.16
CA TYR C 387 -15.42 -22.69 18.75
C TYR C 387 -15.99 -21.28 18.63
N ALA D 7 7.31 39.05 -27.76
CA ALA D 7 7.34 37.56 -27.68
C ALA D 7 7.91 36.99 -28.98
N THR D 8 9.22 36.99 -29.09
CA THR D 8 9.91 36.51 -30.29
C THR D 8 10.59 35.16 -30.14
N LEU D 9 10.58 34.37 -31.22
CA LEU D 9 11.22 33.06 -31.27
C LEU D 9 12.71 33.23 -31.05
N PRO D 10 13.33 32.32 -30.27
CA PRO D 10 14.76 32.34 -29.97
C PRO D 10 15.58 32.28 -31.25
N ALA D 11 16.71 32.99 -31.28
CA ALA D 11 17.57 33.00 -32.45
C ALA D 11 17.83 31.59 -33.00
N GLY D 12 18.25 30.67 -32.12
CA GLY D 12 18.51 29.31 -32.56
C GLY D 12 17.42 28.74 -33.43
N ALA D 13 16.19 28.75 -32.92
CA ALA D 13 15.03 28.23 -33.63
C ALA D 13 14.82 28.90 -34.98
N SER D 14 14.81 30.22 -34.98
CA SER D 14 14.59 30.96 -36.21
C SER D 14 15.64 30.66 -37.29
N GLN D 15 16.90 30.51 -36.87
CA GLN D 15 17.96 30.27 -37.82
C GLN D 15 17.98 28.87 -38.42
N VAL D 16 17.23 27.96 -37.84
CA VAL D 16 17.19 26.60 -38.36
C VAL D 16 16.75 26.66 -39.82
N PRO D 17 17.48 26.00 -40.74
CA PRO D 17 17.05 26.07 -42.14
C PRO D 17 15.85 25.15 -42.41
N THR D 18 15.08 25.45 -43.46
CA THR D 18 13.93 24.59 -43.78
C THR D 18 14.27 23.52 -44.81
N THR D 19 15.39 23.70 -45.50
CA THR D 19 15.83 22.71 -46.47
C THR D 19 16.82 21.84 -45.70
N PRO D 20 17.08 20.60 -46.17
CA PRO D 20 18.04 19.73 -45.46
C PRO D 20 19.37 20.42 -45.24
N ALA D 21 19.89 20.32 -44.02
CA ALA D 21 21.16 20.96 -43.65
C ALA D 21 21.89 20.20 -42.55
N GLY D 22 23.21 20.29 -42.54
CA GLY D 22 23.98 19.62 -41.51
C GLY D 22 23.74 20.29 -40.17
N ARG D 23 23.83 19.54 -39.09
CA ARG D 23 23.60 20.10 -37.77
C ARG D 23 24.64 19.58 -36.80
N PRO D 24 24.94 20.34 -35.75
CA PRO D 24 25.94 19.96 -34.75
C PRO D 24 25.80 18.56 -34.18
N MET D 25 26.76 18.17 -33.34
CA MET D 25 26.70 16.90 -32.66
C MET D 25 25.57 17.14 -31.68
N PRO D 26 24.75 16.12 -31.41
CA PRO D 26 23.64 16.31 -30.48
C PRO D 26 24.08 16.18 -29.03
N TYR D 27 23.21 16.62 -28.12
CA TYR D 27 23.46 16.54 -26.70
C TYR D 27 23.43 15.05 -26.36
N ALA D 28 24.39 14.59 -25.56
CA ALA D 28 24.46 13.18 -25.19
C ALA D 28 23.62 12.83 -23.96
N ILE D 29 22.32 12.62 -24.16
CA ILE D 29 21.43 12.29 -23.06
C ILE D 29 21.91 11.01 -22.37
N ARG D 36 28.87 7.29 -13.33
CA ARG D 36 28.90 5.83 -13.30
C ARG D 36 30.36 5.36 -13.34
N ARG D 37 31.13 5.70 -12.31
CA ARG D 37 32.53 5.32 -12.26
C ARG D 37 32.84 4.01 -11.56
N PHE D 38 31.80 3.21 -11.32
CA PHE D 38 31.94 1.90 -10.67
C PHE D 38 31.23 0.82 -11.49
N GLY D 39 31.99 -0.09 -12.09
CA GLY D 39 31.42 -1.15 -12.92
C GLY D 39 31.11 -2.47 -12.24
N TYR D 40 29.93 -3.04 -12.56
CA TYR D 40 29.48 -4.29 -11.98
C TYR D 40 29.37 -5.42 -12.97
N ALA D 41 29.73 -6.62 -12.53
CA ALA D 41 29.61 -7.80 -13.37
C ALA D 41 28.50 -8.59 -12.67
N ILE D 42 27.33 -8.72 -13.28
CA ILE D 42 26.24 -9.45 -12.64
C ILE D 42 26.31 -10.94 -12.89
N VAL D 43 26.28 -11.73 -11.82
CA VAL D 43 26.37 -13.19 -11.95
C VAL D 43 25.07 -13.92 -11.65
N GLY D 44 24.53 -14.59 -12.66
CA GLY D 44 23.28 -15.29 -12.49
C GLY D 44 22.13 -14.43 -12.96
N LEU D 45 21.62 -14.73 -14.14
CA LEU D 45 20.50 -13.95 -14.69
C LEU D 45 19.23 -14.67 -14.35
N GLY D 46 18.88 -14.63 -13.07
CA GLY D 46 17.68 -15.29 -12.61
C GLY D 46 16.59 -14.31 -12.23
N LYS D 47 15.60 -14.83 -11.52
CA LYS D 47 14.45 -14.04 -11.09
C LYS D 47 14.81 -12.75 -10.37
N TYR D 48 15.66 -12.84 -9.35
CA TYR D 48 16.02 -11.66 -8.58
C TYR D 48 16.81 -10.60 -9.37
N ALA D 49 17.83 -11.06 -10.08
CA ALA D 49 18.66 -10.15 -10.87
C ALA D 49 17.85 -9.44 -11.95
N LEU D 50 17.02 -10.19 -12.65
CA LEU D 50 16.20 -9.65 -13.74
C LEU D 50 15.04 -8.74 -13.34
N ASN D 51 14.38 -9.05 -12.23
CA ASN D 51 13.24 -8.25 -11.79
C ASN D 51 13.53 -7.14 -10.80
N GLN D 52 14.51 -7.33 -9.94
CA GLN D 52 14.82 -6.29 -8.97
C GLN D 52 16.13 -5.55 -9.22
N ILE D 53 17.23 -6.29 -9.24
CA ILE D 53 18.55 -5.70 -9.40
C ILE D 53 18.92 -4.96 -10.68
N LEU D 54 18.95 -5.62 -11.81
CA LEU D 54 19.31 -4.92 -13.04
C LEU D 54 18.52 -3.61 -13.16
N PRO D 55 17.18 -3.66 -12.99
CA PRO D 55 16.37 -2.45 -13.09
C PRO D 55 16.75 -1.42 -12.01
N GLY D 56 17.31 -1.91 -10.91
CA GLY D 56 17.70 -1.01 -9.84
C GLY D 56 18.76 -0.02 -10.25
N PHE D 57 19.59 -0.39 -11.22
CA PHE D 57 20.66 0.47 -11.69
C PHE D 57 20.17 1.83 -12.18
N ALA D 58 19.04 1.83 -12.89
CA ALA D 58 18.45 3.06 -13.43
C ALA D 58 18.49 4.24 -12.46
N GLY D 59 18.38 3.97 -11.17
CA GLY D 59 18.38 5.06 -10.21
C GLY D 59 19.70 5.31 -9.51
N CYS D 60 20.74 4.56 -9.88
CA CYS D 60 22.05 4.74 -9.24
C CYS D 60 22.73 6.05 -9.60
N GLN D 61 23.72 6.42 -8.79
CA GLN D 61 24.46 7.65 -8.99
C GLN D 61 25.92 7.35 -9.32
N HIS D 62 26.41 6.18 -8.90
CA HIS D 62 27.80 5.79 -9.13
C HIS D 62 28.03 4.43 -9.78
N SER D 63 27.03 3.56 -9.73
CA SER D 63 27.18 2.23 -10.29
C SER D 63 26.65 2.09 -11.70
N ARG D 64 26.94 0.97 -12.34
CA ARG D 64 26.47 0.70 -13.69
C ARG D 64 26.74 -0.76 -14.07
N ILE D 65 26.01 -1.27 -15.05
CA ILE D 65 26.20 -2.65 -15.48
C ILE D 65 27.31 -2.70 -16.55
N GLU D 66 28.46 -3.28 -16.20
CA GLU D 66 29.59 -3.37 -17.12
C GLU D 66 29.68 -4.68 -17.86
N ALA D 67 29.19 -5.76 -17.25
CA ALA D 67 29.23 -7.08 -17.87
C ALA D 67 28.29 -8.07 -17.19
N LEU D 68 27.91 -9.11 -17.91
CA LEU D 68 27.03 -10.13 -17.37
C LEU D 68 27.77 -11.45 -17.39
N VAL D 69 27.28 -12.40 -16.58
CA VAL D 69 27.84 -13.74 -16.48
C VAL D 69 26.62 -14.63 -16.41
N SER D 70 26.49 -15.57 -17.35
CA SER D 70 25.32 -16.42 -17.35
C SER D 70 25.57 -17.81 -17.89
N GLY D 71 24.80 -18.78 -17.41
CA GLY D 71 24.94 -20.13 -17.90
C GLY D 71 24.03 -20.31 -19.09
N ASN D 72 23.56 -19.18 -19.64
CA ASN D 72 22.65 -19.16 -20.79
C ASN D 72 22.98 -17.98 -21.70
N ALA D 73 23.70 -18.26 -22.79
CA ALA D 73 24.11 -17.22 -23.75
C ALA D 73 22.97 -16.37 -24.29
N GLU D 74 21.96 -17.03 -24.85
CA GLU D 74 20.80 -16.34 -25.38
C GLU D 74 20.30 -15.33 -24.36
N LYS D 75 20.11 -15.81 -23.13
CA LYS D 75 19.65 -14.99 -22.03
C LYS D 75 20.54 -13.73 -21.97
N ALA D 76 21.82 -13.94 -21.78
CA ALA D 76 22.77 -12.85 -21.71
C ALA D 76 22.61 -11.98 -22.93
N LYS D 77 22.51 -12.62 -24.08
CA LYS D 77 22.34 -11.94 -25.34
C LYS D 77 21.26 -10.87 -25.24
N ILE D 78 20.03 -11.33 -24.98
CA ILE D 78 18.89 -10.43 -24.86
C ILE D 78 19.09 -9.36 -23.78
N VAL D 79 19.41 -9.81 -22.57
CA VAL D 79 19.61 -8.92 -21.44
C VAL D 79 20.63 -7.81 -21.70
N ALA D 80 21.79 -8.18 -22.25
CA ALA D 80 22.83 -7.19 -22.54
C ALA D 80 22.26 -6.10 -23.45
N ALA D 81 21.36 -6.52 -24.34
CA ALA D 81 20.73 -5.59 -25.27
C ALA D 81 19.81 -4.65 -24.50
N GLU D 82 18.91 -5.23 -23.70
CA GLU D 82 17.99 -4.42 -22.91
C GLU D 82 18.69 -3.34 -22.13
N TYR D 83 19.78 -3.70 -21.45
CA TYR D 83 20.48 -2.74 -20.62
C TYR D 83 21.67 -2.00 -21.22
N GLY D 84 22.00 -2.32 -22.46
CA GLY D 84 23.12 -1.65 -23.12
C GLY D 84 24.51 -2.05 -22.66
N VAL D 85 24.77 -3.35 -22.58
CA VAL D 85 26.09 -3.84 -22.18
C VAL D 85 26.75 -4.43 -23.40
N ASP D 86 27.99 -4.02 -23.67
CA ASP D 86 28.74 -4.52 -24.81
C ASP D 86 28.66 -6.04 -24.86
N PRO D 87 28.08 -6.59 -25.93
CA PRO D 87 27.91 -8.04 -26.12
C PRO D 87 29.18 -8.89 -26.05
N ARG D 88 30.34 -8.24 -25.98
CA ARG D 88 31.61 -8.97 -25.89
C ARG D 88 31.94 -9.23 -24.43
N LYS D 89 31.16 -8.61 -23.54
CA LYS D 89 31.37 -8.78 -22.10
C LYS D 89 30.31 -9.66 -21.46
N ILE D 90 30.04 -10.78 -22.12
CA ILE D 90 29.07 -11.76 -21.67
C ILE D 90 29.85 -13.04 -21.39
N TYR D 91 30.19 -13.24 -20.13
CA TYR D 91 30.96 -14.41 -19.76
C TYR D 91 30.06 -15.56 -19.35
N ASP D 92 30.68 -16.72 -19.15
CA ASP D 92 29.98 -17.92 -18.71
C ASP D 92 30.64 -18.31 -17.40
N TYR D 93 30.27 -19.47 -16.86
CA TYR D 93 30.87 -19.90 -15.60
C TYR D 93 32.23 -20.56 -15.80
N SER D 94 32.77 -20.47 -17.01
CA SER D 94 34.07 -21.05 -17.31
C SER D 94 35.13 -19.96 -17.45
N ASN D 95 34.92 -19.05 -18.40
CA ASN D 95 35.87 -17.97 -18.63
C ASN D 95 35.63 -16.82 -17.66
N PHE D 96 34.77 -17.08 -16.68
CA PHE D 96 34.43 -16.10 -15.66
C PHE D 96 35.65 -15.33 -15.14
N ASP D 97 36.73 -16.05 -14.89
CA ASP D 97 37.94 -15.42 -14.35
C ASP D 97 38.63 -14.46 -15.31
N LYS D 98 38.33 -14.60 -16.60
CA LYS D 98 38.93 -13.73 -17.61
C LYS D 98 38.59 -12.28 -17.26
N ILE D 99 37.58 -12.09 -16.41
CA ILE D 99 37.17 -10.74 -16.00
C ILE D 99 38.34 -9.96 -15.39
N ALA D 100 39.35 -10.70 -14.95
CA ALA D 100 40.53 -10.08 -14.36
C ALA D 100 41.23 -9.18 -15.38
N LYS D 101 41.06 -9.50 -16.65
CA LYS D 101 41.69 -8.73 -17.72
C LYS D 101 41.00 -7.38 -17.97
N ASP D 102 39.71 -7.29 -17.67
CA ASP D 102 38.95 -6.07 -17.88
C ASP D 102 38.99 -5.16 -16.65
N PRO D 103 39.57 -3.95 -16.80
CA PRO D 103 39.70 -2.98 -15.70
C PRO D 103 38.45 -2.11 -15.49
N LYS D 104 37.48 -2.23 -16.40
CA LYS D 104 36.25 -1.46 -16.29
C LYS D 104 35.35 -2.08 -15.22
N ILE D 105 35.53 -3.39 -15.01
CA ILE D 105 34.77 -4.14 -14.00
C ILE D 105 35.35 -3.89 -12.62
N ASP D 106 34.64 -3.12 -11.80
CA ASP D 106 35.09 -2.79 -10.45
C ASP D 106 34.65 -3.80 -9.39
N ALA D 107 33.49 -4.41 -9.59
CA ALA D 107 32.99 -5.38 -8.63
C ALA D 107 32.18 -6.50 -9.28
N VAL D 108 31.78 -7.47 -8.47
CA VAL D 108 30.99 -8.60 -8.93
C VAL D 108 29.77 -8.74 -8.03
N TYR D 109 28.62 -8.96 -8.63
CA TYR D 109 27.41 -9.13 -7.83
C TYR D 109 26.89 -10.54 -8.03
N ILE D 110 27.28 -11.44 -7.13
CA ILE D 110 26.85 -12.82 -7.21
C ILE D 110 25.42 -13.02 -6.76
N ILE D 111 24.58 -13.44 -7.71
CA ILE D 111 23.17 -13.65 -7.46
C ILE D 111 22.83 -15.07 -7.90
N LEU D 112 23.61 -16.03 -7.40
CA LEU D 112 23.43 -17.44 -7.73
C LEU D 112 22.85 -18.17 -6.56
N PRO D 113 22.43 -19.43 -6.75
CA PRO D 113 21.87 -20.17 -5.63
C PRO D 113 22.92 -20.22 -4.51
N ASN D 114 22.43 -20.23 -3.28
CA ASN D 114 23.27 -20.25 -2.08
C ASN D 114 24.54 -21.09 -2.14
N SER D 115 24.42 -22.36 -2.51
CA SER D 115 25.56 -23.26 -2.58
C SER D 115 26.75 -22.78 -3.41
N LEU D 116 26.51 -21.97 -4.44
CA LEU D 116 27.61 -21.52 -5.28
C LEU D 116 28.19 -20.15 -4.94
N HIS D 117 27.77 -19.59 -3.81
CA HIS D 117 28.23 -18.26 -3.41
C HIS D 117 29.72 -18.13 -3.18
N ALA D 118 30.21 -18.90 -2.21
CA ALA D 118 31.62 -18.87 -1.85
C ALA D 118 32.55 -19.17 -3.02
N GLU D 119 32.25 -20.22 -3.78
CA GLU D 119 33.10 -20.57 -4.92
C GLU D 119 33.31 -19.39 -5.86
N PHE D 120 32.24 -18.67 -6.19
CA PHE D 120 32.37 -17.54 -7.10
C PHE D 120 32.86 -16.23 -6.52
N ALA D 121 32.72 -16.05 -5.20
CA ALA D 121 33.21 -14.83 -4.60
C ALA D 121 34.73 -14.94 -4.56
N ILE D 122 35.21 -16.12 -4.17
CA ILE D 122 36.63 -16.39 -4.07
C ILE D 122 37.33 -16.19 -5.41
N ARG D 123 36.82 -16.85 -6.45
CA ARG D 123 37.41 -16.70 -7.78
C ARG D 123 37.44 -15.22 -8.15
N ALA D 124 36.35 -14.53 -7.84
CA ALA D 124 36.23 -13.11 -8.13
C ALA D 124 37.31 -12.30 -7.44
N PHE D 125 37.60 -12.64 -6.19
CA PHE D 125 38.64 -11.94 -5.43
C PHE D 125 39.99 -12.28 -6.06
N LYS D 126 40.07 -13.48 -6.64
CA LYS D 126 41.30 -13.94 -7.28
C LYS D 126 41.51 -13.14 -8.54
N ALA D 127 40.42 -12.61 -9.09
CA ALA D 127 40.49 -11.79 -10.30
C ALA D 127 40.55 -10.32 -9.92
N GLY D 128 40.95 -10.05 -8.68
CA GLY D 128 41.08 -8.69 -8.19
C GLY D 128 39.85 -7.79 -8.17
N LYS D 129 38.65 -8.37 -8.14
CA LYS D 129 37.42 -7.56 -8.12
C LYS D 129 36.74 -7.57 -6.74
N HIS D 130 36.06 -6.47 -6.40
CA HIS D 130 35.33 -6.40 -5.13
C HIS D 130 34.06 -7.24 -5.29
N VAL D 131 33.56 -7.79 -4.18
CA VAL D 131 32.38 -8.66 -4.25
C VAL D 131 31.12 -8.30 -3.47
N MET D 132 30.00 -8.33 -4.19
CA MET D 132 28.66 -8.10 -3.66
C MET D 132 27.98 -9.46 -3.79
N CYS D 133 27.73 -10.13 -2.67
CA CYS D 133 27.08 -11.43 -2.71
C CYS D 133 25.73 -11.44 -1.98
N GLU D 134 24.73 -12.04 -2.63
CA GLU D 134 23.40 -12.13 -2.06
C GLU D 134 23.40 -12.96 -0.79
N LYS D 135 22.26 -12.93 -0.11
CA LYS D 135 22.06 -13.66 1.13
C LYS D 135 21.21 -14.92 0.89
N PRO D 136 21.40 -15.95 1.71
CA PRO D 136 22.34 -15.99 2.83
C PRO D 136 23.75 -16.01 2.25
N MET D 137 24.70 -15.45 2.98
CA MET D 137 26.08 -15.39 2.53
C MET D 137 26.64 -16.69 1.97
N ALA D 138 26.44 -17.80 2.69
CA ALA D 138 26.95 -19.10 2.25
C ALA D 138 26.15 -20.22 2.90
N THR D 139 26.47 -21.48 2.61
CA THR D 139 25.71 -22.57 3.22
C THR D 139 26.42 -23.18 4.40
N SER D 140 27.61 -22.65 4.71
CA SER D 140 28.37 -23.13 5.86
C SER D 140 29.10 -21.94 6.48
N VAL D 141 29.37 -22.03 7.77
CA VAL D 141 30.09 -20.96 8.44
C VAL D 141 31.50 -20.88 7.87
N ALA D 142 32.08 -22.04 7.61
CA ALA D 142 33.44 -22.14 7.10
C ALA D 142 33.61 -21.51 5.71
N ASP D 143 32.63 -21.70 4.84
CA ASP D 143 32.72 -21.09 3.53
C ASP D 143 32.65 -19.58 3.72
N CYS D 144 31.92 -19.16 4.75
CA CYS D 144 31.81 -17.74 5.05
C CYS D 144 33.20 -17.26 5.39
N GLN D 145 33.88 -18.02 6.25
CA GLN D 145 35.25 -17.68 6.66
C GLN D 145 36.15 -17.59 5.45
N ARG D 146 36.05 -18.60 4.58
CA ARG D 146 36.84 -18.66 3.34
C ARG D 146 36.63 -17.40 2.52
N MET D 147 35.37 -17.00 2.37
CA MET D 147 35.06 -15.81 1.61
C MET D 147 35.71 -14.57 2.23
N ILE D 148 35.63 -14.46 3.55
CA ILE D 148 36.22 -13.32 4.21
C ILE D 148 37.73 -13.28 3.98
N ASP D 149 38.38 -14.42 4.15
CA ASP D 149 39.82 -14.49 3.96
C ASP D 149 40.24 -14.15 2.55
N ALA D 150 39.54 -14.70 1.56
CA ALA D 150 39.91 -14.41 0.17
C ALA D 150 39.86 -12.92 -0.06
N ALA D 151 38.88 -12.27 0.56
CA ALA D 151 38.72 -10.84 0.39
C ALA D 151 39.88 -10.04 0.98
N LYS D 152 40.22 -10.32 2.24
CA LYS D 152 41.30 -9.61 2.91
C LYS D 152 42.65 -9.87 2.24
N ALA D 153 42.84 -11.09 1.76
CA ALA D 153 44.09 -11.44 1.10
C ALA D 153 44.26 -10.59 -0.15
N ALA D 154 43.18 -10.47 -0.92
CA ALA D 154 43.15 -9.69 -2.16
C ALA D 154 42.95 -8.22 -1.89
N ASN D 155 42.80 -7.87 -0.61
CA ASN D 155 42.59 -6.49 -0.20
C ASN D 155 41.44 -5.82 -0.96
N LYS D 156 40.29 -6.48 -1.00
CA LYS D 156 39.10 -5.96 -1.66
C LYS D 156 37.93 -6.03 -0.69
N LYS D 157 36.95 -5.15 -0.89
CA LYS D 157 35.78 -5.09 -0.02
C LYS D 157 34.77 -6.20 -0.34
N LEU D 158 34.17 -6.75 0.72
CA LEU D 158 33.15 -7.80 0.60
C LEU D 158 31.87 -7.28 1.26
N MET D 159 30.77 -7.29 0.51
CA MET D 159 29.48 -6.82 1.02
C MET D 159 28.38 -7.83 0.76
N ILE D 160 27.47 -7.99 1.72
CA ILE D 160 26.37 -8.92 1.54
C ILE D 160 25.13 -8.09 1.21
N GLY D 161 24.28 -8.64 0.36
CA GLY D 161 23.08 -7.94 -0.08
C GLY D 161 21.87 -7.89 0.83
N TYR D 162 21.98 -7.15 1.92
CA TYR D 162 20.87 -6.99 2.83
C TYR D 162 20.21 -5.67 2.44
N ARG D 163 19.35 -5.72 1.44
CA ARG D 163 18.69 -4.51 0.97
C ARG D 163 18.02 -3.74 2.08
N CYS D 164 17.46 -4.45 3.07
CA CYS D 164 16.78 -3.79 4.16
C CYS D 164 17.73 -2.87 4.93
N HIS D 165 19.03 -3.07 4.75
CA HIS D 165 19.99 -2.19 5.42
C HIS D 165 20.03 -0.87 4.67
N TYR D 166 19.43 -0.85 3.49
CA TYR D 166 19.40 0.34 2.66
C TYR D 166 17.97 0.78 2.30
N ASP D 167 16.99 0.29 3.05
CA ASP D 167 15.59 0.66 2.85
C ASP D 167 15.22 1.77 3.83
N PRO D 168 14.89 2.97 3.33
CA PRO D 168 14.52 4.11 4.17
C PRO D 168 13.57 3.76 5.31
N MET D 169 12.49 3.06 4.99
CA MET D 169 11.53 2.64 6.00
C MET D 169 12.18 1.87 7.13
N ASN D 170 12.99 0.85 6.79
CA ASN D 170 13.65 0.08 7.84
C ASN D 170 14.56 0.94 8.67
N ARG D 171 15.26 1.87 8.02
CA ARG D 171 16.18 2.76 8.70
C ARG D 171 15.39 3.74 9.56
N ALA D 172 14.17 4.05 9.13
CA ALA D 172 13.35 4.97 9.90
C ALA D 172 12.89 4.25 11.15
N ALA D 173 12.70 2.93 11.05
CA ALA D 173 12.27 2.10 12.16
C ALA D 173 13.40 2.01 13.18
N VAL D 174 14.61 1.79 12.68
CA VAL D 174 15.75 1.69 13.58
C VAL D 174 15.96 3.01 14.32
N LYS D 175 15.79 4.11 13.60
CA LYS D 175 15.98 5.44 14.14
C LYS D 175 15.05 5.73 15.31
N LEU D 176 13.75 5.62 15.08
CA LEU D 176 12.79 5.86 16.15
C LEU D 176 13.02 4.93 17.34
N ILE D 177 13.57 3.74 17.09
CA ILE D 177 13.84 2.80 18.18
C ILE D 177 15.04 3.29 18.97
N ARG D 178 16.03 3.80 18.25
CA ARG D 178 17.25 4.28 18.89
C ARG D 178 17.07 5.61 19.61
N GLU D 179 15.95 6.29 19.34
CA GLU D 179 15.66 7.55 20.01
C GLU D 179 14.74 7.27 21.18
N ASN D 180 14.65 5.99 21.53
CA ASN D 180 13.84 5.53 22.64
C ASN D 180 12.38 5.89 22.55
N GLN D 181 11.84 5.93 21.34
CA GLN D 181 10.44 6.26 21.19
C GLN D 181 9.57 5.12 21.69
N LEU D 182 10.12 3.91 21.74
CA LEU D 182 9.37 2.75 22.21
C LEU D 182 9.68 2.41 23.65
N GLY D 183 10.78 2.95 24.17
CA GLY D 183 11.18 2.67 25.55
C GLY D 183 12.09 1.45 25.63
N LYS D 184 12.20 0.84 26.81
CA LYS D 184 13.04 -0.34 26.92
C LYS D 184 12.41 -1.44 26.06
N LEU D 185 13.23 -2.18 25.34
CA LEU D 185 12.71 -3.22 24.48
C LEU D 185 12.49 -4.55 25.21
N GLY D 186 11.28 -5.09 25.06
CA GLY D 186 10.99 -6.36 25.73
C GLY D 186 10.59 -7.56 24.88
N MET D 187 9.97 -7.34 23.72
CA MET D 187 9.53 -8.48 22.91
C MET D 187 9.40 -8.16 21.41
N VAL D 188 10.14 -8.90 20.61
CA VAL D 188 10.09 -8.74 19.17
C VAL D 188 9.45 -9.97 18.56
N THR D 189 8.60 -9.76 17.58
CA THR D 189 7.93 -10.85 16.88
C THR D 189 8.10 -10.66 15.37
N THR D 190 8.58 -11.68 14.68
CA THR D 190 8.74 -11.62 13.23
C THR D 190 8.08 -12.83 12.59
N ASP D 191 7.65 -12.67 11.35
CA ASP D 191 7.06 -13.72 10.53
C ASP D 191 7.39 -13.37 9.09
N ASN D 192 7.93 -14.34 8.35
CA ASN D 192 8.28 -14.17 6.95
C ASN D 192 7.95 -15.48 6.25
N SER D 193 7.16 -15.40 5.19
CA SER D 193 6.80 -16.60 4.43
C SER D 193 6.34 -16.37 2.99
N ASP D 194 6.11 -17.47 2.29
CA ASP D 194 5.66 -17.49 0.90
C ASP D 194 5.42 -18.95 0.50
N VAL D 195 4.51 -19.17 -0.43
CA VAL D 195 4.19 -20.51 -0.90
C VAL D 195 5.24 -20.93 -1.92
N MET D 196 5.88 -22.08 -1.68
CA MET D 196 6.94 -22.55 -2.55
C MET D 196 6.55 -23.12 -3.92
N ASP D 197 6.75 -24.43 -4.09
CA ASP D 197 6.48 -25.13 -5.34
C ASP D 197 5.37 -24.59 -6.23
N GLN D 198 5.71 -24.37 -7.49
CA GLN D 198 4.76 -23.89 -8.50
C GLN D 198 4.72 -25.02 -9.53
N ASN D 199 4.53 -26.24 -9.04
CA ASN D 199 4.48 -27.44 -9.87
C ASN D 199 5.87 -27.69 -10.41
N ASP D 200 6.84 -27.97 -9.54
CA ASP D 200 8.22 -28.19 -9.99
C ASP D 200 9.16 -28.86 -9.00
N PRO D 201 8.63 -29.61 -8.03
CA PRO D 201 9.45 -30.29 -7.01
C PRO D 201 10.98 -30.17 -7.05
N ALA D 202 11.65 -31.21 -7.52
CA ALA D 202 13.11 -31.23 -7.56
C ALA D 202 13.79 -30.24 -8.52
N GLN D 203 13.00 -29.40 -9.17
CA GLN D 203 13.57 -28.42 -10.10
C GLN D 203 13.82 -27.07 -9.43
N GLN D 204 13.57 -27.00 -8.13
CA GLN D 204 13.79 -25.76 -7.39
C GLN D 204 15.00 -25.96 -6.48
N TRP D 205 16.08 -25.23 -6.75
CA TRP D 205 17.28 -25.38 -5.92
C TRP D 205 16.95 -25.09 -4.46
N ARG D 206 16.04 -24.14 -4.23
CA ARG D 206 15.64 -23.80 -2.88
C ARG D 206 15.15 -25.00 -2.07
N LEU D 207 14.64 -26.01 -2.77
CA LEU D 207 14.13 -27.21 -2.10
C LEU D 207 15.17 -28.32 -2.11
N ARG D 208 16.38 -27.99 -2.57
CA ARG D 208 17.48 -28.95 -2.61
C ARG D 208 18.52 -28.57 -1.55
N ARG D 209 18.62 -29.41 -0.53
CA ARG D 209 19.55 -29.21 0.58
C ARG D 209 20.95 -28.78 0.14
N GLU D 210 21.50 -29.50 -0.82
CA GLU D 210 22.86 -29.25 -1.33
C GLU D 210 23.03 -27.89 -1.99
N LEU D 211 21.94 -27.32 -2.49
CA LEU D 211 22.00 -26.04 -3.17
C LEU D 211 21.64 -24.85 -2.27
N ALA D 212 20.60 -25.01 -1.45
CA ALA D 212 20.10 -23.97 -0.56
C ALA D 212 20.71 -23.88 0.83
N GLY D 213 21.22 -25.01 1.34
CA GLY D 213 21.82 -25.02 2.66
C GLY D 213 20.78 -25.06 3.77
N GLY D 214 19.53 -24.84 3.39
CA GLY D 214 18.46 -24.85 4.38
C GLY D 214 17.12 -24.58 3.72
N GLY D 215 16.08 -24.48 4.54
CA GLY D 215 14.76 -24.24 4.00
C GLY D 215 14.30 -22.81 4.19
N SER D 216 13.06 -22.63 4.66
CA SER D 216 12.50 -21.29 4.84
C SER D 216 13.36 -20.33 5.65
N LEU D 217 14.02 -20.82 6.70
CA LEU D 217 14.88 -19.96 7.50
C LEU D 217 16.06 -19.39 6.68
N MET D 218 16.72 -20.25 5.90
CA MET D 218 17.85 -19.82 5.07
C MET D 218 17.47 -18.86 3.92
N ASP D 219 16.21 -18.92 3.49
CA ASP D 219 15.73 -18.13 2.36
C ASP D 219 14.96 -16.86 2.69
N ILE D 220 14.05 -16.96 3.65
CA ILE D 220 13.24 -15.80 4.02
C ILE D 220 13.17 -15.64 5.53
N GLY D 221 13.44 -16.73 6.23
CA GLY D 221 13.42 -16.65 7.68
C GLY D 221 14.58 -15.78 8.14
N ILE D 222 15.60 -15.69 7.29
CA ILE D 222 16.77 -14.89 7.61
C ILE D 222 16.42 -13.42 7.77
N TYR D 223 15.37 -12.97 7.09
CA TYR D 223 14.91 -11.59 7.19
C TYR D 223 14.45 -11.27 8.62
N GLY D 224 13.71 -12.21 9.22
CA GLY D 224 13.24 -12.00 10.58
C GLY D 224 14.39 -12.02 11.59
N LEU D 225 15.39 -12.88 11.37
CA LEU D 225 16.55 -12.99 12.27
C LEU D 225 17.42 -11.72 12.21
N ASN D 226 17.75 -11.31 11.00
CA ASN D 226 18.57 -10.13 10.79
C ASN D 226 17.77 -8.90 11.26
N GLY D 227 16.49 -8.86 10.93
CA GLY D 227 15.66 -7.75 11.35
C GLY D 227 15.61 -7.61 12.87
N THR D 228 15.36 -8.73 13.56
CA THR D 228 15.31 -8.70 15.02
C THR D 228 16.62 -8.10 15.55
N ARG D 229 17.73 -8.50 14.93
CA ARG D 229 19.04 -8.01 15.34
C ARG D 229 19.25 -6.52 15.15
N TYR D 230 18.96 -5.97 13.96
CA TYR D 230 19.17 -4.54 13.81
C TYR D 230 18.10 -3.70 14.50
N LEU D 231 16.96 -4.30 14.82
CA LEU D 231 15.91 -3.55 15.52
C LEU D 231 16.30 -3.41 17.00
N LEU D 232 16.70 -4.53 17.61
CA LEU D 232 17.12 -4.51 19.00
C LEU D 232 18.48 -3.85 19.17
N GLY D 233 19.29 -3.89 18.12
CA GLY D 233 20.61 -3.29 18.19
C GLY D 233 21.54 -4.13 19.04
N GLU D 234 21.37 -5.45 18.96
CA GLU D 234 22.17 -6.36 19.75
C GLU D 234 22.04 -7.81 19.27
N GLU D 235 22.97 -8.66 19.70
CA GLU D 235 23.01 -10.06 19.31
C GLU D 235 22.33 -10.97 20.31
N PRO D 236 21.87 -12.14 19.86
CA PRO D 236 21.21 -13.11 20.74
C PRO D 236 22.27 -13.91 21.46
N ILE D 237 22.01 -14.24 22.71
CA ILE D 237 23.00 -15.03 23.45
C ILE D 237 22.51 -16.45 23.69
N GLU D 238 21.23 -16.68 23.42
CA GLU D 238 20.63 -18.00 23.63
C GLU D 238 19.50 -18.24 22.59
N VAL D 239 19.38 -19.48 22.11
CA VAL D 239 18.37 -19.81 21.10
C VAL D 239 17.63 -21.12 21.30
N ARG D 240 16.39 -21.16 20.82
CA ARG D 240 15.53 -22.36 20.88
C ARG D 240 14.72 -22.40 19.58
N ALA D 241 14.48 -23.58 19.05
CA ALA D 241 13.70 -23.68 17.82
C ALA D 241 12.97 -25.00 17.70
N TYR D 242 11.95 -24.98 16.85
CA TYR D 242 11.14 -26.14 16.58
C TYR D 242 10.77 -26.06 15.10
N THR D 243 10.89 -27.19 14.40
CA THR D 243 10.56 -27.21 12.98
C THR D 243 9.65 -28.37 12.69
N TYR D 244 8.78 -28.19 11.69
CA TYR D 244 7.84 -29.23 11.29
C TYR D 244 7.42 -29.04 9.83
N SER D 245 7.29 -30.16 9.13
CA SER D 245 6.87 -30.13 7.74
C SER D 245 5.95 -31.33 7.59
N ASP D 246 4.95 -31.23 6.73
CA ASP D 246 4.05 -32.35 6.48
C ASP D 246 4.89 -33.38 5.75
N PRO D 247 5.06 -34.59 6.33
CA PRO D 247 5.86 -35.66 5.75
C PRO D 247 5.36 -36.19 4.40
N ASN D 248 4.15 -35.82 4.01
CA ASN D 248 3.59 -36.25 2.74
C ASN D 248 3.74 -35.14 1.71
N ASP D 249 4.70 -34.25 1.92
CA ASP D 249 4.91 -33.16 0.98
C ASP D 249 6.27 -33.28 0.34
N GLU D 250 6.26 -33.54 -0.97
CA GLU D 250 7.49 -33.70 -1.73
C GLU D 250 8.41 -32.49 -1.56
N ARG D 251 7.82 -31.30 -1.52
CA ARG D 251 8.57 -30.06 -1.36
C ARG D 251 9.60 -30.07 -0.23
N PHE D 252 9.16 -30.49 0.95
CA PHE D 252 10.00 -30.47 2.13
C PHE D 252 10.79 -31.72 2.52
N VAL D 253 10.83 -32.71 1.63
CA VAL D 253 11.57 -33.93 1.94
C VAL D 253 13.04 -33.66 2.28
N GLU D 254 13.61 -32.60 1.72
CA GLU D 254 15.00 -32.27 1.98
C GLU D 254 15.23 -31.07 2.91
N VAL D 255 14.52 -29.98 2.66
CA VAL D 255 14.66 -28.78 3.50
C VAL D 255 13.36 -28.48 4.26
N GLU D 256 13.45 -27.72 5.35
CA GLU D 256 12.25 -27.43 6.14
C GLU D 256 11.29 -26.42 5.54
N ASP D 257 10.04 -26.55 5.95
CA ASP D 257 8.96 -25.70 5.52
C ASP D 257 8.73 -24.65 6.60
N ARG D 258 8.17 -25.08 7.73
CA ARG D 258 7.92 -24.15 8.83
C ARG D 258 8.84 -24.42 10.00
N ILE D 259 9.46 -23.36 10.49
CA ILE D 259 10.38 -23.44 11.62
C ILE D 259 10.10 -22.23 12.51
N ILE D 260 10.05 -22.48 13.81
CA ILE D 260 9.81 -21.42 14.79
C ILE D 260 11.01 -21.32 15.74
N TRP D 261 11.49 -20.11 15.98
CA TRP D 261 12.63 -19.94 16.86
C TRP D 261 12.43 -18.81 17.87
N GLN D 262 12.88 -19.05 19.10
CA GLN D 262 12.77 -18.10 20.22
C GLN D 262 14.18 -17.71 20.66
N MET D 263 14.42 -16.41 20.83
CA MET D 263 15.74 -15.97 21.26
C MET D 263 15.71 -15.09 22.51
N ARG D 264 16.87 -14.92 23.15
CA ARG D 264 17.00 -14.06 24.32
C ARG D 264 18.23 -13.20 24.08
N PHE D 265 18.21 -11.97 24.56
CA PHE D 265 19.33 -11.07 24.37
C PHE D 265 19.93 -10.66 25.72
N ARG D 266 21.12 -10.10 25.70
CA ARG D 266 21.81 -9.70 26.93
C ARG D 266 21.11 -8.54 27.65
N SER D 267 20.19 -7.86 26.97
CA SER D 267 19.48 -6.76 27.61
C SER D 267 18.23 -7.29 28.30
N GLY D 268 17.91 -8.56 28.05
CA GLY D 268 16.73 -9.15 28.66
C GLY D 268 15.55 -9.26 27.70
N ALA D 269 15.71 -8.67 26.51
CA ALA D 269 14.68 -8.71 25.49
C ALA D 269 14.52 -10.13 24.95
N LEU D 270 13.32 -10.43 24.45
CA LEU D 270 13.06 -11.74 23.90
C LEU D 270 12.40 -11.60 22.53
N SER D 271 12.44 -12.67 21.75
CA SER D 271 11.80 -12.65 20.45
C SER D 271 11.32 -14.02 20.06
N HIS D 272 10.30 -14.04 19.22
CA HIS D 272 9.80 -15.29 18.68
C HIS D 272 9.47 -14.97 17.24
N GLY D 273 9.89 -15.86 16.35
CA GLY D 273 9.64 -15.65 14.93
C GLY D 273 9.54 -16.97 14.19
N ALA D 274 9.12 -16.89 12.93
CA ALA D 274 8.97 -18.07 12.13
C ALA D 274 9.03 -17.72 10.68
N SER D 275 9.36 -18.72 9.89
CA SER D 275 9.36 -18.57 8.45
C SER D 275 8.56 -19.76 7.95
N SER D 276 7.91 -19.61 6.82
CA SER D 276 7.09 -20.68 6.29
C SER D 276 7.22 -20.73 4.79
N TYR D 277 7.17 -21.94 4.24
CA TYR D 277 7.25 -22.16 2.79
C TYR D 277 5.90 -22.67 2.28
N SER D 278 4.92 -22.82 3.17
CA SER D 278 3.61 -23.33 2.75
C SER D 278 2.48 -22.36 3.03
N THR D 279 2.82 -21.11 3.35
CA THR D 279 1.78 -20.12 3.61
C THR D 279 2.01 -18.86 2.82
N THR D 280 0.91 -18.17 2.54
CA THR D 280 0.93 -16.95 1.75
C THR D 280 1.86 -15.84 2.25
N THR D 281 2.19 -14.94 1.32
CA THR D 281 3.06 -13.80 1.56
C THR D 281 2.88 -13.17 2.94
N THR D 282 3.98 -13.07 3.66
CA THR D 282 3.95 -12.48 4.98
C THR D 282 5.33 -11.93 5.33
N SER D 283 5.33 -10.67 5.74
CA SER D 283 6.52 -9.96 6.14
C SER D 283 6.08 -9.00 7.24
N ARG D 284 6.09 -9.49 8.47
CA ARG D 284 5.67 -8.68 9.59
C ARG D 284 6.63 -8.73 10.78
N PHE D 285 7.11 -7.55 11.18
CA PHE D 285 8.00 -7.42 12.34
C PHE D 285 7.16 -6.70 13.40
N SER D 286 7.51 -6.92 14.66
CA SER D 286 6.80 -6.31 15.77
C SER D 286 7.81 -6.11 16.91
N VAL D 287 7.92 -4.87 17.40
CA VAL D 287 8.83 -4.56 18.50
C VAL D 287 8.08 -3.85 19.63
N GLN D 288 8.08 -4.48 20.81
CA GLN D 288 7.40 -3.97 22.00
C GLN D 288 8.36 -3.37 23.03
N GLY D 289 8.04 -2.17 23.50
CA GLY D 289 8.84 -1.52 24.51
C GLY D 289 7.89 -1.15 25.64
N ASP D 290 8.39 -0.50 26.69
CA ASP D 290 7.50 -0.13 27.79
C ASP D 290 6.75 1.18 27.55
N LYS D 291 7.06 1.87 26.47
CA LYS D 291 6.38 3.13 26.15
C LYS D 291 5.41 2.93 24.99
N ALA D 292 5.86 2.23 23.95
CA ALA D 292 5.01 1.99 22.79
C ALA D 292 5.41 0.73 22.04
N VAL D 293 4.63 0.38 21.02
CA VAL D 293 4.88 -0.81 20.21
C VAL D 293 5.03 -0.41 18.75
N LEU D 294 6.05 -0.94 18.09
CA LEU D 294 6.28 -0.64 16.67
C LEU D 294 5.77 -1.79 15.80
N LEU D 295 5.17 -1.47 14.66
CA LEU D 295 4.66 -2.48 13.76
C LEU D 295 5.05 -2.20 12.32
N MET D 296 5.82 -3.10 11.73
CA MET D 296 6.25 -2.97 10.34
C MET D 296 5.55 -4.06 9.54
N ASP D 297 4.73 -3.65 8.57
CA ASP D 297 4.00 -4.58 7.74
C ASP D 297 3.45 -3.86 6.50
N PRO D 298 4.04 -4.10 5.32
CA PRO D 298 5.17 -4.97 4.97
C PRO D 298 6.46 -4.49 5.65
N ALA D 299 7.28 -5.44 6.11
CA ALA D 299 8.54 -5.11 6.77
C ALA D 299 9.73 -5.25 5.83
N THR D 300 9.65 -6.18 4.91
CA THR D 300 10.76 -6.39 3.99
C THR D 300 10.32 -6.62 2.56
N GLY D 301 9.27 -5.92 2.13
CA GLY D 301 8.79 -6.04 0.77
C GLY D 301 9.74 -5.32 -0.18
N TYR D 302 9.49 -5.44 -1.48
CA TYR D 302 10.34 -4.82 -2.49
C TYR D 302 10.03 -3.36 -2.81
N TYR D 303 8.75 -2.99 -2.76
CA TYR D 303 8.35 -1.63 -3.12
C TYR D 303 8.12 -0.69 -1.96
N GLN D 304 6.99 -0.83 -1.29
CA GLN D 304 6.72 0.04 -0.15
C GLN D 304 6.43 -0.61 1.19
N ASN D 305 7.38 -0.42 2.12
CA ASN D 305 7.23 -0.94 3.46
C ASN D 305 6.53 0.10 4.33
N LEU D 306 5.69 -0.37 5.25
CA LEU D 306 4.93 0.56 6.10
C LEU D 306 5.17 0.28 7.58
N ILE D 307 5.42 1.33 8.34
CA ILE D 307 5.64 1.17 9.77
C ILE D 307 4.65 2.02 10.58
N SER D 308 4.19 1.47 11.70
CA SER D 308 3.22 2.11 12.57
C SER D 308 3.61 2.03 14.06
N VAL D 309 3.23 3.05 14.85
CA VAL D 309 3.52 3.10 16.28
C VAL D 309 2.27 3.26 17.13
N GLN D 310 2.14 2.41 18.15
CA GLN D 310 0.99 2.47 19.03
C GLN D 310 1.43 2.69 20.47
N THR D 311 1.05 3.83 21.05
CA THR D 311 1.37 4.11 22.45
C THR D 311 0.01 3.95 23.10
N PRO D 312 -0.04 3.35 24.31
CA PRO D 312 -1.31 3.15 25.02
C PRO D 312 -2.13 4.42 25.21
N GLY D 313 -3.43 4.34 24.89
CA GLY D 313 -4.29 5.50 25.03
C GLY D 313 -4.39 6.36 23.78
N HIS D 314 -3.26 6.64 23.15
CA HIS D 314 -3.24 7.44 21.93
C HIS D 314 -3.72 6.56 20.77
N ALA D 315 -3.89 7.17 19.61
CA ALA D 315 -4.33 6.42 18.44
C ALA D 315 -3.15 5.68 17.81
N ASN D 316 -3.33 5.18 16.59
CA ASN D 316 -2.26 4.46 15.89
C ASN D 316 -1.61 5.35 14.83
N GLN D 317 -0.34 5.69 15.07
CA GLN D 317 0.41 6.55 14.16
C GLN D 317 1.20 5.78 13.09
N SER D 318 1.11 6.25 11.84
CA SER D 318 1.88 5.66 10.75
C SER D 318 3.12 6.53 10.71
N MET D 319 4.24 5.98 10.28
CA MET D 319 5.44 6.81 10.24
C MET D 319 5.73 7.28 8.83
N MET D 320 5.80 8.60 8.68
CA MET D 320 6.08 9.26 7.41
C MET D 320 5.42 8.58 6.21
N PRO D 326 14.38 9.71 -0.12
CA PRO D 326 13.14 9.04 -0.53
C PRO D 326 12.89 7.78 0.31
N ALA D 327 11.69 7.22 0.22
CA ALA D 327 11.35 6.04 1.01
C ALA D 327 11.26 4.70 0.26
N ASN D 328 12.16 4.45 -0.70
CA ASN D 328 12.08 3.20 -1.45
C ASN D 328 13.35 2.66 -2.14
N ASN D 329 14.21 3.57 -2.61
CA ASN D 329 15.45 3.23 -3.32
C ASN D 329 16.40 2.17 -2.74
N GLN D 330 15.88 1.15 -2.05
CA GLN D 330 16.75 0.14 -1.47
C GLN D 330 17.72 -0.55 -2.45
N PHE D 331 17.21 -0.95 -3.61
CA PHE D 331 18.04 -1.62 -4.59
C PHE D 331 19.16 -0.71 -5.04
N SER D 332 18.81 0.53 -5.39
CA SER D 332 19.80 1.51 -5.82
C SER D 332 20.72 1.86 -4.64
N ALA D 333 20.13 2.11 -3.48
CA ALA D 333 20.91 2.46 -2.30
C ALA D 333 21.99 1.42 -2.05
N GLN D 334 21.66 0.16 -2.29
CA GLN D 334 22.59 -0.94 -2.06
C GLN D 334 23.74 -1.00 -3.08
N LEU D 335 23.43 -0.83 -4.36
CA LEU D 335 24.46 -0.86 -5.39
C LEU D 335 25.51 0.20 -5.20
N ASP D 336 25.07 1.44 -4.99
CA ASP D 336 26.01 2.54 -4.81
C ASP D 336 26.80 2.47 -3.51
N HIS D 337 26.20 1.93 -2.45
CA HIS D 337 26.91 1.85 -1.17
C HIS D 337 28.28 1.21 -1.31
N LEU D 338 28.36 0.06 -1.99
CA LEU D 338 29.64 -0.60 -2.21
C LEU D 338 30.50 0.30 -3.08
N ALA D 339 29.90 0.84 -4.14
CA ALA D 339 30.60 1.73 -5.06
C ALA D 339 31.23 2.89 -4.30
N GLU D 340 30.43 3.58 -3.50
CA GLU D 340 30.93 4.72 -2.73
C GLU D 340 32.01 4.26 -1.78
N ALA D 341 31.72 3.21 -1.03
CA ALA D 341 32.66 2.66 -0.06
C ALA D 341 34.04 2.48 -0.65
N VAL D 342 34.10 1.97 -1.88
CA VAL D 342 35.39 1.79 -2.53
C VAL D 342 35.96 3.16 -2.84
N ILE D 343 35.34 3.83 -3.80
CA ILE D 343 35.75 5.16 -4.23
C ILE D 343 36.17 6.10 -3.11
N ASN D 344 35.52 5.99 -1.96
CA ASN D 344 35.84 6.88 -0.84
C ASN D 344 36.62 6.22 0.29
N ASN D 345 37.19 5.05 0.03
CA ASN D 345 37.98 4.33 1.03
C ASN D 345 37.28 4.24 2.39
N LYS D 346 36.05 3.74 2.39
CA LYS D 346 35.30 3.61 3.63
C LYS D 346 34.83 2.17 3.86
N PRO D 347 34.35 1.87 5.08
CA PRO D 347 33.86 0.53 5.43
C PRO D 347 32.43 0.32 4.93
N VAL D 348 32.13 -0.89 4.49
CA VAL D 348 30.80 -1.19 4.01
C VAL D 348 29.88 -1.37 5.22
N ARG D 349 28.58 -1.15 5.05
CA ARG D 349 27.63 -1.27 6.16
C ARG D 349 27.17 -2.72 6.34
N SER D 350 27.43 -3.55 5.34
CA SER D 350 27.05 -4.96 5.41
C SER D 350 28.25 -5.82 5.03
N PRO D 351 29.29 -5.81 5.87
CA PRO D 351 30.51 -6.58 5.64
C PRO D 351 30.29 -8.09 5.66
N GLY D 352 31.32 -8.83 5.23
CA GLY D 352 31.21 -10.28 5.21
C GLY D 352 30.95 -10.84 6.59
N GLU D 353 31.55 -10.20 7.60
CA GLU D 353 31.37 -10.64 8.99
C GLU D 353 29.90 -10.60 9.40
N GLU D 354 29.15 -9.64 8.86
CA GLU D 354 27.74 -9.50 9.18
C GLU D 354 26.98 -10.68 8.60
N GLY D 355 27.36 -11.08 7.39
CA GLY D 355 26.69 -12.21 6.76
C GLY D 355 27.05 -13.49 7.51
N MET D 356 28.31 -13.60 7.92
CA MET D 356 28.75 -14.78 8.64
C MET D 356 27.99 -14.93 9.96
N GLN D 357 27.61 -13.81 10.57
CA GLN D 357 26.86 -13.86 11.84
C GLN D 357 25.48 -14.51 11.65
N ASP D 358 24.74 -14.09 10.63
CA ASP D 358 23.43 -14.65 10.35
C ASP D 358 23.56 -16.15 10.11
N VAL D 359 24.51 -16.53 9.26
CA VAL D 359 24.76 -17.92 8.94
C VAL D 359 25.12 -18.72 10.20
N ARG D 360 25.90 -18.13 11.09
CA ARG D 360 26.29 -18.84 12.30
C ARG D 360 25.12 -19.06 13.24
N LEU D 361 24.22 -18.08 13.30
CA LEU D 361 23.03 -18.17 14.15
C LEU D 361 22.00 -19.15 13.56
N ILE D 362 21.81 -19.07 12.25
CA ILE D 362 20.89 -19.97 11.56
C ILE D 362 21.33 -21.40 11.86
N GLN D 363 22.65 -21.59 11.94
CA GLN D 363 23.24 -22.89 12.26
C GLN D 363 22.85 -23.26 13.69
N ALA D 364 22.96 -22.31 14.59
CA ALA D 364 22.57 -22.59 15.96
C ALA D 364 21.08 -22.92 16.00
N ILE D 365 20.28 -22.21 15.22
CA ILE D 365 18.85 -22.46 15.24
C ILE D 365 18.49 -23.86 14.78
N TYR D 366 19.12 -24.32 13.71
CA TYR D 366 18.87 -25.66 13.22
C TYR D 366 19.27 -26.68 14.26
N GLU D 367 20.38 -26.40 14.94
CA GLU D 367 20.87 -27.29 15.98
C GLU D 367 19.84 -27.37 17.09
N ALA D 368 19.26 -26.21 17.42
CA ALA D 368 18.26 -26.15 18.49
C ALA D 368 17.00 -26.89 18.07
N ALA D 369 16.60 -26.71 16.83
CA ALA D 369 15.41 -27.38 16.33
C ALA D 369 15.66 -28.88 16.22
N ARG D 370 16.90 -29.23 15.94
CA ARG D 370 17.29 -30.62 15.78
C ARG D 370 17.39 -31.36 17.11
N THR D 371 17.85 -30.68 18.15
CA THR D 371 18.01 -31.32 19.45
C THR D 371 16.89 -30.98 20.45
N GLY D 372 16.08 -29.98 20.11
CA GLY D 372 14.98 -29.61 20.98
C GLY D 372 15.42 -29.02 22.30
N ARG D 373 16.62 -28.44 22.34
CA ARG D 373 17.13 -27.83 23.55
C ARG D 373 17.54 -26.40 23.22
N PRO D 374 18.04 -25.65 24.22
CA PRO D 374 18.49 -24.27 24.00
C PRO D 374 19.98 -24.29 23.61
N VAL D 375 20.37 -23.45 22.66
CA VAL D 375 21.76 -23.42 22.24
C VAL D 375 22.39 -22.07 22.57
N ASN D 376 23.50 -22.11 23.31
CA ASN D 376 24.21 -20.89 23.69
C ASN D 376 24.88 -20.32 22.45
N THR D 377 24.71 -19.03 22.20
CA THR D 377 25.29 -18.40 21.02
C THR D 377 26.03 -17.10 21.37
N ASP D 378 26.42 -16.94 22.62
CA ASP D 378 27.11 -15.72 23.02
C ASP D 378 28.62 -15.74 22.73
N TRP D 379 28.97 -15.69 21.45
CA TRP D 379 30.38 -15.71 21.09
C TRP D 379 30.96 -14.33 20.85
N GLY D 380 30.27 -13.30 21.34
CA GLY D 380 30.75 -11.95 21.22
C GLY D 380 30.88 -11.29 19.86
N TYR D 381 30.01 -11.63 18.91
CA TYR D 381 30.10 -10.99 17.60
C TYR D 381 29.98 -9.49 17.83
N VAL D 382 30.75 -8.71 17.08
CA VAL D 382 30.71 -7.26 17.20
C VAL D 382 30.29 -6.63 15.88
N ARG D 383 29.13 -5.99 15.88
CA ARG D 383 28.60 -5.35 14.68
C ARG D 383 29.41 -4.10 14.38
N GLN D 384 30.23 -4.13 13.33
CA GLN D 384 31.06 -3.00 12.96
C GLN D 384 30.26 -1.84 12.41
N GLY D 385 30.45 -0.66 13.01
CA GLY D 385 29.74 0.53 12.55
C GLY D 385 28.32 0.63 13.05
N GLY D 386 27.89 -0.36 13.84
CA GLY D 386 26.53 -0.35 14.37
C GLY D 386 25.53 -0.97 13.42
N TYR D 387 24.34 -1.28 13.93
CA TYR D 387 23.29 -1.89 13.11
C TYR D 387 22.59 -0.89 12.19
PA NDP E . 17.70 16.28 -34.01
O1A NDP E . 18.64 15.66 -32.83
O2A NDP E . 17.54 17.72 -34.69
O5B NDP E . 18.36 15.43 -35.46
C5B NDP E . 17.87 16.10 -36.67
C4B NDP E . 18.70 15.53 -37.74
O4B NDP E . 18.17 15.70 -39.05
C3B NDP E . 19.96 16.35 -37.71
O3B NDP E . 20.97 16.14 -36.79
C2B NDP E . 20.54 16.36 -39.08
O2B NDP E . 21.60 15.45 -39.16
C1B NDP E . 19.17 16.45 -39.69
N9A NDP E . 18.68 17.56 -40.49
C8A NDP E . 18.82 17.74 -41.82
N7A NDP E . 18.31 18.97 -42.12
C5A NDP E . 17.82 19.56 -41.02
C6A NDP E . 17.12 20.69 -40.70
N6A NDP E . 16.77 21.72 -41.50
N1A NDP E . 16.84 20.83 -39.38
C2A NDP E . 17.10 19.94 -38.40
N3A NDP E . 17.78 18.82 -38.73
C4A NDP E . 18.09 18.67 -40.00
O3 NDP E . 16.04 15.63 -34.02
PN NDP E . 15.68 14.34 -33.20
O1N NDP E . 15.05 14.59 -31.87
O2N NDP E . 16.69 13.34 -33.62
O5D NDP E . 14.35 14.12 -34.11
C5D NDP E . 14.42 13.50 -35.37
C4D NDP E . 13.12 12.75 -35.70
O4D NDP E . 13.06 11.66 -34.80
C3D NDP E . 11.79 13.48 -35.52
O3D NDP E . 10.89 13.08 -36.54
C2D NDP E . 11.28 13.13 -34.13
O2D NDP E . 9.90 13.36 -33.80
C1D NDP E . 11.80 11.70 -34.13
N1N NDP E . 12.17 11.25 -32.78
C2N NDP E . 11.46 10.13 -32.47
C3N NDP E . 11.39 9.70 -31.15
C7N NDP E . 10.57 8.44 -31.01
O7N NDP E . 10.77 7.80 -29.77
N7N NDP E . 9.78 7.95 -31.99
C4N NDP E . 12.11 10.47 -30.04
C5N NDP E . 12.91 11.65 -30.50
C6N NDP E . 12.91 11.97 -31.87
P2B NDP E . 22.83 15.93 -39.98
O1X NDP E . 22.39 16.33 -41.36
O2X NDP E . 23.59 14.66 -39.81
O3X NDP E . 23.36 16.96 -39.05
C1 BME F . 6.67 26.97 -17.84
C2 BME F . 5.97 26.27 -16.64
O1 BME F . 7.48 28.05 -17.40
S2 BME F . 4.32 25.66 -17.10
C1 GOL G . 0.05 29.96 -31.29
O1 GOL G . -1.15 30.13 -32.04
C2 GOL G . -0.21 29.20 -29.99
O2 GOL G . -0.63 27.85 -30.26
C3 GOL G . 1.09 29.23 -29.16
O3 GOL G . 1.49 30.57 -28.93
PA NDP H . -25.72 5.82 2.94
O1A NDP H . -25.05 4.46 3.54
O2A NDP H . -26.77 5.60 1.70
O5B NDP H . -26.29 6.96 4.19
C5B NDP H . -27.67 7.35 4.13
C4B NDP H . -27.85 7.83 5.52
O4B NDP H . -28.59 9.05 5.68
C3B NDP H . -28.64 6.69 6.13
O3B NDP H . -28.17 5.38 6.41
C2B NDP H . -29.67 7.38 6.97
O2B NDP H . -29.61 6.94 8.32
C1B NDP H . -29.89 8.63 6.12
N9A NDP H . -31.11 9.14 5.50
C8A NDP H . -31.94 10.10 5.97
N7A NDP H . -32.90 10.18 5.00
C5A NDP H . -32.72 9.34 3.94
C6A NDP H . -33.33 9.02 2.73
N6A NDP H . -34.29 9.67 2.03
N1A NDP H . -32.77 8.10 1.90
C2A NDP H . -31.64 7.46 2.35
N3A NDP H . -30.99 7.75 3.53
C4A NDP H . -31.55 8.69 4.31
O3 NDP H . -24.74 7.32 2.56
PN NDP H . -23.24 7.68 3.04
O1N NDP H . -22.55 6.86 2.00
O2N NDP H . -22.75 7.47 4.46
O5D NDP H . -23.26 9.16 2.44
C5D NDP H . -24.04 10.20 3.00
C4D NDP H . -23.24 11.51 2.94
O4D NDP H . -21.86 11.29 3.24
C3D NDP H . -23.31 12.13 1.56
O3D NDP H . -23.38 13.55 1.56
C2D NDP H . -22.02 11.69 0.89
O2D NDP H . -21.56 12.66 -0.01
C1D NDP H . -21.10 11.65 2.09
N1N NDP H . -19.99 10.78 1.68
C2N NDP H . -18.73 11.28 1.89
C3N NDP H . -17.63 10.43 1.98
C7N NDP H . -16.29 11.04 2.23
O7N NDP H . -15.20 10.15 2.28
N7N NDP H . -16.22 12.38 2.38
C4N NDP H . -17.74 8.93 1.83
C5N NDP H . -19.16 8.50 1.59
C6N NDP H . -20.18 9.43 1.55
P2B NDP H . -30.72 6.19 9.22
O1X NDP H . -31.89 7.15 9.06
O2X NDP H . -29.88 6.16 10.48
O3X NDP H . -30.92 4.83 8.58
C1 GOL I . -14.71 26.86 -27.35
O1 GOL I . -16.02 27.29 -26.99
C2 GOL I . -13.75 28.05 -27.51
O2 GOL I . -13.45 28.66 -26.24
C3 GOL I . -12.48 27.55 -28.20
O3 GOL I . -11.67 28.62 -28.67
PA NDP J . -9.64 -5.71 40.89
O1A NDP J . -9.77 -4.13 40.49
O2A NDP J . -8.89 -5.81 42.35
O5B NDP J . -11.28 -6.47 40.81
C5B NDP J . -11.57 -7.61 41.65
C4B NDP J . -12.67 -7.25 42.62
O4B NDP J . -13.02 -8.36 43.45
C3B NDP J . -12.35 -6.11 43.62
O3B NDP J . -11.74 -4.83 43.48
C2B NDP J . -13.20 -6.52 44.80
O2B NDP J . -14.41 -5.88 45.19
C1B NDP J . -12.81 -7.99 44.82
N9A NDP J . -12.12 -8.81 45.81
C8A NDP J . -12.69 -9.72 46.66
N7A NDP J . -11.66 -10.26 47.35
C5A NDP J . -10.48 -9.75 46.97
C6A NDP J . -9.16 -9.90 47.32
N6A NDP J . -8.85 -10.60 48.42
N1A NDP J . -8.18 -9.17 46.71
C2A NDP J . -8.53 -8.28 45.72
N3A NDP J . -9.85 -8.11 45.34
C4A NDP J . -10.77 -8.83 45.99
O3 NDP J . -9.03 -6.75 39.55
PN NDP J . -9.96 -6.81 38.23
O1N NDP J . -9.05 -6.34 37.12
O2N NDP J . -11.31 -6.18 38.32
O5D NDP J . -10.00 -8.37 37.84
C5D NDP J . -11.22 -9.01 38.09
C4D NDP J . -11.16 -10.39 37.48
O4D NDP J . -11.47 -10.04 36.16
C3D NDP J . -9.85 -11.17 37.41
O3D NDP J . -10.15 -12.54 37.58
C2D NDP J . -9.25 -10.83 36.05
O2D NDP J . -8.34 -11.67 35.33
C1D NDP J . -10.56 -10.66 35.28
N1N NDP J . -10.39 -9.62 34.28
C2N NDP J . -10.99 -9.92 33.09
C3N NDP J . -11.02 -8.96 32.09
C7N NDP J . -11.68 -9.44 30.82
O7N NDP J . -11.70 -8.47 29.79
N7N NDP J . -12.11 -10.69 30.77
C4N NDP J . -10.42 -7.55 32.21
C5N NDP J . -9.81 -7.35 33.57
C6N NDP J . -9.84 -8.38 34.52
P2B NDP J . -14.66 -5.08 46.58
O1X NDP J . -14.82 -6.21 47.56
O2X NDP J . -15.82 -4.24 46.08
O3X NDP J . -13.47 -4.26 47.04
PA NDP K . 16.72 -18.08 -9.45
O1A NDP K . 15.49 -17.28 -10.16
O2A NDP K . 16.57 -19.68 -9.12
O5B NDP K . 18.18 -17.49 -10.27
C5B NDP K . 19.30 -18.31 -9.99
C4B NDP K . 20.28 -18.15 -11.12
O4B NDP K . 21.65 -18.61 -10.95
C3B NDP K . 19.75 -18.70 -12.45
O3B NDP K . 18.79 -18.01 -13.22
C2B NDP K . 20.98 -19.10 -13.20
O2B NDP K . 21.05 -18.09 -14.15
C1B NDP K . 21.86 -19.49 -12.05
N9A NDP K . 22.49 -20.79 -11.80
C8A NDP K . 23.77 -21.25 -11.99
N7A NDP K . 23.69 -22.57 -11.65
C5A NDP K . 22.43 -22.90 -11.23
C6A NDP K . 21.82 -24.05 -10.78
N6A NDP K . 22.54 -25.17 -10.56
N1A NDP K . 20.47 -24.02 -10.49
C2A NDP K . 19.76 -22.86 -10.66
N3A NDP K . 20.33 -21.70 -11.10
C4A NDP K . 21.65 -21.79 -11.37
O3 NDP K . 17.08 -17.60 -7.75
PN NDP K . 16.89 -16.03 -7.48
O1N NDP K . 15.46 -16.02 -7.01
O2N NDP K . 17.30 -15.15 -8.64
O5D NDP K . 17.86 -16.03 -6.17
C5D NDP K . 19.24 -15.74 -6.25
C4D NDP K . 20.01 -15.54 -4.96
O4D NDP K . 19.58 -14.32 -4.41
C3D NDP K . 19.74 -16.57 -3.88
O3D NDP K . 20.93 -16.61 -3.13
C2D NDP K . 18.65 -15.98 -2.99
O2D NDP K . 18.71 -16.61 -1.71
C1D NDP K . 18.93 -14.49 -3.16
N1N NDP K . 17.75 -13.60 -3.23
C2N NDP K . 17.85 -12.46 -2.50
C3N NDP K . 16.74 -11.61 -2.44
C7N NDP K . 16.87 -10.35 -1.63
O7N NDP K . 15.67 -9.67 -1.30
N7N NDP K . 18.06 -9.88 -1.24
C4N NDP K . 15.44 -11.95 -3.16
C5N NDP K . 15.40 -13.21 -3.97
C6N NDP K . 16.59 -13.92 -3.90
P2B NDP K . 21.93 -18.18 -15.49
O1X NDP K . 23.11 -19.08 -15.25
O2X NDP K . 22.39 -16.79 -15.88
O3X NDP K . 20.80 -18.85 -16.24
C1 GOL L . 13.68 -14.57 -1.62
O1 GOL L . 14.62 -15.60 -1.88
C2 GOL L . 14.13 -13.65 -0.47
O2 GOL L . 15.55 -13.50 -0.50
C3 GOL L . 13.45 -12.29 -0.64
O3 GOL L . 12.04 -12.37 -0.71
#